data_2FAH
#
_entry.id   2FAH
#
_cell.length_a   74.595
_cell.length_b   90.852
_cell.length_c   103.339
_cell.angle_alpha   64.23
_cell.angle_beta   73.74
_cell.angle_gamma   71.18
#
_symmetry.space_group_name_H-M   'P 1'
#
loop_
_entity.id
_entity.type
_entity.pdbx_description
1 polymer 'Phosphoenolpyruvate carboxykinase'
2 branched beta-D-fructofuranose-(2-1)-6-O-octanoyl-alpha-D-glucopyranose
3 non-polymer "GUANOSINE-5'-DIPHOSPHATE"
4 non-polymer 'MALONIC ACID'
5 non-polymer 'MANGANESE (II) ION'
6 water water
#
_entity_poly.entity_id   1
_entity_poly.type   'polypeptide(L)'
_entity_poly.pdbx_seq_one_letter_code
;LSTSLSALPAAARDFVEEAVRLCRPREVLLCDGSEEEGKELLRGLQDDGVLHPLPKYDNCWLARTDPRDVARVESKTVLV
TPEQSDAVPPPPPSGGPPQLGNWMSPNAFQAAVQERFPGCMAGRPLYVIPFSMGPPTSPLAKLGVQVTDSPYVVLSMRIM
TRVGPAVLQRLDDDFVRCLHSVGRPLPLTEPLVSSWPCDPSRVLVAHIPSERRIVSFGSGYGGNSLLGKKCFALRIASRM
AQQQGWLAEHMLILGVTSPSGEKRYMAAAFPSACGKTNLAMMTPSLPGWRIHCVGDDIAWMKFDDEGRLRAINPERGFFG
VAPGTSSRTNPNAMATIARNTIFTNVGLRSDGGVYWDGLDEPTEPGVTYTSWLGKPWKHGDPEPCAHPNSRFCAPADQCP
IMDPRWDDPEGVPIDAIIFGGRRPRGVPLVVEAFGWRHGVFMGSAMRSEATAAAEHKGGRLMHDPFAMRPFFGYNAGRYL
EHWLSTGLRSNARLPRLFHVNWFLRDNEGRFVWPGFGHNARVLAWIFGRIQGRDTARPTPIGWVPKEGDLDLGGLPGVDY
SQLFPMEKGFWEEECRQLREYYGENFGADLPRDVMAELEGLEERVRKM
;
_entity_poly.pdbx_strand_id   A,B,C,D
#
loop_
_chem_comp.id
_chem_comp.type
_chem_comp.name
_chem_comp.formula
FRU D-saccharide, beta linking beta-D-fructofuranose 'C6 H12 O6'
GDP RNA linking GUANOSINE-5'-DIPHOSPHATE 'C10 H15 N5 O11 P2'
MLA non-polymer 'MALONIC ACID' 'C3 H4 O4'
MN non-polymer 'MANGANESE (II) ION' 'Mn 2'
TQY D-saccharide, alpha linking 6-O-octanoyl-alpha-D-glucopyranose 'C14 H26 O7'
#
# COMPACT_ATOMS: atom_id res chain seq x y z
N LEU A 1 -0.67 10.63 19.49
CA LEU A 1 -0.16 9.36 20.06
C LEU A 1 0.94 9.64 21.08
N SER A 2 0.87 8.99 22.23
CA SER A 2 1.90 9.17 23.25
C SER A 2 2.07 7.90 24.06
N THR A 3 3.26 7.72 24.64
CA THR A 3 3.52 6.52 25.45
C THR A 3 3.18 6.76 26.92
N SER A 4 2.95 8.02 27.27
CA SER A 4 2.54 8.45 28.60
C SER A 4 1.05 8.26 28.81
N LEU A 5 0.66 7.53 29.86
CA LEU A 5 -0.76 7.39 30.19
C LEU A 5 -1.16 8.30 31.34
N SER A 6 -0.21 9.12 31.77
CA SER A 6 -0.36 9.90 33.01
C SER A 6 -1.50 10.92 32.94
N ALA A 7 -1.98 11.20 31.73
CA ALA A 7 -3.04 12.19 31.56
C ALA A 7 -4.42 11.60 31.84
N LEU A 8 -4.52 10.27 31.77
CA LEU A 8 -5.73 9.56 32.15
C LEU A 8 -5.95 9.68 33.67
N PRO A 9 -7.21 9.91 34.10
CA PRO A 9 -7.55 9.85 35.51
C PRO A 9 -7.55 8.41 36.00
N ALA A 10 -7.66 8.23 37.31
CA ALA A 10 -7.40 6.93 37.94
C ALA A 10 -8.25 5.77 37.39
N ALA A 11 -9.57 5.96 37.36
CA ALA A 11 -10.49 4.90 36.88
C ALA A 11 -10.21 4.44 35.44
N ALA A 12 -9.81 5.38 34.59
CA ALA A 12 -9.51 5.08 33.18
C ALA A 12 -8.18 4.35 33.02
N ARG A 13 -7.17 4.83 33.73
CA ARG A 13 -5.87 4.17 33.86
C ARG A 13 -6.04 2.71 34.35
N ASP A 14 -6.82 2.49 35.40
CA ASP A 14 -7.09 1.14 35.91
C ASP A 14 -7.61 0.18 34.82
N PHE A 15 -8.57 0.66 34.03
CA PHE A 15 -9.20 -0.14 32.96
C PHE A 15 -8.20 -0.48 31.85
N VAL A 16 -7.43 0.51 31.45
CA VAL A 16 -6.40 0.34 30.44
C VAL A 16 -5.39 -0.71 30.91
N GLU A 17 -4.88 -0.55 32.13
CA GLU A 17 -3.93 -1.50 32.67
C GLU A 17 -4.45 -2.95 32.73
N GLU A 18 -5.69 -3.17 33.16
CA GLU A 18 -6.23 -4.55 33.13
C GLU A 18 -6.40 -5.08 31.69
N ALA A 19 -6.81 -4.22 30.75
CA ALA A 19 -6.85 -4.63 29.33
C ALA A 19 -5.44 -4.98 28.81
N VAL A 20 -4.42 -4.25 29.28
CA VAL A 20 -3.05 -4.52 28.87
C VAL A 20 -2.57 -5.87 29.44
N ARG A 21 -2.86 -6.12 30.72
CA ARG A 21 -2.62 -7.43 31.36
C ARG A 21 -3.22 -8.64 30.60
N LEU A 22 -4.46 -8.50 30.13
CA LEU A 22 -5.20 -9.59 29.46
C LEU A 22 -4.66 -9.86 28.06
N CYS A 23 -4.58 -8.79 27.26
CA CYS A 23 -4.39 -8.90 25.82
C CYS A 23 -2.92 -9.02 25.42
N ARG A 24 -2.03 -8.58 26.30
CA ARG A 24 -0.57 -8.59 26.06
C ARG A 24 -0.11 -7.89 24.76
N PRO A 25 -0.45 -6.59 24.59
CA PRO A 25 0.03 -5.85 23.42
C PRO A 25 1.54 -5.60 23.48
N ARG A 26 2.14 -5.35 22.34
CA ARG A 26 3.58 -5.07 22.23
C ARG A 26 3.93 -3.73 22.88
N GLU A 27 2.97 -2.80 22.83
CA GLU A 27 3.13 -1.48 23.44
C GLU A 27 1.79 -0.77 23.56
N VAL A 28 1.75 0.30 24.34
CA VAL A 28 0.52 0.97 24.72
C VAL A 28 0.63 2.44 24.37
N LEU A 29 -0.35 2.94 23.63
CA LEU A 29 -0.33 4.32 23.15
C LEU A 29 -1.61 5.05 23.47
N LEU A 30 -1.48 6.24 24.06
CA LEU A 30 -2.64 7.11 24.29
C LEU A 30 -2.91 8.00 23.08
N CYS A 31 -4.13 7.96 22.55
CA CYS A 31 -4.55 8.81 21.44
C CYS A 31 -4.99 10.19 21.93
N ASP A 32 -4.64 11.22 21.16
CA ASP A 32 -4.97 12.59 21.51
C ASP A 32 -5.90 13.28 20.53
N GLY A 33 -6.22 12.60 19.44
CA GLY A 33 -7.11 13.15 18.42
C GLY A 33 -6.50 14.22 17.52
N SER A 34 -5.18 14.38 17.55
CA SER A 34 -4.49 15.47 16.82
C SER A 34 -4.33 15.16 15.33
N GLU A 35 -4.03 16.21 14.55
CA GLU A 35 -3.75 16.08 13.12
C GLU A 35 -2.51 15.21 12.84
N GLU A 36 -1.46 15.45 13.60
CA GLU A 36 -0.21 14.69 13.50
C GLU A 36 -0.43 13.20 13.82
N GLU A 37 -1.22 12.93 14.85
CA GLU A 37 -1.62 11.55 15.15
C GLU A 37 -2.30 10.93 13.94
N GLY A 38 -3.25 11.63 13.35
CA GLY A 38 -3.97 11.10 12.20
C GLY A 38 -3.01 10.72 11.09
N LYS A 39 -2.08 11.62 10.76
CA LYS A 39 -1.08 11.36 9.72
C LYS A 39 -0.24 10.09 10.03
N GLU A 40 0.28 9.96 11.26
CA GLU A 40 1.06 8.78 11.66
C GLU A 40 0.26 7.48 11.58
N LEU A 41 -1.03 7.55 11.90
CA LEU A 41 -1.91 6.40 11.78
C LEU A 41 -2.12 6.00 10.33
N LEU A 42 -2.42 6.99 9.49
CA LEU A 42 -2.57 6.81 8.04
C LEU A 42 -1.33 6.18 7.40
N ARG A 43 -0.15 6.69 7.74
CA ARG A 43 1.11 6.15 7.19
C ARG A 43 1.30 4.69 7.58
N GLY A 44 1.07 4.38 8.84
CA GLY A 44 1.20 3.01 9.33
C GLY A 44 0.28 2.04 8.60
N LEU A 45 -0.96 2.45 8.40
CA LEU A 45 -1.95 1.64 7.69
C LEU A 45 -1.63 1.43 6.21
N GLN A 46 -1.09 2.45 5.56
CA GLN A 46 -0.64 2.32 4.18
C GLN A 46 0.50 1.26 4.14
N ASP A 47 1.42 1.29 5.12
CA ASP A 47 2.53 0.33 5.22
C ASP A 47 2.02 -1.08 5.29
N ASP A 48 1.03 -1.26 6.16
CA ASP A 48 0.43 -2.58 6.41
CA ASP A 48 0.51 -2.60 6.38
C ASP A 48 -0.33 -3.03 5.18
N GLY A 49 -0.64 -2.10 4.27
CA GLY A 49 -1.40 -2.44 3.08
C GLY A 49 -2.89 -2.48 3.37
N VAL A 50 -3.28 -1.87 4.50
CA VAL A 50 -4.68 -1.81 4.87
C VAL A 50 -5.37 -0.63 4.17
N LEU A 51 -4.68 0.50 4.08
CA LEU A 51 -5.21 1.67 3.38
C LEU A 51 -4.50 1.93 2.06
N HIS A 52 -5.27 2.41 1.08
CA HIS A 52 -4.75 2.81 -0.21
C HIS A 52 -5.16 4.26 -0.41
N PRO A 53 -4.23 5.09 -0.95
CA PRO A 53 -4.54 6.50 -1.13
C PRO A 53 -5.51 6.73 -2.28
N LEU A 54 -6.20 7.86 -2.23
CA LEU A 54 -7.08 8.27 -3.31
C LEU A 54 -6.67 9.67 -3.72
N PRO A 55 -5.60 9.78 -4.55
CA PRO A 55 -5.01 11.08 -4.90
C PRO A 55 -5.93 12.06 -5.64
N LYS A 56 -7.04 11.58 -6.18
CA LYS A 56 -8.00 12.46 -6.86
C LYS A 56 -8.62 13.47 -5.89
N TYR A 57 -8.69 13.09 -4.61
CA TYR A 57 -9.35 13.90 -3.58
C TYR A 57 -8.33 14.42 -2.54
N ASP A 58 -8.85 15.13 -1.54
CA ASP A 58 -8.06 15.75 -0.51
C ASP A 58 -8.07 14.90 0.79
N ASN A 59 -7.00 14.14 0.99
CA ASN A 59 -6.82 13.34 2.20
C ASN A 59 -7.92 12.29 2.38
N CYS A 60 -8.21 11.54 1.32
CA CYS A 60 -9.16 10.43 1.36
C CYS A 60 -8.45 9.11 1.16
N TRP A 61 -8.99 8.06 1.77
CA TRP A 61 -8.32 6.78 1.84
C TRP A 61 -9.32 5.64 1.65
N LEU A 62 -8.81 4.51 1.15
CA LEU A 62 -9.64 3.36 0.88
C LEU A 62 -9.11 2.13 1.62
N ALA A 63 -10.02 1.47 2.34
CA ALA A 63 -9.73 0.18 2.93
C ALA A 63 -10.54 -0.90 2.22
N ARG A 64 -9.96 -2.11 2.14
CA ARG A 64 -10.66 -3.25 1.64
C ARG A 64 -10.60 -4.27 2.71
N THR A 65 -11.71 -4.96 2.95
CA THR A 65 -11.79 -5.92 4.05
C THR A 65 -11.87 -7.36 3.56
N ASP A 66 -11.59 -8.29 4.47
CA ASP A 66 -11.92 -9.70 4.32
C ASP A 66 -13.43 -9.79 3.98
N PRO A 67 -13.80 -10.56 2.94
CA PRO A 67 -15.21 -10.74 2.56
C PRO A 67 -16.12 -11.33 3.66
N ARG A 68 -15.51 -11.95 4.69
CA ARG A 68 -16.25 -12.47 5.85
C ARG A 68 -16.50 -11.39 6.92
N ASP A 69 -15.88 -10.22 6.77
CA ASP A 69 -15.98 -9.15 7.77
C ASP A 69 -16.43 -7.85 7.09
N VAL A 70 -17.68 -7.82 6.65
CA VAL A 70 -18.24 -6.76 5.80
C VAL A 70 -19.51 -6.10 6.35
N ALA A 71 -20.02 -6.63 7.47
CA ALA A 71 -21.28 -6.17 8.08
C ALA A 71 -21.35 -6.57 9.55
N ARG A 72 -22.42 -6.14 10.22
CA ARG A 72 -22.69 -6.58 11.58
C ARG A 72 -23.01 -8.07 11.57
N VAL A 73 -22.75 -8.74 12.68
CA VAL A 73 -23.20 -10.10 12.84
C VAL A 73 -24.14 -10.16 14.05
N GLU A 74 -25.44 -10.16 13.78
CA GLU A 74 -26.47 -10.11 14.84
C GLU A 74 -26.46 -11.39 15.70
N SER A 75 -26.22 -12.54 15.07
CA SER A 75 -26.19 -13.81 15.79
C SER A 75 -24.98 -13.99 16.72
N LYS A 76 -24.00 -13.11 16.61
CA LYS A 76 -22.84 -13.11 17.48
C LYS A 76 -22.80 -11.87 18.36
N THR A 77 -23.91 -11.15 18.41
CA THR A 77 -24.06 -9.99 19.26
C THR A 77 -24.95 -10.40 20.44
N VAL A 78 -24.51 -10.08 21.65
CA VAL A 78 -25.18 -10.58 22.86
C VAL A 78 -25.37 -9.53 23.95
N LEU A 79 -26.39 -9.74 24.77
CA LEU A 79 -26.62 -8.95 25.97
C LEU A 79 -26.32 -9.81 27.19
N VAL A 80 -25.40 -9.34 28.02
CA VAL A 80 -24.96 -10.05 29.21
C VAL A 80 -25.64 -9.47 30.44
N THR A 81 -26.56 -10.23 31.02
CA THR A 81 -27.26 -9.79 32.24
C THR A 81 -27.45 -10.95 33.17
N PRO A 82 -27.44 -10.69 34.49
CA PRO A 82 -27.71 -11.74 35.49
C PRO A 82 -28.98 -12.55 35.20
N GLU A 83 -30.07 -11.86 34.88
CA GLU A 83 -31.37 -12.47 34.56
C GLU A 83 -31.74 -12.33 33.06
N GLN A 84 -32.06 -13.46 32.41
CA GLN A 84 -32.41 -13.46 30.98
C GLN A 84 -33.53 -12.48 30.62
N SER A 85 -34.58 -12.49 31.45
CA SER A 85 -35.77 -11.68 31.29
C SER A 85 -35.52 -10.15 31.29
N ASP A 86 -34.42 -9.71 31.92
CA ASP A 86 -33.94 -8.31 31.84
C ASP A 86 -33.40 -7.94 30.44
N ALA A 87 -32.91 -8.92 29.71
CA ALA A 87 -32.34 -8.73 28.38
C ALA A 87 -33.34 -8.93 27.24
N VAL A 88 -34.18 -9.95 27.38
CA VAL A 88 -35.02 -10.44 26.31
C VAL A 88 -36.36 -10.99 26.84
N PRO A 89 -37.43 -10.95 26.01
CA PRO A 89 -38.68 -11.62 26.38
C PRO A 89 -38.51 -13.14 26.38
N PRO A 90 -39.52 -13.89 26.89
CA PRO A 90 -39.39 -15.34 26.94
C PRO A 90 -38.99 -15.96 25.60
N PRO A 91 -38.07 -16.96 25.63
CA PRO A 91 -37.64 -17.65 24.40
C PRO A 91 -38.84 -18.15 23.61
N PRO A 92 -38.78 -18.05 22.28
CA PRO A 92 -39.96 -18.40 21.49
C PRO A 92 -40.41 -19.86 21.76
N PRO A 93 -41.69 -20.05 22.17
CA PRO A 93 -42.19 -21.37 22.56
C PRO A 93 -42.04 -22.42 21.46
N SER A 94 -42.09 -21.98 20.20
CA SER A 94 -41.95 -22.90 19.09
C SER A 94 -40.49 -23.32 18.85
N GLY A 95 -39.57 -22.74 19.62
CA GLY A 95 -38.19 -23.20 19.67
C GLY A 95 -37.26 -22.53 18.69
N GLY A 96 -37.81 -21.72 17.78
CA GLY A 96 -37.01 -20.97 16.82
C GLY A 96 -36.05 -20.00 17.49
N PRO A 97 -35.11 -19.44 16.72
CA PRO A 97 -34.05 -18.56 17.26
C PRO A 97 -34.67 -17.27 17.79
N PRO A 98 -34.11 -16.73 18.89
CA PRO A 98 -34.63 -15.48 19.44
C PRO A 98 -34.53 -14.35 18.43
N GLN A 99 -35.53 -13.46 18.43
CA GLN A 99 -35.65 -12.43 17.42
C GLN A 99 -35.49 -11.02 17.98
N LEU A 100 -35.25 -10.88 19.28
CA LEU A 100 -35.22 -9.56 19.92
C LEU A 100 -33.96 -9.32 20.77
N GLY A 101 -32.89 -10.03 20.44
CA GLY A 101 -31.64 -9.96 21.20
C GLY A 101 -31.22 -11.34 21.64
N ASN A 102 -29.93 -11.53 21.86
CA ASN A 102 -29.39 -12.81 22.29
C ASN A 102 -28.83 -12.64 23.70
N TRP A 103 -29.47 -13.28 24.67
CA TRP A 103 -28.98 -13.25 26.04
C TRP A 103 -27.80 -14.19 26.21
N MET A 104 -26.83 -13.75 27.00
CA MET A 104 -25.73 -14.60 27.42
C MET A 104 -25.53 -14.38 28.92
N SER A 105 -25.41 -15.46 29.67
CA SER A 105 -25.20 -15.31 31.11
C SER A 105 -23.81 -14.73 31.37
N PRO A 106 -23.65 -14.04 32.52
CA PRO A 106 -22.32 -13.60 32.97
C PRO A 106 -21.26 -14.71 33.00
N ASN A 107 -21.63 -15.89 33.45
CA ASN A 107 -20.71 -17.02 33.47
C ASN A 107 -20.30 -17.52 32.07
N ALA A 108 -21.27 -17.58 31.14
CA ALA A 108 -20.98 -17.91 29.75
C ALA A 108 -20.09 -16.83 29.14
N PHE A 109 -20.37 -15.58 29.50
CA PHE A 109 -19.60 -14.47 28.97
C PHE A 109 -18.15 -14.46 29.42
N GLN A 110 -17.91 -14.55 30.72
CA GLN A 110 -16.55 -14.69 31.27
C GLN A 110 -15.76 -15.83 30.60
N ALA A 111 -16.38 -17.02 30.42
CA ALA A 111 -15.75 -18.16 29.71
C ALA A 111 -15.40 -17.77 28.26
N ALA A 112 -16.35 -17.14 27.56
CA ALA A 112 -16.13 -16.71 26.17
C ALA A 112 -14.93 -15.74 26.08
N VAL A 113 -14.80 -14.86 27.06
CA VAL A 113 -13.71 -13.88 27.07
C VAL A 113 -12.36 -14.57 27.25
N GLN A 114 -12.28 -15.42 28.28
CA GLN A 114 -11.06 -16.18 28.57
C GLN A 114 -10.60 -17.08 27.41
N GLU A 115 -11.51 -17.44 26.48
CA GLU A 115 -11.13 -18.25 25.32
C GLU A 115 -10.62 -17.44 24.12
N ARG A 116 -10.89 -16.14 24.14
CA ARG A 116 -10.57 -15.24 23.02
C ARG A 116 -9.46 -14.22 23.32
N PHE A 117 -9.59 -13.51 24.44
CA PHE A 117 -8.78 -12.34 24.68
C PHE A 117 -7.35 -12.56 25.20
N PRO A 118 -7.10 -13.59 26.05
CA PRO A 118 -5.72 -13.76 26.53
C PRO A 118 -4.66 -13.79 25.41
N GLY A 119 -3.71 -12.85 25.49
CA GLY A 119 -2.66 -12.65 24.47
C GLY A 119 -3.09 -12.27 23.05
N CYS A 120 -4.34 -11.81 22.89
CA CYS A 120 -4.88 -11.57 21.53
C CYS A 120 -4.24 -10.40 20.79
N MET A 121 -3.56 -9.52 21.53
CA MET A 121 -2.90 -8.35 20.93
C MET A 121 -1.39 -8.54 20.80
N ALA A 122 -0.90 -9.75 21.00
CA ALA A 122 0.53 -10.02 20.86
C ALA A 122 1.07 -9.43 19.55
N GLY A 123 2.18 -8.70 19.65
CA GLY A 123 2.83 -8.08 18.51
C GLY A 123 2.15 -6.84 17.98
N ARG A 124 1.05 -6.42 18.60
CA ARG A 124 0.30 -5.23 18.17
C ARG A 124 0.29 -4.13 19.25
N PRO A 125 0.22 -2.85 18.85
CA PRO A 125 -0.01 -1.82 19.87
C PRO A 125 -1.45 -1.87 20.37
N LEU A 126 -1.65 -1.53 21.65
CA LEU A 126 -2.98 -1.24 22.16
C LEU A 126 -3.12 0.27 22.19
N TYR A 127 -4.15 0.78 21.50
CA TYR A 127 -4.45 2.20 21.46
C TYR A 127 -5.55 2.53 22.44
N VAL A 128 -5.34 3.60 23.18
CA VAL A 128 -6.30 4.08 24.18
C VAL A 128 -7.02 5.30 23.62
N ILE A 129 -8.33 5.18 23.46
CA ILE A 129 -9.16 6.24 22.87
C ILE A 129 -10.15 6.83 23.90
N PRO A 130 -9.79 7.94 24.54
CA PRO A 130 -10.77 8.61 25.36
C PRO A 130 -11.72 9.35 24.40
N PHE A 131 -13.03 9.16 24.58
CA PHE A 131 -13.97 9.77 23.65
C PHE A 131 -15.23 10.28 24.35
N SER A 132 -15.89 11.20 23.67
CA SER A 132 -17.13 11.76 24.18
C SER A 132 -18.26 11.64 23.15
N MET A 133 -19.43 11.29 23.66
CA MET A 133 -20.66 11.26 22.88
C MET A 133 -21.49 12.48 23.22
N GLY A 134 -21.69 13.34 22.22
CA GLY A 134 -22.18 14.71 22.45
C GLY A 134 -21.01 15.63 22.79
N PRO A 135 -21.23 16.97 22.72
CA PRO A 135 -20.12 17.87 23.09
C PRO A 135 -19.66 17.65 24.54
N PRO A 136 -18.34 17.62 24.79
CA PRO A 136 -17.82 17.34 26.14
C PRO A 136 -17.47 18.53 27.05
N THR A 137 -18.17 19.68 27.00
CA THR A 137 -19.61 19.80 26.78
C THR A 137 -20.12 19.80 28.23
N SER A 138 -21.35 19.39 28.49
CA SER A 138 -22.53 19.69 27.71
C SER A 138 -23.52 20.10 28.80
N PRO A 139 -24.03 19.13 29.59
CA PRO A 139 -24.22 17.69 29.29
C PRO A 139 -25.58 17.58 28.55
N LEU A 140 -26.22 16.40 28.45
CA LEU A 140 -25.78 15.15 29.02
C LEU A 140 -24.98 14.38 27.98
N ALA A 141 -23.73 14.82 27.82
CA ALA A 141 -22.74 14.11 27.05
C ALA A 141 -22.30 12.93 27.88
N LYS A 142 -21.97 11.82 27.22
CA LYS A 142 -21.49 10.64 27.92
C LYS A 142 -20.12 10.27 27.39
N LEU A 143 -19.20 10.01 28.30
CA LEU A 143 -17.82 9.74 27.95
C LEU A 143 -17.50 8.26 28.00
N GLY A 144 -16.46 7.88 27.27
CA GLY A 144 -15.99 6.49 27.23
C GLY A 144 -14.50 6.38 27.01
N VAL A 145 -13.98 5.17 27.22
CA VAL A 145 -12.61 4.86 26.85
C VAL A 145 -12.67 3.59 26.02
N GLN A 146 -12.22 3.67 24.77
CA GLN A 146 -12.10 2.47 23.96
C GLN A 146 -10.64 2.09 23.80
N VAL A 147 -10.33 0.84 24.12
CA VAL A 147 -9.04 0.28 23.78
C VAL A 147 -9.23 -0.60 22.55
N THR A 148 -8.25 -0.57 21.65
CA THR A 148 -8.30 -1.35 20.43
C THR A 148 -6.89 -1.64 19.92
N ASP A 149 -6.75 -2.71 19.13
CA ASP A 149 -5.49 -3.01 18.45
C ASP A 149 -5.50 -2.63 16.97
N SER A 150 -6.52 -1.87 16.56
CA SER A 150 -6.72 -1.51 15.17
C SER A 150 -6.61 0.00 14.93
N PRO A 151 -5.55 0.43 14.20
CA PRO A 151 -5.45 1.85 13.79
C PRO A 151 -6.65 2.32 12.96
N TYR A 152 -7.24 1.42 12.16
CA TYR A 152 -8.41 1.73 11.35
C TYR A 152 -9.57 2.16 12.24
N VAL A 153 -9.76 1.44 13.34
CA VAL A 153 -10.76 1.75 14.34
C VAL A 153 -10.46 3.09 15.06
N VAL A 154 -9.18 3.31 15.38
CA VAL A 154 -8.79 4.60 15.97
C VAL A 154 -9.17 5.77 15.05
N LEU A 155 -8.79 5.67 13.78
CA LEU A 155 -9.08 6.72 12.81
C LEU A 155 -10.59 6.97 12.62
N SER A 156 -11.35 5.88 12.57
CA SER A 156 -12.80 5.95 12.43
C SER A 156 -13.48 6.52 13.69
N MET A 157 -12.97 6.17 14.86
CA MET A 157 -13.50 6.70 16.11
C MET A 157 -13.22 8.22 16.21
N ARG A 158 -12.09 8.65 15.68
CA ARG A 158 -11.73 10.05 15.69
C ARG A 158 -12.72 10.88 14.85
N ILE A 159 -13.20 10.31 13.76
CA ILE A 159 -14.18 10.93 12.88
C ILE A 159 -15.60 10.93 13.49
N MET A 160 -15.97 9.81 14.11
CA MET A 160 -17.34 9.51 14.53
C MET A 160 -17.67 9.97 15.97
N THR A 161 -16.65 10.30 16.74
CA THR A 161 -16.80 10.75 18.14
C THR A 161 -15.85 11.94 18.40
N ARG A 162 -15.96 12.60 19.54
CA ARG A 162 -14.95 13.59 19.95
C ARG A 162 -13.80 12.87 20.63
N VAL A 163 -12.58 13.06 20.10
CA VAL A 163 -11.34 12.54 20.69
C VAL A 163 -10.34 13.70 20.69
N GLY A 164 -9.65 14.01 21.80
CA GLY A 164 -9.72 13.35 23.11
C GLY A 164 -9.13 14.23 24.24
N PRO A 165 -8.73 15.50 23.96
CA PRO A 165 -8.12 16.36 25.00
C PRO A 165 -9.13 17.12 25.89
N ALA A 166 -10.12 17.75 25.26
CA ALA A 166 -11.29 18.28 25.96
C ALA A 166 -12.09 17.13 26.59
N VAL A 167 -11.81 15.91 26.12
CA VAL A 167 -12.43 14.70 26.66
C VAL A 167 -11.65 14.27 27.91
N LEU A 168 -10.32 14.31 27.82
CA LEU A 168 -9.44 13.96 28.95
C LEU A 168 -9.67 14.84 30.16
N GLN A 169 -9.94 16.12 29.92
CA GLN A 169 -10.15 17.09 30.97
C GLN A 169 -11.45 16.88 31.74
N ARG A 170 -12.42 16.23 31.10
CA ARG A 170 -13.72 16.00 31.74
C ARG A 170 -13.86 14.58 32.30
N LEU A 171 -12.99 13.66 31.88
CA LEU A 171 -13.12 12.24 32.19
C LEU A 171 -12.89 11.90 33.68
N ASP A 172 -13.80 11.10 34.24
CA ASP A 172 -13.76 10.76 35.67
C ASP A 172 -14.11 9.27 35.85
N ASP A 173 -14.61 8.88 37.03
CA ASP A 173 -15.13 7.52 37.29
C ASP A 173 -16.27 7.13 36.34
N ASP A 174 -16.97 8.15 35.83
CA ASP A 174 -18.22 7.98 35.10
C ASP A 174 -17.99 7.81 33.61
N PHE A 175 -17.82 6.57 33.15
CA PHE A 175 -17.54 6.32 31.73
C PHE A 175 -17.75 4.86 31.30
N VAL A 176 -18.05 4.66 30.01
N VAL A 176 -18.01 4.65 30.01
CA VAL A 176 -18.12 3.32 29.42
CA VAL A 176 -18.17 3.30 29.47
C VAL A 176 -16.76 2.74 29.15
C VAL A 176 -16.83 2.70 29.07
N ARG A 177 -16.58 1.49 29.59
CA ARG A 177 -15.37 0.73 29.31
C ARG A 177 -15.60 -0.07 28.02
N CYS A 178 -14.85 0.28 26.97
CA CYS A 178 -14.99 -0.38 25.68
C CYS A 178 -13.73 -1.13 25.31
N LEU A 179 -13.83 -2.46 25.25
CA LEU A 179 -12.69 -3.30 24.92
C LEU A 179 -12.89 -3.91 23.53
N HIS A 180 -11.94 -3.65 22.64
CA HIS A 180 -11.97 -4.21 21.28
C HIS A 180 -10.64 -4.86 20.87
N SER A 181 -10.74 -6.00 20.19
CA SER A 181 -9.62 -6.58 19.47
C SER A 181 -10.06 -7.24 18.18
N VAL A 182 -9.26 -7.09 17.14
CA VAL A 182 -9.53 -7.76 15.85
C VAL A 182 -9.31 -9.29 15.99
N GLY A 183 -8.65 -9.68 17.07
CA GLY A 183 -8.46 -11.09 17.43
C GLY A 183 -7.46 -11.88 16.57
N ARG A 184 -6.42 -11.21 16.09
CA ARG A 184 -5.38 -11.89 15.32
C ARG A 184 -3.98 -11.59 15.86
N PRO A 185 -3.60 -12.22 16.99
CA PRO A 185 -2.27 -12.00 17.55
C PRO A 185 -1.18 -12.39 16.57
N LEU A 186 -0.05 -11.69 16.63
CA LEU A 186 1.10 -11.95 15.76
C LEU A 186 2.09 -12.85 16.51
N PRO A 187 2.81 -13.76 15.81
CA PRO A 187 2.81 -14.02 14.36
C PRO A 187 1.55 -14.75 13.88
N LEU A 188 1.15 -14.44 12.65
CA LEU A 188 0.04 -15.16 12.04
C LEU A 188 0.41 -16.61 11.74
N THR A 189 -0.57 -17.49 11.89
CA THR A 189 -0.44 -18.88 11.47
C THR A 189 -1.10 -19.11 10.12
N GLU A 190 -2.09 -18.28 9.78
CA GLU A 190 -2.67 -18.29 8.44
C GLU A 190 -2.75 -16.88 7.86
N PRO A 191 -2.63 -16.74 6.53
CA PRO A 191 -2.55 -15.42 5.90
C PRO A 191 -3.86 -14.63 6.03
N LEU A 192 -3.76 -13.31 5.92
CA LEU A 192 -4.93 -12.45 5.88
C LEU A 192 -5.47 -12.37 4.47
N VAL A 193 -6.74 -12.02 4.35
CA VAL A 193 -7.30 -11.59 3.07
C VAL A 193 -7.32 -10.05 3.06
N SER A 194 -6.80 -9.44 1.99
CA SER A 194 -6.76 -7.97 1.85
C SER A 194 -6.11 -7.25 3.05
N SER A 195 -5.11 -7.91 3.64
CA SER A 195 -4.37 -7.37 4.80
C SER A 195 -5.29 -7.00 5.97
N TRP A 196 -6.45 -7.63 6.02
CA TRP A 196 -7.49 -7.26 6.95
C TRP A 196 -7.59 -8.28 8.09
N PRO A 197 -7.13 -7.88 9.29
CA PRO A 197 -7.16 -8.77 10.44
C PRO A 197 -8.57 -8.91 10.98
N CYS A 198 -8.98 -10.16 11.19
CA CYS A 198 -10.30 -10.49 11.71
C CYS A 198 -10.33 -11.97 12.04
N ASP A 199 -11.24 -12.38 12.93
CA ASP A 199 -11.41 -13.79 13.28
C ASP A 199 -12.90 -14.14 13.22
N PRO A 200 -13.44 -14.32 11.99
CA PRO A 200 -14.88 -14.44 11.76
C PRO A 200 -15.59 -15.49 12.61
N SER A 201 -15.05 -16.69 12.70
CA SER A 201 -15.72 -17.75 13.43
C SER A 201 -15.77 -17.49 14.95
N ARG A 202 -14.96 -16.53 15.43
CA ARG A 202 -14.83 -16.27 16.86
CA ARG A 202 -14.85 -16.27 16.87
C ARG A 202 -15.42 -14.92 17.29
N VAL A 203 -16.12 -14.26 16.38
CA VAL A 203 -16.68 -12.93 16.60
C VAL A 203 -17.64 -12.90 17.79
N LEU A 204 -17.51 -11.89 18.63
CA LEU A 204 -18.41 -11.71 19.75
C LEU A 204 -18.50 -10.23 20.10
N VAL A 205 -19.71 -9.67 20.02
CA VAL A 205 -19.95 -8.27 20.36
C VAL A 205 -20.88 -8.28 21.58
N ALA A 206 -20.31 -8.08 22.76
CA ALA A 206 -21.02 -8.28 24.02
C ALA A 206 -21.27 -6.98 24.76
N HIS A 207 -22.42 -6.89 25.42
CA HIS A 207 -22.83 -5.70 26.13
C HIS A 207 -23.18 -6.04 27.57
N ILE A 208 -22.51 -5.37 28.50
CA ILE A 208 -22.68 -5.66 29.93
C ILE A 208 -23.09 -4.37 30.66
N PRO A 209 -24.40 -4.03 30.60
CA PRO A 209 -24.95 -2.76 31.09
C PRO A 209 -24.64 -2.49 32.55
N SER A 210 -24.73 -3.52 33.40
CA SER A 210 -24.48 -3.37 34.82
C SER A 210 -23.00 -3.09 35.16
N GLU A 211 -22.10 -3.36 34.22
CA GLU A 211 -20.69 -3.07 34.39
C GLU A 211 -20.25 -1.84 33.60
N ARG A 212 -21.23 -1.18 32.95
CA ARG A 212 -20.98 -0.13 31.91
C ARG A 212 -19.87 -0.52 30.93
N ARG A 213 -20.00 -1.70 30.35
CA ARG A 213 -18.94 -2.33 29.59
C ARG A 213 -19.42 -2.91 28.27
N ILE A 214 -18.56 -2.76 27.26
CA ILE A 214 -18.71 -3.40 25.98
C ILE A 214 -17.40 -4.14 25.67
N VAL A 215 -17.52 -5.33 25.12
CA VAL A 215 -16.39 -6.17 24.81
C VAL A 215 -16.62 -6.73 23.41
N SER A 216 -15.73 -6.39 22.46
CA SER A 216 -15.93 -6.77 21.05
C SER A 216 -14.69 -7.46 20.49
N PHE A 217 -14.89 -8.63 19.88
CA PHE A 217 -13.75 -9.45 19.45
C PHE A 217 -13.94 -9.94 18.03
N GLY A 218 -12.88 -9.87 17.22
CA GLY A 218 -12.82 -10.61 15.98
C GLY A 218 -13.22 -9.88 14.72
N SER A 219 -13.75 -8.66 14.86
CA SER A 219 -14.21 -7.89 13.71
C SER A 219 -13.65 -6.48 13.73
N GLY A 220 -13.29 -5.99 12.56
CA GLY A 220 -12.86 -4.62 12.43
C GLY A 220 -13.95 -3.77 11.80
N TYR A 221 -15.07 -4.38 11.42
CA TYR A 221 -16.09 -3.65 10.66
CA TYR A 221 -16.07 -3.63 10.67
C TYR A 221 -16.90 -2.71 11.56
N GLY A 222 -17.10 -1.49 11.07
CA GLY A 222 -17.83 -0.42 11.76
C GLY A 222 -18.80 -0.69 12.89
N GLY A 223 -19.93 -1.30 12.57
CA GLY A 223 -20.95 -1.62 13.60
C GLY A 223 -20.50 -2.54 14.71
N ASN A 224 -19.51 -3.38 14.42
CA ASN A 224 -18.92 -4.27 15.41
C ASN A 224 -17.77 -3.66 16.20
N SER A 225 -17.11 -2.66 15.62
CA SER A 225 -15.82 -2.15 16.12
C SER A 225 -15.84 -0.71 16.66
N LEU A 226 -16.72 0.14 16.11
CA LEU A 226 -16.89 1.51 16.61
C LEU A 226 -17.82 1.44 17.81
N LEU A 227 -17.24 1.27 19.00
CA LEU A 227 -18.02 0.86 20.15
C LEU A 227 -18.90 1.95 20.76
N GLY A 228 -18.54 3.21 20.53
CA GLY A 228 -19.39 4.34 20.94
C GLY A 228 -20.73 4.36 20.21
N LYS A 229 -20.78 3.72 19.04
CA LYS A 229 -21.89 3.92 18.10
C LYS A 229 -23.09 3.04 18.47
N LYS A 230 -23.23 1.87 17.84
CA LYS A 230 -24.35 0.98 18.14
C LYS A 230 -24.27 0.40 19.53
N CYS A 231 -23.07 -0.05 19.88
CA CYS A 231 -22.85 -0.74 21.17
C CYS A 231 -23.17 0.18 22.35
N PHE A 232 -22.53 1.34 22.40
CA PHE A 232 -22.78 2.29 23.49
C PHE A 232 -24.03 3.14 23.29
N ALA A 233 -24.09 3.87 22.18
CA ALA A 233 -25.11 4.93 22.02
C ALA A 233 -26.52 4.38 21.80
N LEU A 234 -26.64 3.10 21.46
CA LEU A 234 -27.95 2.43 21.37
C LEU A 234 -28.19 1.36 22.41
N ARG A 235 -27.36 0.32 22.42
CA ARG A 235 -27.60 -0.81 23.30
C ARG A 235 -27.43 -0.47 24.79
N ILE A 236 -26.28 0.06 25.16
CA ILE A 236 -26.01 0.39 26.57
C ILE A 236 -26.93 1.54 26.96
N ALA A 237 -26.96 2.57 26.11
CA ALA A 237 -27.74 3.80 26.36
C ALA A 237 -29.24 3.57 26.47
N SER A 238 -29.80 2.67 25.65
CA SER A 238 -31.26 2.43 25.73
C SER A 238 -31.65 1.87 27.10
N ARG A 239 -30.78 1.03 27.66
CA ARG A 239 -30.97 0.52 29.01
C ARG A 239 -30.85 1.64 30.08
N MET A 240 -29.87 2.53 29.93
CA MET A 240 -29.71 3.72 30.80
C MET A 240 -30.92 4.64 30.70
N ALA A 241 -31.33 4.92 29.46
CA ALA A 241 -32.48 5.77 29.16
C ALA A 241 -33.77 5.31 29.85
N GLN A 242 -34.01 4.01 29.80
CA GLN A 242 -35.21 3.43 30.39
C GLN A 242 -35.26 3.60 31.90
N GLN A 243 -34.11 3.52 32.56
CA GLN A 243 -34.08 3.67 34.00
C GLN A 243 -33.98 5.14 34.43
N GLN A 244 -33.58 6.01 33.51
CA GLN A 244 -33.37 7.43 33.86
C GLN A 244 -34.38 8.43 33.26
N GLY A 245 -35.34 7.93 32.49
CA GLY A 245 -36.43 8.76 31.99
C GLY A 245 -36.12 9.46 30.67
N TRP A 246 -35.29 8.85 29.83
CA TRP A 246 -35.07 9.39 28.50
C TRP A 246 -35.13 8.28 27.43
N LEU A 247 -34.71 8.60 26.20
CA LEU A 247 -34.78 7.68 25.08
C LEU A 247 -33.48 7.68 24.25
N ALA A 248 -33.01 6.49 23.90
CA ALA A 248 -31.86 6.33 23.00
C ALA A 248 -32.32 5.50 21.80
N GLU A 249 -32.33 6.13 20.62
CA GLU A 249 -33.08 5.60 19.49
C GLU A 249 -32.29 5.57 18.19
N HIS A 250 -32.64 4.60 17.34
CA HIS A 250 -32.06 4.45 16.01
C HIS A 250 -32.72 5.44 15.05
N MET A 251 -32.49 6.73 15.28
CA MET A 251 -33.23 7.80 14.59
C MET A 251 -32.31 8.90 14.05
N LEU A 252 -32.56 9.29 12.81
CA LEU A 252 -32.02 10.52 12.26
C LEU A 252 -32.75 11.70 12.93
N ILE A 253 -32.12 12.87 12.91
CA ILE A 253 -32.75 14.11 13.35
C ILE A 253 -32.52 15.15 12.26
N LEU A 254 -33.57 15.84 11.85
CA LEU A 254 -33.43 16.88 10.84
C LEU A 254 -34.30 18.07 11.15
N GLY A 255 -33.95 19.21 10.55
CA GLY A 255 -34.75 20.43 10.62
C GLY A 255 -35.38 20.72 9.26
N VAL A 256 -36.65 21.08 9.28
CA VAL A 256 -37.40 21.41 8.08
C VAL A 256 -37.81 22.87 8.23
N THR A 257 -37.48 23.68 7.23
CA THR A 257 -37.95 25.05 7.13
C THR A 257 -39.00 25.19 6.01
N SER A 258 -40.17 25.68 6.40
CA SER A 258 -41.27 25.89 5.48
C SER A 258 -41.08 27.21 4.69
N PRO A 259 -41.78 27.36 3.56
CA PRO A 259 -41.78 28.61 2.81
C PRO A 259 -42.09 29.85 3.68
N SER A 260 -42.91 29.65 4.72
CA SER A 260 -43.23 30.74 5.67
C SER A 260 -42.06 31.09 6.60
N GLY A 261 -40.99 30.30 6.57
CA GLY A 261 -39.82 30.56 7.41
C GLY A 261 -39.86 29.86 8.76
N GLU A 262 -40.99 29.21 9.05
CA GLU A 262 -41.13 28.34 10.20
C GLU A 262 -40.22 27.11 10.14
N LYS A 263 -39.55 26.80 11.24
CA LYS A 263 -38.68 25.63 11.32
C LYS A 263 -39.21 24.64 12.36
N ARG A 264 -39.29 23.37 11.98
CA ARG A 264 -39.61 22.28 12.90
C ARG A 264 -38.59 21.18 12.74
N TYR A 265 -38.37 20.43 13.82
CA TYR A 265 -37.47 19.29 13.82
C TYR A 265 -38.22 17.98 13.93
N MET A 266 -37.67 16.95 13.28
CA MET A 266 -38.32 15.65 13.16
C MET A 266 -37.27 14.59 13.38
N ALA A 267 -37.67 13.48 13.97
CA ALA A 267 -36.82 12.30 14.09
C ALA A 267 -37.41 11.17 13.26
N ALA A 268 -36.57 10.28 12.74
CA ALA A 268 -37.08 9.18 11.92
C ALA A 268 -36.30 7.90 12.15
N ALA A 269 -37.04 6.86 12.53
CA ALA A 269 -36.50 5.52 12.74
C ALA A 269 -36.70 4.67 11.49
N PHE A 270 -35.64 4.53 10.70
CA PHE A 270 -35.62 3.57 9.59
C PHE A 270 -34.57 2.51 9.90
N PRO A 271 -34.80 1.25 9.51
CA PRO A 271 -33.75 0.24 9.73
C PRO A 271 -32.48 0.58 8.94
N SER A 272 -31.39 -0.09 9.27
CA SER A 272 -30.10 0.16 8.61
C SER A 272 -30.26 0.04 7.10
N ALA A 273 -29.64 0.96 6.37
CA ALA A 273 -29.69 1.00 4.91
C ALA A 273 -31.11 1.13 4.35
N CYS A 274 -31.97 1.85 5.06
CA CYS A 274 -33.33 2.10 4.57
C CYS A 274 -33.66 3.59 4.42
N GLY A 275 -32.63 4.44 4.39
CA GLY A 275 -32.82 5.82 3.94
C GLY A 275 -32.57 6.98 4.90
N LYS A 276 -32.06 6.70 6.11
CA LYS A 276 -31.84 7.78 7.08
C LYS A 276 -30.88 8.87 6.58
N THR A 277 -29.72 8.45 6.06
CA THR A 277 -28.70 9.40 5.61
C THR A 277 -29.21 10.27 4.46
N ASN A 278 -29.83 9.65 3.46
CA ASN A 278 -30.39 10.39 2.34
C ASN A 278 -31.52 11.36 2.71
N LEU A 279 -32.28 11.04 3.75
CA LEU A 279 -33.32 11.94 4.22
C LEU A 279 -32.73 13.08 5.05
N ALA A 280 -31.85 12.75 5.99
CA ALA A 280 -31.23 13.71 6.89
C ALA A 280 -30.44 14.81 6.17
N MET A 281 -29.85 14.49 5.02
CA MET A 281 -29.13 15.50 4.25
C MET A 281 -29.69 15.72 2.86
N MET A 282 -30.98 15.44 2.73
CA MET A 282 -31.72 15.62 1.49
C MET A 282 -31.61 17.06 0.95
N THR A 283 -31.51 17.19 -0.36
CA THR A 283 -31.74 18.48 -1.03
C THR A 283 -33.17 18.43 -1.57
N PRO A 284 -34.09 19.21 -0.97
CA PRO A 284 -35.52 19.06 -1.27
C PRO A 284 -35.82 19.38 -2.71
N SER A 285 -36.70 18.60 -3.33
CA SER A 285 -37.11 18.87 -4.71
CA SER A 285 -37.15 18.85 -4.70
C SER A 285 -38.21 19.94 -4.76
N LEU A 286 -38.67 20.40 -3.59
CA LEU A 286 -39.63 21.49 -3.49
C LEU A 286 -38.83 22.78 -3.12
N PRO A 287 -38.59 23.73 -4.04
CA PRO A 287 -37.68 24.84 -3.60
C PRO A 287 -38.18 25.80 -2.50
N GLY A 288 -39.46 25.74 -2.14
CA GLY A 288 -39.96 26.57 -1.06
C GLY A 288 -39.60 26.02 0.31
N TRP A 289 -38.90 24.88 0.34
CA TRP A 289 -38.57 24.12 1.55
C TRP A 289 -37.05 23.93 1.73
N ARG A 290 -36.63 23.89 2.99
CA ARG A 290 -35.22 23.82 3.35
C ARG A 290 -35.02 22.70 4.39
N ILE A 291 -33.98 21.88 4.22
CA ILE A 291 -33.68 20.82 5.17
C ILE A 291 -32.30 21.09 5.78
N HIS A 292 -32.19 20.87 7.09
CA HIS A 292 -30.91 20.91 7.79
C HIS A 292 -30.66 19.57 8.51
N CYS A 293 -29.43 19.09 8.43
CA CYS A 293 -29.05 17.83 9.04
C CYS A 293 -28.64 18.07 10.49
N VAL A 294 -29.16 17.25 11.40
CA VAL A 294 -28.67 17.22 12.78
C VAL A 294 -27.90 15.90 13.01
N GLY A 295 -28.47 14.79 12.57
CA GLY A 295 -27.82 13.48 12.63
C GLY A 295 -28.49 12.47 11.72
N ASP A 296 -27.81 11.36 11.44
CA ASP A 296 -28.31 10.35 10.48
C ASP A 296 -28.48 8.93 11.03
N ASP A 297 -28.31 8.76 12.34
CA ASP A 297 -28.26 7.41 12.87
C ASP A 297 -28.81 7.25 14.29
N ILE A 298 -28.31 8.07 15.21
CA ILE A 298 -28.64 7.90 16.61
C ILE A 298 -29.17 9.21 17.21
N ALA A 299 -30.26 9.11 17.96
CA ALA A 299 -30.85 10.25 18.67
C ALA A 299 -30.99 9.95 20.17
N TRP A 300 -30.54 10.86 21.01
CA TRP A 300 -30.78 10.77 22.46
C TRP A 300 -31.78 11.84 22.77
N MET A 301 -32.91 11.45 23.37
CA MET A 301 -34.06 12.35 23.53
C MET A 301 -34.56 12.34 24.96
N LYS A 302 -34.96 13.51 25.44
CA LYS A 302 -35.45 13.70 26.80
C LYS A 302 -36.43 14.89 26.81
N PHE A 303 -37.53 14.74 27.53
CA PHE A 303 -38.43 15.87 27.76
C PHE A 303 -37.78 16.92 28.64
N ASP A 304 -37.85 18.19 28.22
CA ASP A 304 -37.34 19.28 29.05
C ASP A 304 -38.45 19.69 30.03
N ASP A 305 -38.21 20.70 30.83
CA ASP A 305 -39.24 21.13 31.78
C ASP A 305 -40.35 21.95 31.10
N GLU A 306 -40.14 22.30 29.84
CA GLU A 306 -41.20 22.90 29.02
C GLU A 306 -42.16 21.82 28.50
N GLY A 307 -41.84 20.56 28.80
CA GLY A 307 -42.59 19.41 28.28
C GLY A 307 -42.31 19.03 26.83
N ARG A 308 -41.21 19.56 26.28
CA ARG A 308 -40.84 19.37 24.89
C ARG A 308 -39.83 18.26 24.76
N LEU A 309 -40.00 17.43 23.74
CA LEU A 309 -39.06 16.37 23.50
C LEU A 309 -37.80 16.92 22.81
N ARG A 310 -36.69 16.92 23.55
CA ARG A 310 -35.44 17.49 23.05
C ARG A 310 -34.51 16.39 22.59
N ALA A 311 -33.90 16.58 21.42
CA ALA A 311 -33.06 15.56 20.83
C ALA A 311 -31.65 16.06 20.57
N ILE A 312 -30.66 15.22 20.90
CA ILE A 312 -29.30 15.48 20.44
C ILE A 312 -28.80 14.31 19.61
N ASN A 313 -27.86 14.61 18.74
CA ASN A 313 -27.07 13.63 18.01
C ASN A 313 -25.76 13.40 18.78
N PRO A 314 -25.57 12.19 19.36
CA PRO A 314 -24.36 11.96 20.15
C PRO A 314 -23.08 11.77 19.32
N GLU A 315 -23.24 11.67 18.00
CA GLU A 315 -22.11 11.38 17.11
C GLU A 315 -21.50 12.61 16.44
N ARG A 316 -20.31 12.44 15.90
CA ARG A 316 -19.56 13.55 15.30
C ARG A 316 -19.37 13.41 13.76
N GLY A 317 -19.81 12.27 13.22
CA GLY A 317 -19.58 11.95 11.80
C GLY A 317 -20.65 11.08 11.16
N PHE A 318 -20.47 10.77 9.88
CA PHE A 318 -21.40 9.90 9.17
C PHE A 318 -20.67 8.68 8.68
N PHE A 319 -21.29 7.53 8.93
CA PHE A 319 -20.82 6.23 8.50
C PHE A 319 -21.87 5.71 7.52
N GLY A 320 -21.85 6.26 6.34
CA GLY A 320 -22.95 6.08 5.40
C GLY A 320 -22.73 5.05 4.33
N VAL A 321 -23.81 4.35 3.95
CA VAL A 321 -23.83 3.45 2.80
C VAL A 321 -23.43 4.21 1.52
N ALA A 322 -22.43 3.71 0.80
CA ALA A 322 -21.95 4.43 -0.40
C ALA A 322 -22.77 4.13 -1.66
N PRO A 323 -23.01 2.84 -2.01
CA PRO A 323 -23.72 2.56 -3.25
C PRO A 323 -25.03 3.34 -3.35
N GLY A 324 -25.29 3.89 -4.54
CA GLY A 324 -26.46 4.73 -4.77
C GLY A 324 -26.17 6.22 -4.66
N THR A 325 -25.12 6.59 -3.93
CA THR A 325 -24.78 8.00 -3.73
C THR A 325 -24.32 8.63 -5.04
N SER A 326 -24.96 9.75 -5.40
CA SER A 326 -24.65 10.51 -6.61
C SER A 326 -25.07 11.96 -6.42
N SER A 327 -24.75 12.80 -7.42
CA SER A 327 -25.22 14.18 -7.41
C SER A 327 -26.73 14.27 -7.60
N ARG A 328 -27.36 13.19 -8.04
CA ARG A 328 -28.82 13.09 -8.17
C ARG A 328 -29.48 12.74 -6.82
N THR A 329 -28.93 11.75 -6.14
CA THR A 329 -29.58 11.18 -4.97
C THR A 329 -29.22 11.93 -3.69
N ASN A 330 -27.95 12.30 -3.55
CA ASN A 330 -27.45 12.94 -2.32
C ASN A 330 -26.26 13.84 -2.60
N PRO A 331 -26.50 15.01 -3.26
CA PRO A 331 -25.40 15.94 -3.51
C PRO A 331 -24.75 16.49 -2.22
N ASN A 332 -25.50 16.56 -1.13
CA ASN A 332 -24.89 16.90 0.17
C ASN A 332 -23.88 15.88 0.71
N ALA A 333 -24.14 14.59 0.51
CA ALA A 333 -23.17 13.56 0.83
C ALA A 333 -21.93 13.67 -0.06
N MET A 334 -22.15 13.99 -1.34
CA MET A 334 -21.07 14.16 -2.30
C MET A 334 -20.11 15.27 -1.89
N ALA A 335 -20.65 16.39 -1.38
CA ALA A 335 -19.82 17.48 -0.88
C ALA A 335 -19.09 17.10 0.42
N THR A 336 -19.72 16.27 1.24
CA THR A 336 -19.20 15.86 2.53
C THR A 336 -17.97 14.97 2.41
N ILE A 337 -17.97 14.07 1.42
CA ILE A 337 -16.99 12.98 1.33
C ILE A 337 -15.82 13.30 0.42
N ALA A 338 -15.80 14.53 -0.08
CA ALA A 338 -14.75 15.00 -1.00
C ALA A 338 -13.38 15.14 -0.31
N ARG A 339 -13.36 15.21 1.01
CA ARG A 339 -12.12 15.37 1.75
C ARG A 339 -12.16 14.68 3.12
N ASN A 340 -10.97 14.31 3.61
CA ASN A 340 -10.80 13.77 4.98
C ASN A 340 -11.75 12.61 5.32
N THR A 341 -11.97 11.75 4.32
CA THR A 341 -12.93 10.65 4.38
C THR A 341 -12.24 9.30 4.17
N ILE A 342 -12.63 8.33 4.97
CA ILE A 342 -12.19 6.95 4.79
C ILE A 342 -13.31 6.16 4.14
N PHE A 343 -13.00 5.56 3.00
CA PHE A 343 -13.93 4.68 2.30
C PHE A 343 -13.57 3.23 2.56
N THR A 344 -14.59 2.41 2.81
CA THR A 344 -14.39 0.98 3.01
C THR A 344 -15.16 0.19 1.96
N ASN A 345 -14.44 -0.61 1.20
CA ASN A 345 -14.98 -1.61 0.27
C ASN A 345 -15.64 -1.05 -1.00
N VAL A 346 -15.29 0.19 -1.36
CA VAL A 346 -15.73 0.75 -2.64
C VAL A 346 -14.68 0.48 -3.71
N GLY A 347 -15.01 0.82 -4.95
CA GLY A 347 -14.15 0.57 -6.09
C GLY A 347 -13.09 1.63 -6.16
N LEU A 348 -11.93 1.27 -6.70
CA LEU A 348 -10.87 2.22 -6.98
C LEU A 348 -10.78 2.46 -8.49
N ARG A 349 -10.81 3.72 -8.90
CA ARG A 349 -10.65 4.10 -10.32
C ARG A 349 -9.17 4.37 -10.65
N SER A 350 -8.80 4.18 -11.91
CA SER A 350 -7.42 4.43 -12.38
C SER A 350 -7.02 5.90 -12.34
N ASP A 351 -8.00 6.78 -12.20
CA ASP A 351 -7.71 8.21 -12.04
C ASP A 351 -7.52 8.61 -10.59
N GLY A 352 -7.54 7.64 -9.68
CA GLY A 352 -7.28 7.89 -8.26
C GLY A 352 -8.52 8.23 -7.44
N GLY A 353 -9.68 8.16 -8.08
CA GLY A 353 -10.96 8.34 -7.39
C GLY A 353 -11.62 7.04 -7.00
N VAL A 354 -12.84 7.14 -6.49
CA VAL A 354 -13.63 5.95 -6.06
C VAL A 354 -14.77 5.63 -7.02
N TYR A 355 -15.32 4.42 -6.93
CA TYR A 355 -16.50 4.04 -7.70
C TYR A 355 -17.48 3.12 -6.96
N TRP A 356 -18.77 3.35 -7.17
CA TRP A 356 -19.83 2.41 -6.79
C TRP A 356 -20.99 2.58 -7.75
N ASP A 357 -21.85 1.56 -7.83
CA ASP A 357 -23.09 1.63 -8.62
C ASP A 357 -23.84 2.91 -8.27
N GLY A 358 -24.07 3.74 -9.27
CA GLY A 358 -24.81 4.97 -9.06
C GLY A 358 -23.97 6.24 -9.16
N LEU A 359 -22.67 6.13 -8.83
CA LEU A 359 -21.80 7.31 -8.81
C LEU A 359 -21.69 7.98 -10.18
N ASP A 360 -21.86 9.30 -10.20
CA ASP A 360 -21.84 10.05 -11.44
C ASP A 360 -20.77 11.15 -11.45
N GLU A 361 -19.64 10.87 -10.79
CA GLU A 361 -18.53 11.81 -10.79
C GLU A 361 -17.89 11.79 -12.19
N PRO A 362 -17.75 12.96 -12.85
CA PRO A 362 -17.19 12.96 -14.20
C PRO A 362 -15.85 12.23 -14.28
N THR A 363 -15.75 11.32 -15.22
CA THR A 363 -14.55 10.50 -15.40
C THR A 363 -14.10 10.50 -16.87
N GLU A 364 -12.79 10.44 -17.08
CA GLU A 364 -12.22 10.42 -18.42
C GLU A 364 -12.53 9.10 -19.12
N PRO A 365 -12.56 9.09 -20.47
CA PRO A 365 -12.67 7.82 -21.20
C PRO A 365 -11.47 6.91 -20.95
N GLY A 366 -11.72 5.61 -20.85
CA GLY A 366 -10.65 4.62 -20.69
C GLY A 366 -10.21 4.42 -19.25
N VAL A 367 -10.91 5.07 -18.34
CA VAL A 367 -10.70 4.88 -16.91
C VAL A 367 -11.09 3.43 -16.54
N THR A 368 -10.22 2.76 -15.79
CA THR A 368 -10.43 1.36 -15.42
C THR A 368 -10.68 1.24 -13.93
N TYR A 369 -11.18 0.08 -13.49
CA TYR A 369 -11.61 -0.10 -12.12
C TYR A 369 -10.98 -1.32 -11.46
N THR A 370 -10.74 -1.21 -10.16
CA THR A 370 -10.47 -2.38 -9.33
C THR A 370 -11.55 -2.51 -8.25
N SER A 371 -12.12 -3.70 -8.13
CA SER A 371 -13.22 -3.96 -7.21
C SER A 371 -12.77 -3.95 -5.75
N TRP A 372 -13.72 -4.08 -4.83
CA TRP A 372 -13.42 -4.15 -3.39
C TRP A 372 -12.63 -5.42 -3.04
N LEU A 373 -12.48 -6.30 -4.03
CA LEU A 373 -11.69 -7.51 -3.90
C LEU A 373 -10.24 -7.18 -4.17
N GLY A 374 -10.01 -6.01 -4.77
CA GLY A 374 -8.68 -5.59 -5.17
C GLY A 374 -8.29 -6.15 -6.51
N LYS A 375 -9.28 -6.65 -7.25
CA LYS A 375 -9.06 -7.20 -8.57
C LYS A 375 -9.69 -6.32 -9.67
N PRO A 376 -9.13 -6.33 -10.90
CA PRO A 376 -9.69 -5.54 -12.01
C PRO A 376 -11.18 -5.81 -12.25
N TRP A 377 -11.95 -4.75 -12.44
CA TRP A 377 -13.40 -4.84 -12.59
C TRP A 377 -13.86 -3.98 -13.75
N LYS A 378 -14.91 -4.43 -14.44
CA LYS A 378 -15.40 -3.84 -15.67
C LYS A 378 -16.93 -3.73 -15.63
N HIS A 379 -17.49 -2.63 -16.16
CA HIS A 379 -18.94 -2.56 -16.33
C HIS A 379 -19.39 -3.78 -17.14
N GLY A 380 -20.20 -4.64 -16.52
CA GLY A 380 -20.59 -5.91 -17.14
C GLY A 380 -20.37 -7.15 -16.30
N ASP A 381 -19.43 -7.07 -15.34
CA ASP A 381 -19.08 -8.17 -14.43
C ASP A 381 -20.27 -8.70 -13.61
N PRO A 382 -20.24 -10.00 -13.25
CA PRO A 382 -21.27 -10.65 -12.40
C PRO A 382 -21.59 -9.95 -11.08
N GLU A 383 -20.56 -9.45 -10.38
CA GLU A 383 -20.72 -8.76 -9.10
C GLU A 383 -20.49 -7.25 -9.21
N PRO A 384 -21.06 -6.46 -8.28
CA PRO A 384 -20.75 -5.01 -8.13
C PRO A 384 -19.28 -4.67 -7.89
N CYS A 385 -18.86 -3.50 -8.37
CA CYS A 385 -17.51 -2.98 -8.13
C CYS A 385 -17.29 -2.68 -6.64
N ALA A 386 -18.31 -2.12 -5.98
CA ALA A 386 -18.29 -1.84 -4.54
C ALA A 386 -19.15 -2.87 -3.82
N HIS A 387 -18.77 -3.28 -2.60
CA HIS A 387 -19.63 -4.13 -1.76
C HIS A 387 -20.99 -3.46 -1.49
N PRO A 388 -22.09 -4.22 -1.49
CA PRO A 388 -23.38 -3.57 -1.21
C PRO A 388 -23.44 -2.78 0.13
N ASN A 389 -22.62 -3.16 1.11
CA ASN A 389 -22.57 -2.51 2.42
C ASN A 389 -21.31 -1.65 2.56
N SER A 390 -20.69 -1.25 1.45
CA SER A 390 -19.51 -0.42 1.48
C SER A 390 -19.86 0.95 2.07
N ARG A 391 -18.87 1.66 2.62
CA ARG A 391 -19.16 2.82 3.45
C ARG A 391 -18.29 4.05 3.15
N PHE A 392 -18.81 5.23 3.47
CA PHE A 392 -17.92 6.38 3.69
C PHE A 392 -17.98 6.76 5.15
N CYS A 393 -16.87 7.27 5.67
CA CYS A 393 -16.79 7.67 7.07
C CYS A 393 -16.18 9.05 7.08
N ALA A 394 -17.04 10.04 7.34
CA ALA A 394 -16.68 11.46 7.13
C ALA A 394 -17.17 12.36 8.27
N PRO A 395 -16.38 13.37 8.65
CA PRO A 395 -16.82 14.24 9.74
C PRO A 395 -18.01 15.10 9.34
N ALA A 396 -18.94 15.23 10.28
CA ALA A 396 -20.20 15.91 10.04
C ALA A 396 -20.03 17.41 9.76
N ASP A 397 -18.96 18.00 10.27
CA ASP A 397 -18.78 19.41 9.99
C ASP A 397 -18.43 19.71 8.53
N GLN A 398 -18.26 18.66 7.71
CA GLN A 398 -18.03 18.84 6.26
C GLN A 398 -19.31 18.77 5.45
N CYS A 399 -20.41 18.41 6.10
CA CYS A 399 -21.73 18.49 5.47
C CYS A 399 -22.12 19.98 5.34
N PRO A 400 -22.44 20.44 4.11
CA PRO A 400 -22.78 21.88 3.92
C PRO A 400 -24.12 22.34 4.52
N ILE A 401 -24.96 21.40 4.97
CA ILE A 401 -26.32 21.65 5.40
CA ILE A 401 -26.29 21.79 5.45
C ILE A 401 -26.52 21.45 6.92
N MET A 402 -25.45 21.47 7.71
CA MET A 402 -25.60 21.15 9.13
C MET A 402 -26.43 22.22 9.82
N ASP A 403 -27.43 21.77 10.58
CA ASP A 403 -28.26 22.70 11.33
C ASP A 403 -27.41 23.56 12.27
N PRO A 404 -27.68 24.88 12.31
CA PRO A 404 -26.99 25.76 13.26
C PRO A 404 -26.96 25.17 14.67
N ARG A 405 -27.94 24.33 15.01
CA ARG A 405 -28.03 23.76 16.35
C ARG A 405 -27.56 22.29 16.49
N TRP A 406 -26.90 21.73 15.47
CA TRP A 406 -26.56 20.28 15.44
C TRP A 406 -25.68 19.79 16.61
N ASP A 407 -24.87 20.69 17.17
CA ASP A 407 -24.08 20.37 18.35
C ASP A 407 -24.44 21.25 19.55
N ASP A 408 -25.68 21.73 19.55
CA ASP A 408 -26.23 22.51 20.65
C ASP A 408 -26.50 21.57 21.82
N PRO A 409 -25.87 21.82 22.97
CA PRO A 409 -26.04 20.96 24.15
C PRO A 409 -27.50 20.79 24.64
N GLU A 410 -28.35 21.76 24.33
CA GLU A 410 -29.74 21.77 24.78
C GLU A 410 -30.58 20.80 23.97
N GLY A 411 -30.19 20.61 22.72
CA GLY A 411 -30.95 19.75 21.84
C GLY A 411 -31.96 20.54 21.04
N VAL A 412 -32.63 19.84 20.13
CA VAL A 412 -33.62 20.48 19.29
C VAL A 412 -34.99 19.88 19.64
N PRO A 413 -36.06 20.70 19.59
CA PRO A 413 -37.38 20.18 19.94
C PRO A 413 -38.03 19.38 18.79
N ILE A 414 -38.48 18.17 19.11
CA ILE A 414 -39.00 17.20 18.14
C ILE A 414 -40.51 17.27 18.10
N ASP A 415 -41.04 17.60 16.93
CA ASP A 415 -42.49 17.70 16.71
C ASP A 415 -43.10 16.56 15.92
N ALA A 416 -42.25 15.70 15.34
CA ALA A 416 -42.72 14.51 14.64
C ALA A 416 -41.71 13.37 14.76
N ILE A 417 -42.21 12.15 14.96
CA ILE A 417 -41.40 10.97 14.89
C ILE A 417 -41.93 10.07 13.77
N ILE A 418 -41.02 9.63 12.90
CA ILE A 418 -41.42 8.96 11.66
C ILE A 418 -40.82 7.54 11.63
N PHE A 419 -41.68 6.53 11.50
CA PHE A 419 -41.21 5.15 11.35
C PHE A 419 -41.26 4.80 9.87
N GLY A 420 -40.40 3.89 9.44
CA GLY A 420 -40.47 3.43 8.04
C GLY A 420 -39.46 2.34 7.75
N GLY A 421 -39.74 1.53 6.75
CA GLY A 421 -38.81 0.48 6.31
C GLY A 421 -39.08 0.17 4.85
N ARG A 422 -38.47 -0.89 4.34
CA ARG A 422 -38.71 -1.31 2.96
C ARG A 422 -39.88 -2.28 2.89
N ARG A 423 -40.98 -1.84 2.26
CA ARG A 423 -42.17 -2.68 2.05
C ARG A 423 -42.56 -2.52 0.58
N PRO A 424 -42.41 -3.61 -0.21
CA PRO A 424 -42.68 -3.55 -1.64
C PRO A 424 -44.16 -3.39 -1.99
N ARG A 425 -45.07 -3.76 -1.09
CA ARG A 425 -46.50 -3.74 -1.40
C ARG A 425 -47.31 -3.45 -0.15
N GLY A 426 -48.50 -2.86 -0.33
CA GLY A 426 -49.51 -2.80 0.72
C GLY A 426 -49.50 -1.64 1.69
N VAL A 427 -48.30 -1.15 2.02
CA VAL A 427 -48.10 -0.09 3.01
C VAL A 427 -47.94 1.27 2.33
N PRO A 428 -48.84 2.23 2.62
CA PRO A 428 -48.85 3.47 1.86
C PRO A 428 -47.61 4.35 2.08
N LEU A 429 -47.45 5.33 1.19
CA LEU A 429 -46.33 6.25 1.22
C LEU A 429 -46.20 6.94 2.57
N VAL A 430 -47.31 7.38 3.14
CA VAL A 430 -47.31 8.07 4.44
C VAL A 430 -48.65 7.95 5.17
N VAL A 431 -48.56 7.64 6.45
CA VAL A 431 -49.72 7.47 7.33
C VAL A 431 -49.40 8.22 8.63
N GLU A 432 -50.38 8.98 9.15
CA GLU A 432 -50.27 9.52 10.52
C GLU A 432 -51.08 8.69 11.51
N ALA A 433 -50.47 8.36 12.66
CA ALA A 433 -51.16 7.66 13.75
C ALA A 433 -52.35 8.45 14.29
N PHE A 434 -53.34 7.75 14.83
CA PHE A 434 -54.49 8.37 15.46
C PHE A 434 -54.15 8.99 16.82
N GLY A 435 -52.99 8.65 17.36
CA GLY A 435 -52.54 9.18 18.65
C GLY A 435 -51.30 8.46 19.12
N TRP A 436 -50.89 8.73 20.36
CA TRP A 436 -49.64 8.17 20.88
C TRP A 436 -49.59 6.63 20.96
N ARG A 437 -50.56 6.06 21.64
CA ARG A 437 -50.67 4.61 21.78
C ARG A 437 -50.69 3.91 20.41
N HIS A 438 -51.46 4.44 19.48
CA HIS A 438 -51.54 3.89 18.11
C HIS A 438 -50.20 3.97 17.38
N GLY A 439 -49.51 5.11 17.51
CA GLY A 439 -48.18 5.29 16.91
C GLY A 439 -47.14 4.34 17.51
N VAL A 440 -47.21 4.10 18.81
CA VAL A 440 -46.32 3.10 19.44
C VAL A 440 -46.61 1.72 18.82
N PHE A 441 -47.88 1.40 18.63
CA PHE A 441 -48.26 0.16 17.94
C PHE A 441 -47.66 0.07 16.52
N MET A 442 -47.78 1.15 15.74
CA MET A 442 -47.20 1.20 14.38
C MET A 442 -45.69 0.98 14.39
N GLY A 443 -44.99 1.61 15.33
CA GLY A 443 -43.57 1.40 15.58
C GLY A 443 -43.25 -0.05 15.85
N SER A 444 -44.03 -0.69 16.74
CA SER A 444 -43.82 -2.09 17.13
C SER A 444 -44.10 -3.04 15.97
N ALA A 445 -44.92 -2.60 15.03
CA ALA A 445 -45.43 -3.45 13.96
C ALA A 445 -44.55 -3.36 12.71
N MET A 446 -43.53 -2.52 12.78
CA MET A 446 -42.64 -2.28 11.63
C MET A 446 -42.05 -3.56 11.07
N ARG A 447 -42.12 -3.72 9.77
CA ARG A 447 -41.44 -4.79 9.05
C ARG A 447 -40.70 -4.22 7.88
N SER A 448 -39.56 -4.83 7.55
CA SER A 448 -38.68 -4.25 6.53
C SER A 448 -37.87 -5.38 5.89
N GLU A 449 -37.69 -5.32 4.57
CA GLU A 449 -36.83 -6.27 3.86
C GLU A 449 -35.39 -6.12 4.35
N ALA A 450 -34.76 -7.26 4.61
CA ALA A 450 -33.40 -7.32 5.10
C ALA A 450 -32.47 -6.65 4.10
N THR A 451 -31.44 -5.97 4.60
CA THR A 451 -30.46 -5.28 3.75
C THR A 451 -29.07 -5.92 3.92
N ALA A 452 -28.06 -5.33 3.31
CA ALA A 452 -26.68 -5.83 3.43
C ALA A 452 -25.95 -5.36 4.68
N ALA A 453 -26.63 -4.61 5.56
CA ALA A 453 -26.03 -4.09 6.80
C ALA A 453 -25.72 -5.14 7.89
N ALA A 454 -26.33 -6.32 7.78
CA ALA A 454 -26.04 -7.47 8.67
C ALA A 454 -25.99 -8.76 7.85
N GLU A 455 -26.16 -9.91 8.51
CA GLU A 455 -25.95 -11.21 7.85
C GLU A 455 -27.19 -11.83 7.18
N HIS A 456 -28.33 -11.13 7.23
CA HIS A 456 -29.57 -11.68 6.72
C HIS A 456 -29.69 -11.59 5.23
N LYS A 457 -30.23 -12.68 4.68
CA LYS A 457 -30.57 -12.78 3.29
C LYS A 457 -31.22 -11.46 2.88
N GLY A 458 -30.52 -10.70 2.03
CA GLY A 458 -31.09 -9.47 1.45
C GLY A 458 -32.44 -9.78 0.83
N GLY A 459 -33.44 -8.95 1.16
CA GLY A 459 -34.79 -9.12 0.61
C GLY A 459 -35.77 -9.80 1.55
N ARG A 460 -35.28 -10.68 2.43
CA ARG A 460 -36.12 -11.28 3.49
C ARG A 460 -36.85 -10.22 4.32
N LEU A 461 -38.19 -10.28 4.32
CA LEU A 461 -39.02 -9.34 5.09
C LEU A 461 -39.01 -9.73 6.56
N MET A 462 -38.55 -8.80 7.39
CA MET A 462 -38.29 -9.09 8.80
C MET A 462 -38.95 -8.04 9.69
N HIS A 463 -39.47 -8.48 10.82
CA HIS A 463 -39.93 -7.55 11.84
C HIS A 463 -38.75 -6.77 12.35
N ASP A 464 -38.96 -5.47 12.53
CA ASP A 464 -37.93 -4.59 13.06
C ASP A 464 -38.60 -3.47 13.87
N PRO A 465 -39.16 -3.81 15.05
CA PRO A 465 -39.87 -2.80 15.85
C PRO A 465 -39.02 -1.59 16.17
N PHE A 466 -39.53 -0.39 15.84
CA PHE A 466 -38.83 0.91 16.06
C PHE A 466 -37.47 1.01 15.38
N ALA A 467 -37.25 0.17 14.36
CA ALA A 467 -35.93 -0.03 13.74
C ALA A 467 -34.85 -0.42 14.76
N MET A 468 -35.27 -1.01 15.88
CA MET A 468 -34.38 -1.30 17.00
C MET A 468 -34.09 -2.78 17.20
N ARG A 469 -34.59 -3.65 16.33
N ARG A 469 -34.59 -3.64 16.32
CA ARG A 469 -34.44 -5.10 16.53
CA ARG A 469 -34.45 -5.11 16.50
C ARG A 469 -32.99 -5.53 16.83
C ARG A 469 -33.00 -5.53 16.81
N PRO A 470 -32.00 -5.06 16.02
CA PRO A 470 -30.63 -5.47 16.33
C PRO A 470 -29.97 -4.73 17.49
N PHE A 471 -30.69 -3.81 18.14
CA PHE A 471 -30.06 -2.77 19.01
C PHE A 471 -30.69 -2.58 20.37
N PHE A 472 -31.69 -3.40 20.71
CA PHE A 472 -32.22 -3.42 22.07
C PHE A 472 -31.11 -3.70 23.11
N GLY A 473 -31.08 -2.94 24.21
CA GLY A 473 -30.15 -3.20 25.29
C GLY A 473 -30.81 -3.83 26.50
N TYR A 474 -32.12 -4.06 26.40
CA TYR A 474 -32.91 -4.69 27.45
C TYR A 474 -34.21 -5.26 26.85
N ASN A 475 -34.99 -5.95 27.67
CA ASN A 475 -36.24 -6.59 27.29
C ASN A 475 -37.10 -5.70 26.36
N ALA A 476 -37.31 -6.14 25.12
CA ALA A 476 -38.05 -5.34 24.13
C ALA A 476 -39.53 -5.07 24.48
N GLY A 477 -40.15 -5.98 25.23
CA GLY A 477 -41.47 -5.71 25.79
C GLY A 477 -41.45 -4.50 26.72
N ARG A 478 -40.45 -4.45 27.62
CA ARG A 478 -40.25 -3.32 28.55
C ARG A 478 -39.92 -2.03 27.83
N TYR A 479 -39.18 -2.13 26.73
CA TYR A 479 -38.94 -0.99 25.85
C TYR A 479 -40.24 -0.40 25.32
N LEU A 480 -41.13 -1.27 24.86
CA LEU A 480 -42.46 -0.84 24.43
C LEU A 480 -43.24 -0.16 25.57
N GLU A 481 -43.24 -0.79 26.73
CA GLU A 481 -43.88 -0.18 27.91
CA GLU A 481 -43.84 -0.21 27.94
C GLU A 481 -43.24 1.17 28.26
N HIS A 482 -41.93 1.30 28.08
CA HIS A 482 -41.25 2.59 28.29
C HIS A 482 -41.77 3.66 27.33
N TRP A 483 -41.95 3.28 26.07
CA TRP A 483 -42.53 4.20 25.06
C TRP A 483 -43.96 4.60 25.40
N LEU A 484 -44.77 3.63 25.80
CA LEU A 484 -46.13 3.90 26.28
C LEU A 484 -46.16 4.89 27.44
N SER A 485 -45.36 4.63 28.48
CA SER A 485 -45.26 5.51 29.67
C SER A 485 -44.77 6.91 29.35
N THR A 486 -43.87 7.02 28.39
CA THR A 486 -43.34 8.29 27.94
C THR A 486 -44.48 9.21 27.47
N GLY A 487 -45.47 8.63 26.80
CA GLY A 487 -46.62 9.40 26.29
C GLY A 487 -47.61 9.84 27.35
N LEU A 488 -47.47 9.27 28.56
CA LEU A 488 -48.29 9.63 29.71
C LEU A 488 -47.66 10.72 30.59
N ARG A 489 -46.51 11.22 30.17
CA ARG A 489 -45.83 12.30 30.88
C ARG A 489 -46.77 13.50 31.04
N SER A 490 -46.96 13.95 32.28
CA SER A 490 -47.88 15.05 32.54
C SER A 490 -47.48 16.30 31.75
N ASN A 491 -48.44 16.85 31.00
CA ASN A 491 -48.24 18.11 30.23
C ASN A 491 -47.17 18.05 29.13
N ALA A 492 -46.81 16.85 28.72
CA ALA A 492 -45.88 16.65 27.61
C ALA A 492 -46.49 17.20 26.32
N ARG A 493 -45.68 17.93 25.56
CA ARG A 493 -46.00 18.32 24.22
C ARG A 493 -45.51 17.18 23.33
N LEU A 494 -46.40 16.22 23.09
CA LEU A 494 -46.05 15.02 22.34
C LEU A 494 -45.82 15.28 20.85
N PRO A 495 -44.78 14.65 20.27
CA PRO A 495 -44.70 14.73 18.82
C PRO A 495 -45.80 13.87 18.19
N ARG A 496 -46.21 14.22 16.98
CA ARG A 496 -47.11 13.34 16.23
C ARG A 496 -46.28 12.20 15.64
N LEU A 497 -46.89 11.02 15.55
CA LEU A 497 -46.18 9.83 15.06
C LEU A 497 -46.67 9.47 13.65
N PHE A 498 -45.73 9.10 12.80
CA PHE A 498 -46.04 8.82 11.40
C PHE A 498 -45.35 7.55 10.97
N HIS A 499 -45.84 6.98 9.88
CA HIS A 499 -45.22 5.82 9.28
C HIS A 499 -45.12 6.08 7.77
N VAL A 500 -43.91 5.95 7.22
CA VAL A 500 -43.68 6.15 5.79
C VAL A 500 -43.25 4.86 5.07
N ASN A 501 -43.42 4.86 3.75
CA ASN A 501 -42.85 3.84 2.89
C ASN A 501 -42.38 4.42 1.56
N TRP A 502 -41.06 4.54 1.40
CA TRP A 502 -40.50 5.04 0.14
C TRP A 502 -40.44 3.95 -0.94
N PHE A 503 -40.73 2.71 -0.56
CA PHE A 503 -40.23 1.55 -1.34
C PHE A 503 -41.31 0.67 -1.97
N LEU A 504 -42.52 1.19 -2.10
CA LEU A 504 -43.58 0.50 -2.84
C LEU A 504 -43.12 0.24 -4.25
N ARG A 505 -43.42 -0.96 -4.75
CA ARG A 505 -43.07 -1.32 -6.12
CA ARG A 505 -43.07 -1.29 -6.13
C ARG A 505 -44.31 -1.32 -7.02
N ASP A 506 -44.08 -0.89 -8.26
CA ASP A 506 -45.10 -0.77 -9.31
C ASP A 506 -45.14 -1.95 -10.27
N ASN A 507 -45.96 -1.81 -11.31
CA ASN A 507 -46.29 -2.90 -12.21
C ASN A 507 -46.03 -2.51 -13.67
N GLU A 508 -44.80 -2.64 -14.17
CA GLU A 508 -43.64 -3.30 -13.54
C GLU A 508 -42.37 -2.53 -13.89
N GLY A 509 -41.31 -2.64 -13.09
CA GLY A 509 -41.32 -3.30 -11.79
C GLY A 509 -40.60 -2.36 -10.85
N ARG A 510 -40.52 -1.10 -11.28
CA ARG A 510 -39.83 -0.01 -10.62
C ARG A 510 -40.50 0.42 -9.32
N PHE A 511 -39.83 1.30 -8.59
CA PHE A 511 -40.39 2.01 -7.44
C PHE A 511 -41.50 2.98 -7.87
N VAL A 512 -42.66 2.93 -7.20
CA VAL A 512 -43.78 3.86 -7.46
C VAL A 512 -43.39 5.32 -7.11
N TRP A 513 -42.62 5.48 -6.03
CA TRP A 513 -42.23 6.78 -5.54
C TRP A 513 -40.75 7.07 -5.85
N PRO A 514 -40.45 8.23 -6.47
CA PRO A 514 -39.05 8.52 -6.82
C PRO A 514 -38.10 8.72 -5.63
N GLY A 515 -38.63 9.14 -4.50
CA GLY A 515 -37.83 9.21 -3.27
C GLY A 515 -36.77 10.30 -3.33
N PHE A 516 -35.73 10.13 -2.52
CA PHE A 516 -34.65 11.09 -2.39
C PHE A 516 -35.18 12.52 -2.16
N GLY A 517 -34.79 13.49 -2.98
CA GLY A 517 -35.27 14.86 -2.81
C GLY A 517 -36.78 15.02 -2.83
N HIS A 518 -37.48 14.10 -3.50
CA HIS A 518 -38.94 14.14 -3.59
C HIS A 518 -39.62 13.77 -2.28
N ASN A 519 -38.85 13.17 -1.36
CA ASN A 519 -39.32 12.91 0.00
C ASN A 519 -39.66 14.20 0.75
N ALA A 520 -39.14 15.33 0.26
CA ALA A 520 -39.56 16.64 0.81
C ALA A 520 -41.06 16.90 0.65
N ARG A 521 -41.69 16.27 -0.35
CA ARG A 521 -43.13 16.41 -0.55
C ARG A 521 -43.91 15.77 0.59
N VAL A 522 -43.40 14.64 1.08
CA VAL A 522 -43.99 13.99 2.24
C VAL A 522 -43.74 14.81 3.52
N LEU A 523 -42.51 15.25 3.72
CA LEU A 523 -42.15 16.03 4.91
C LEU A 523 -42.97 17.32 5.00
N ALA A 524 -43.25 17.92 3.84
CA ALA A 524 -44.12 19.11 3.74
C ALA A 524 -45.53 18.83 4.30
N TRP A 525 -46.12 17.70 3.91
CA TRP A 525 -47.42 17.31 4.42
C TRP A 525 -47.38 17.07 5.92
N ILE A 526 -46.32 16.40 6.38
CA ILE A 526 -46.13 16.12 7.80
C ILE A 526 -46.04 17.43 8.59
N PHE A 527 -45.24 18.37 8.10
CA PHE A 527 -45.10 19.70 8.66
C PHE A 527 -46.47 20.41 8.74
N GLY A 528 -47.22 20.34 7.65
CA GLY A 528 -48.59 20.82 7.61
C GLY A 528 -49.46 20.25 8.72
N ARG A 529 -49.34 18.95 8.96
CA ARG A 529 -50.09 18.27 10.03
C ARG A 529 -49.63 18.71 11.42
N ILE A 530 -48.32 18.94 11.57
CA ILE A 530 -47.80 19.54 12.81
C ILE A 530 -48.41 20.91 13.07
N GLN A 531 -48.62 21.67 12.00
CA GLN A 531 -49.21 23.00 12.09
C GLN A 531 -50.71 22.91 12.38
N GLY A 532 -51.26 21.70 12.29
CA GLY A 532 -52.66 21.47 12.57
C GLY A 532 -53.62 21.69 11.41
N ARG A 533 -53.09 21.61 10.18
CA ARG A 533 -53.90 21.81 8.97
C ARG A 533 -54.82 20.64 8.67
N ASP A 534 -56.04 20.95 8.27
CA ASP A 534 -57.08 19.96 7.92
C ASP A 534 -56.75 19.33 6.59
N THR A 535 -55.73 18.48 6.55
CA THR A 535 -55.20 17.99 5.28
C THR A 535 -55.16 16.48 5.17
N ALA A 536 -55.89 15.83 6.07
CA ALA A 536 -55.88 14.37 6.16
C ALA A 536 -57.28 13.81 6.10
N ARG A 537 -57.39 12.58 5.59
CA ARG A 537 -58.60 11.80 5.66
C ARG A 537 -58.33 10.48 6.44
N PRO A 538 -59.34 9.97 7.15
CA PRO A 538 -59.10 8.75 7.94
C PRO A 538 -59.20 7.48 7.08
N THR A 539 -58.40 6.48 7.43
CA THR A 539 -58.46 5.14 6.80
C THR A 539 -58.41 4.11 7.92
N PRO A 540 -58.58 2.81 7.58
CA PRO A 540 -58.46 1.79 8.62
C PRO A 540 -57.10 1.74 9.32
N ILE A 541 -56.06 2.32 8.72
CA ILE A 541 -54.71 2.23 9.29
C ILE A 541 -54.15 3.52 9.90
N GLY A 542 -54.90 4.61 9.82
CA GLY A 542 -54.44 5.90 10.28
C GLY A 542 -54.88 7.00 9.34
N TRP A 543 -54.39 8.22 9.56
CA TRP A 543 -54.68 9.33 8.66
C TRP A 543 -53.78 9.22 7.44
N VAL A 544 -54.30 9.51 6.25
CA VAL A 544 -53.46 9.72 5.06
C VAL A 544 -53.76 11.12 4.50
N PRO A 545 -52.82 11.68 3.70
CA PRO A 545 -53.12 12.95 3.03
C PRO A 545 -54.27 12.85 2.06
N LYS A 546 -55.12 13.86 2.06
CA LYS A 546 -56.11 14.00 1.01
C LYS A 546 -55.37 14.23 -0.30
N GLU A 547 -55.87 13.61 -1.36
CA GLU A 547 -55.32 13.82 -2.68
C GLU A 547 -55.54 15.29 -2.95
N GLY A 548 -54.47 16.02 -3.23
CA GLY A 548 -54.60 17.47 -3.42
C GLY A 548 -54.01 18.27 -2.27
N ASP A 549 -53.72 17.60 -1.15
CA ASP A 549 -52.91 18.20 -0.07
C ASP A 549 -51.53 17.57 -0.02
N LEU A 550 -51.32 16.57 -0.86
CA LEU A 550 -49.99 16.03 -1.10
C LEU A 550 -49.52 16.57 -2.43
N ASP A 551 -48.40 17.27 -2.42
CA ASP A 551 -47.89 17.92 -3.62
C ASP A 551 -47.25 16.88 -4.55
N LEU A 552 -47.95 16.57 -5.62
CA LEU A 552 -47.40 15.74 -6.68
C LEU A 552 -47.13 16.50 -7.96
N GLY A 553 -47.09 17.84 -7.88
CA GLY A 553 -46.80 18.67 -9.05
C GLY A 553 -45.40 18.38 -9.56
N GLY A 554 -45.25 18.30 -10.87
CA GLY A 554 -43.95 18.00 -11.48
C GLY A 554 -43.62 16.52 -11.42
N LEU A 555 -44.58 15.72 -10.96
CA LEU A 555 -44.50 14.27 -10.98
C LEU A 555 -45.64 13.67 -11.81
N PRO A 556 -45.61 13.87 -13.14
CA PRO A 556 -46.78 13.49 -13.94
C PRO A 556 -46.96 11.96 -14.00
N GLY A 557 -45.87 11.21 -13.90
CA GLY A 557 -45.94 9.76 -13.99
C GLY A 557 -46.44 9.08 -12.72
N VAL A 558 -46.54 9.86 -11.64
CA VAL A 558 -46.88 9.33 -10.33
C VAL A 558 -48.37 9.54 -10.01
N ASP A 559 -49.04 8.44 -9.71
CA ASP A 559 -50.47 8.43 -9.40
C ASP A 559 -50.72 8.31 -7.90
N TYR A 560 -51.57 9.18 -7.36
CA TYR A 560 -51.93 9.15 -5.95
C TYR A 560 -52.43 7.76 -5.51
N SER A 561 -53.28 7.15 -6.34
CA SER A 561 -53.89 5.83 -6.06
CA SER A 561 -53.88 5.86 -5.97
C SER A 561 -52.89 4.71 -5.77
N GLN A 562 -51.79 4.69 -6.51
CA GLN A 562 -50.75 3.69 -6.30
C GLN A 562 -49.96 3.93 -5.01
N LEU A 563 -49.91 5.19 -4.57
CA LEU A 563 -49.17 5.57 -3.37
C LEU A 563 -49.95 5.18 -2.10
N PHE A 564 -51.27 5.07 -2.23
CA PHE A 564 -52.14 4.83 -1.07
C PHE A 564 -53.04 3.61 -1.25
N PRO A 565 -52.42 2.42 -1.39
CA PRO A 565 -53.22 1.21 -1.51
C PRO A 565 -53.91 0.97 -0.17
N MET A 566 -55.09 0.35 -0.19
CA MET A 566 -55.80 0.07 1.06
C MET A 566 -56.63 -1.18 0.86
N GLU A 567 -55.95 -2.32 0.85
CA GLU A 567 -56.58 -3.57 0.51
C GLU A 567 -56.88 -4.41 1.73
N LYS A 568 -58.13 -4.83 1.82
CA LYS A 568 -58.59 -5.60 2.96
C LYS A 568 -57.82 -6.90 3.19
N GLY A 569 -57.65 -7.69 2.12
CA GLY A 569 -56.88 -8.93 2.16
C GLY A 569 -55.46 -8.76 2.69
N PHE A 570 -54.76 -7.73 2.21
CA PHE A 570 -53.40 -7.44 2.67
C PHE A 570 -53.39 -7.25 4.18
N TRP A 571 -54.33 -6.43 4.68
CA TRP A 571 -54.32 -6.06 6.09
C TRP A 571 -54.83 -7.18 7.01
N GLU A 572 -55.74 -8.00 6.47
CA GLU A 572 -56.13 -9.20 7.18
C GLU A 572 -54.94 -10.12 7.40
N GLU A 573 -54.15 -10.32 6.35
CA GLU A 573 -52.93 -11.12 6.42
C GLU A 573 -51.93 -10.49 7.39
N GLU A 574 -51.75 -9.17 7.33
CA GLU A 574 -50.82 -8.44 8.17
C GLU A 574 -51.14 -8.62 9.66
N CYS A 575 -52.42 -8.45 10.00
CA CYS A 575 -52.92 -8.68 11.36
C CYS A 575 -52.64 -10.10 11.84
N ARG A 576 -52.88 -11.09 10.98
CA ARG A 576 -52.56 -12.47 11.30
C ARG A 576 -51.08 -12.63 11.64
N GLN A 577 -50.21 -12.09 10.78
CA GLN A 577 -48.78 -12.21 11.01
CA GLN A 577 -48.77 -12.17 10.99
C GLN A 577 -48.34 -11.50 12.28
N LEU A 578 -48.88 -10.31 12.54
CA LEU A 578 -48.55 -9.53 13.73
C LEU A 578 -48.93 -10.32 15.00
N ARG A 579 -50.14 -10.86 14.97
CA ARG A 579 -50.64 -11.66 16.06
C ARG A 579 -49.72 -12.84 16.35
N GLU A 580 -49.34 -13.55 15.30
CA GLU A 580 -48.34 -14.61 15.35
C GLU A 580 -46.98 -14.14 15.92
N TYR A 581 -46.47 -13.02 15.40
CA TYR A 581 -45.19 -12.44 15.82
C TYR A 581 -45.13 -12.04 17.28
N TYR A 582 -46.10 -11.23 17.71
CA TYR A 582 -46.18 -10.79 19.10
C TYR A 582 -46.22 -11.98 20.05
N GLY A 583 -47.05 -12.99 19.70
CA GLY A 583 -47.28 -14.14 20.54
C GLY A 583 -46.03 -14.98 20.72
N GLU A 584 -45.35 -15.26 19.61
CA GLU A 584 -44.11 -16.03 19.66
C GLU A 584 -42.96 -15.33 20.36
N ASN A 585 -42.76 -14.05 20.04
CA ASN A 585 -41.53 -13.34 20.40
C ASN A 585 -41.62 -12.42 21.62
N PHE A 586 -42.80 -11.87 21.88
CA PHE A 586 -43.02 -11.03 23.06
C PHE A 586 -43.72 -11.80 24.18
N GLY A 587 -44.65 -12.67 23.80
CA GLY A 587 -45.42 -13.47 24.78
C GLY A 587 -46.07 -12.57 25.82
N ALA A 588 -45.86 -12.91 27.09
CA ALA A 588 -46.44 -12.19 28.24
C ALA A 588 -45.83 -10.79 28.45
N ASP A 589 -44.68 -10.54 27.82
CA ASP A 589 -44.01 -9.24 27.92
C ASP A 589 -44.54 -8.18 26.96
N LEU A 590 -45.47 -8.56 26.08
CA LEU A 590 -46.15 -7.61 25.23
C LEU A 590 -47.11 -6.76 26.07
N PRO A 591 -46.92 -5.42 26.05
CA PRO A 591 -47.86 -4.52 26.73
C PRO A 591 -49.30 -4.69 26.21
N ARG A 592 -50.26 -4.66 27.13
CA ARG A 592 -51.67 -4.80 26.80
C ARG A 592 -52.10 -3.76 25.75
N ASP A 593 -51.64 -2.52 25.92
CA ASP A 593 -51.97 -1.43 24.98
C ASP A 593 -51.57 -1.73 23.54
N VAL A 594 -50.52 -2.50 23.32
CA VAL A 594 -50.10 -2.86 21.97
C VAL A 594 -51.12 -3.86 21.36
N MET A 595 -51.47 -4.88 22.14
CA MET A 595 -52.53 -5.83 21.77
C MET A 595 -53.88 -5.14 21.56
N ALA A 596 -54.23 -4.23 22.47
CA ALA A 596 -55.43 -3.40 22.29
C ALA A 596 -55.46 -2.65 20.94
N GLU A 597 -54.30 -2.14 20.50
CA GLU A 597 -54.24 -1.45 19.21
C GLU A 597 -54.36 -2.41 18.04
N LEU A 598 -53.77 -3.60 18.16
CA LEU A 598 -53.96 -4.66 17.15
C LEU A 598 -55.45 -4.98 17.01
N GLU A 599 -56.11 -5.16 18.15
CA GLU A 599 -57.56 -5.42 18.15
C GLU A 599 -58.37 -4.28 17.49
N GLY A 600 -57.92 -3.04 17.74
CA GLY A 600 -58.47 -1.86 17.08
C GLY A 600 -58.34 -1.90 15.57
N LEU A 601 -57.14 -2.25 15.09
CA LEU A 601 -56.87 -2.43 13.65
C LEU A 601 -57.75 -3.53 13.02
N GLU A 602 -57.81 -4.69 13.68
CA GLU A 602 -58.65 -5.79 13.24
C GLU A 602 -60.13 -5.35 13.13
N GLU A 603 -60.58 -4.51 14.10
CA GLU A 603 -61.95 -3.94 14.14
C GLU A 603 -62.22 -2.94 13.00
N ARG A 604 -61.24 -2.09 12.71
CA ARG A 604 -61.32 -1.16 11.61
C ARG A 604 -61.34 -1.92 10.28
N VAL A 605 -60.57 -3.01 10.23
CA VAL A 605 -60.51 -3.89 9.08
C VAL A 605 -61.85 -4.59 8.82
N ARG A 606 -62.53 -4.98 9.91
CA ARG A 606 -63.87 -5.54 9.83
C ARG A 606 -64.86 -4.64 9.09
N LYS A 607 -64.66 -3.32 9.19
CA LYS A 607 -65.51 -2.31 8.53
C LYS A 607 -65.30 -2.19 7.01
N MET A 608 -64.12 -2.60 6.52
CA MET A 608 -63.76 -2.54 5.10
C MET A 608 -64.65 -3.42 4.20
N LEU B 1 -0.68 45.98 55.62
CA LEU B 1 -0.06 44.76 56.23
C LEU B 1 0.95 45.20 57.29
N SER B 2 0.93 44.52 58.43
CA SER B 2 1.94 44.72 59.46
C SER B 2 2.16 43.44 60.25
N THR B 3 3.31 43.32 60.88
CA THR B 3 3.66 42.15 61.67
C THR B 3 3.23 42.32 63.12
N SER B 4 2.90 43.57 63.47
CA SER B 4 2.47 43.90 64.81
CA SER B 4 2.47 43.89 64.82
C SER B 4 0.99 43.55 64.95
N LEU B 5 0.70 42.72 65.92
CA LEU B 5 -0.65 42.30 66.16
C LEU B 5 -1.12 43.00 67.43
N SER B 6 -0.36 44.01 67.83
CA SER B 6 -0.58 44.77 69.05
C SER B 6 -1.95 45.42 69.08
N ALA B 7 -2.40 45.92 67.93
CA ALA B 7 -3.69 46.60 67.81
C ALA B 7 -4.86 45.68 68.13
N LEU B 8 -4.63 44.37 68.06
CA LEU B 8 -5.69 43.39 68.29
C LEU B 8 -6.10 43.41 69.75
N PRO B 9 -7.41 43.47 70.01
CA PRO B 9 -7.85 43.39 71.41
C PRO B 9 -7.82 41.94 71.86
N ALA B 10 -7.83 41.72 73.17
CA ALA B 10 -7.71 40.39 73.77
C ALA B 10 -8.57 39.33 73.08
N ALA B 11 -9.87 39.58 72.91
CA ALA B 11 -10.78 38.59 72.30
C ALA B 11 -10.42 38.18 70.87
N ALA B 12 -9.90 39.11 70.07
CA ALA B 12 -9.48 38.81 68.70
C ALA B 12 -8.14 38.08 68.72
N ARG B 13 -7.29 38.47 69.67
CA ARG B 13 -5.99 37.82 69.84
C ARG B 13 -6.13 36.34 70.14
N ASP B 14 -7.03 35.99 71.07
CA ASP B 14 -7.28 34.59 71.45
C ASP B 14 -7.64 33.75 70.23
N PHE B 15 -8.50 34.30 69.37
CA PHE B 15 -8.90 33.62 68.16
C PHE B 15 -7.72 33.38 67.20
N VAL B 16 -6.95 34.44 66.95
CA VAL B 16 -5.76 34.38 66.09
C VAL B 16 -4.71 33.39 66.62
N GLU B 17 -4.41 33.47 67.93
CA GLU B 17 -3.49 32.54 68.61
C GLU B 17 -3.84 31.09 68.34
N GLU B 18 -5.08 30.73 68.67
CA GLU B 18 -5.63 29.41 68.41
C GLU B 18 -5.51 29.01 66.92
N ALA B 19 -5.77 29.96 66.01
CA ALA B 19 -5.62 29.66 64.58
C ALA B 19 -4.16 29.38 64.21
N VAL B 20 -3.23 30.12 64.82
CA VAL B 20 -1.79 30.01 64.57
C VAL B 20 -1.23 28.69 65.09
N ARG B 21 -1.60 28.32 66.30
CA ARG B 21 -1.13 27.06 66.89
C ARG B 21 -1.61 25.87 66.06
N LEU B 22 -2.77 26.03 65.43
CA LEU B 22 -3.37 24.95 64.64
C LEU B 22 -2.75 24.81 63.25
N CYS B 23 -2.69 25.92 62.52
CA CYS B 23 -2.39 25.89 61.10
C CYS B 23 -0.89 25.99 60.80
N ARG B 24 -0.13 26.51 61.76
CA ARG B 24 1.33 26.71 61.63
C ARG B 24 1.80 27.47 60.39
N PRO B 25 1.33 28.72 60.22
CA PRO B 25 1.83 29.58 59.13
C PRO B 25 3.27 30.00 59.38
N ARG B 26 4.01 30.38 58.34
CA ARG B 26 5.37 30.90 58.49
C ARG B 26 5.35 32.31 59.10
N GLU B 27 4.47 33.16 58.56
CA GLU B 27 4.30 34.53 59.07
C GLU B 27 2.85 34.83 59.42
N VAL B 28 2.67 35.84 60.29
CA VAL B 28 1.35 36.32 60.65
C VAL B 28 1.29 37.82 60.39
N LEU B 29 0.31 38.22 59.59
CA LEU B 29 0.21 39.62 59.15
C LEU B 29 -1.17 40.18 59.41
N LEU B 30 -1.23 41.37 59.99
CA LEU B 30 -2.48 42.08 60.20
C LEU B 30 -2.80 43.03 59.03
N CYS B 31 -3.99 42.84 58.45
CA CYS B 31 -4.44 43.68 57.35
C CYS B 31 -5.05 45.00 57.83
N ASP B 32 -4.75 46.09 57.13
CA ASP B 32 -5.27 47.40 57.50
C ASP B 32 -6.27 47.98 56.48
N GLY B 33 -6.43 47.28 55.36
CA GLY B 33 -7.29 47.76 54.29
C GLY B 33 -6.80 48.99 53.52
N SER B 34 -5.52 49.32 53.65
CA SER B 34 -4.93 50.50 52.96
C SER B 34 -4.71 50.27 51.45
N GLU B 35 -4.51 51.37 50.71
CA GLU B 35 -4.15 51.26 49.30
C GLU B 35 -2.78 50.57 49.08
N GLU B 36 -1.77 50.93 49.88
CA GLU B 36 -0.41 50.31 49.83
C GLU B 36 -0.49 48.81 50.04
N GLU B 37 -1.32 48.39 51.00
CA GLU B 37 -1.54 46.96 51.25
C GLU B 37 -2.11 46.26 50.01
N GLY B 38 -3.10 46.90 49.39
CA GLY B 38 -3.63 46.43 48.12
C GLY B 38 -2.58 46.21 47.04
N LYS B 39 -1.71 47.20 46.85
CA LYS B 39 -0.63 47.11 45.87
C LYS B 39 0.31 45.98 46.21
N GLU B 40 0.64 45.89 47.49
CA GLU B 40 1.52 44.87 48.00
C GLU B 40 0.98 43.48 47.66
N LEU B 41 -0.29 43.27 47.96
CA LEU B 41 -0.95 41.98 47.71
C LEU B 41 -1.04 41.63 46.22
N LEU B 42 -1.32 42.64 45.41
CA LEU B 42 -1.39 42.49 43.95
C LEU B 42 -0.05 42.07 43.34
N ARG B 43 1.02 42.68 43.83
CA ARG B 43 2.39 42.38 43.36
CA ARG B 43 2.35 42.38 43.32
C ARG B 43 2.76 40.95 43.69
N GLY B 44 2.46 40.52 44.92
CA GLY B 44 2.74 39.15 45.37
C GLY B 44 2.03 38.10 44.53
N LEU B 45 0.73 38.34 44.28
CA LEU B 45 -0.09 37.43 43.49
C LEU B 45 0.33 37.33 42.02
N GLN B 46 0.79 38.44 41.45
CA GLN B 46 1.31 38.42 40.09
C GLN B 46 2.63 37.64 40.06
N ASP B 47 3.46 37.90 41.08
CA ASP B 47 4.70 37.15 41.31
C ASP B 47 4.47 35.65 41.47
N ASP B 48 3.35 35.27 42.08
CA ASP B 48 2.97 33.87 42.28
C ASP B 48 2.36 33.24 41.00
N GLY B 49 1.97 34.10 40.06
CA GLY B 49 1.33 33.67 38.82
C GLY B 49 -0.16 33.46 38.99
N VAL B 50 -0.71 33.93 40.10
CA VAL B 50 -2.14 33.78 40.38
C VAL B 50 -2.93 34.88 39.67
N LEU B 51 -2.39 36.10 39.67
CA LEU B 51 -3.00 37.23 38.98
C LEU B 51 -2.25 37.64 37.72
N HIS B 52 -3.02 37.99 36.69
CA HIS B 52 -2.51 38.50 35.43
C HIS B 52 -3.06 39.92 35.26
N PRO B 53 -2.20 40.87 34.85
CA PRO B 53 -2.66 42.25 34.69
C PRO B 53 -3.57 42.40 33.47
N LEU B 54 -4.37 43.45 33.48
CA LEU B 54 -5.27 43.77 32.37
C LEU B 54 -5.04 45.21 31.99
N PRO B 55 -3.93 45.50 31.26
CA PRO B 55 -3.48 46.87 31.01
C PRO B 55 -4.47 47.76 30.22
N LYS B 56 -5.50 47.15 29.60
CA LYS B 56 -6.53 47.91 28.90
C LYS B 56 -7.38 48.76 29.87
N TYR B 57 -7.43 48.35 31.13
CA TYR B 57 -8.23 49.07 32.15
C TYR B 57 -7.36 49.67 33.24
N ASP B 58 -8.02 50.19 34.27
CA ASP B 58 -7.37 50.90 35.37
C ASP B 58 -7.34 50.03 36.62
N ASN B 59 -6.18 49.43 36.89
CA ASN B 59 -5.99 48.61 38.07
C ASN B 59 -6.96 47.42 38.13
N CYS B 60 -7.09 46.72 37.00
CA CYS B 60 -7.90 45.51 36.93
C CYS B 60 -7.02 44.29 36.74
N TRP B 61 -7.47 43.15 37.24
CA TRP B 61 -6.63 41.95 37.33
C TRP B 61 -7.48 40.71 37.08
N LEU B 62 -6.84 39.68 36.54
CA LEU B 62 -7.49 38.41 36.24
C LEU B 62 -6.87 37.24 37.01
N ALA B 63 -7.72 36.45 37.64
CA ALA B 63 -7.31 35.19 38.24
C ALA B 63 -7.93 34.05 37.43
N ARG B 64 -7.19 32.96 37.31
CA ARG B 64 -7.73 31.71 36.77
C ARG B 64 -7.62 30.67 37.86
N THR B 65 -8.63 29.81 37.98
CA THR B 65 -8.65 28.82 39.07
C THR B 65 -8.50 27.40 38.52
N ASP B 66 -8.18 26.48 39.42
CA ASP B 66 -8.33 25.04 39.17
C ASP B 66 -9.79 24.76 38.79
N PRO B 67 -10.03 24.01 37.68
CA PRO B 67 -11.39 23.70 37.22
C PRO B 67 -12.26 22.96 38.26
N ARG B 68 -11.60 22.37 39.26
CA ARG B 68 -12.31 21.74 40.37
C ARG B 68 -12.76 22.73 41.46
N ASP B 69 -12.30 23.97 41.38
CA ASP B 69 -12.66 25.00 42.34
C ASP B 69 -13.22 26.23 41.62
N VAL B 70 -14.47 26.13 41.17
CA VAL B 70 -15.11 27.15 40.32
C VAL B 70 -16.46 27.67 40.83
N ALA B 71 -16.98 27.06 41.89
CA ALA B 71 -18.32 27.34 42.40
C ALA B 71 -18.44 26.87 43.83
N ARG B 72 -19.57 27.18 44.46
CA ARG B 72 -19.90 26.63 45.76
C ARG B 72 -20.06 25.11 45.65
N VAL B 73 -19.80 24.41 46.76
CA VAL B 73 -20.09 22.99 46.87
C VAL B 73 -21.07 22.77 48.02
N GLU B 74 -22.35 22.67 47.64
CA GLU B 74 -23.42 22.55 48.65
C GLU B 74 -23.31 21.29 49.51
N SER B 75 -22.89 20.19 48.88
CA SER B 75 -22.77 18.90 49.56
C SER B 75 -21.65 18.85 50.58
N LYS B 76 -20.74 19.82 50.52
CA LYS B 76 -19.62 19.91 51.45
C LYS B 76 -19.79 21.13 52.35
N THR B 77 -20.99 21.70 52.34
CA THR B 77 -21.33 22.81 53.23
C THR B 77 -22.24 22.27 54.35
N VAL B 78 -21.88 22.56 55.60
CA VAL B 78 -22.57 21.94 56.75
C VAL B 78 -22.94 22.91 57.88
N LEU B 79 -23.96 22.51 58.64
CA LEU B 79 -24.37 23.23 59.83
C LEU B 79 -24.06 22.37 61.04
N VAL B 80 -23.30 22.91 61.98
CA VAL B 80 -22.84 22.17 63.14
C VAL B 80 -23.59 22.66 64.38
N THR B 81 -24.47 21.80 64.90
CA THR B 81 -25.32 22.11 66.05
C THR B 81 -25.49 20.89 66.95
N PRO B 82 -25.71 21.11 68.26
CA PRO B 82 -25.89 20.04 69.24
C PRO B 82 -27.03 19.07 68.88
N GLU B 83 -28.13 19.61 68.35
CA GLU B 83 -29.29 18.82 67.97
C GLU B 83 -29.56 19.03 66.48
N GLN B 84 -29.65 17.93 65.74
CA GLN B 84 -29.93 17.97 64.31
C GLN B 84 -31.14 18.88 63.95
N SER B 85 -32.21 18.80 64.73
CA SER B 85 -33.43 19.55 64.43
C SER B 85 -33.26 21.07 64.57
N ASP B 86 -32.20 21.48 65.26
CA ASP B 86 -31.82 22.90 65.33
C ASP B 86 -31.49 23.39 63.93
N ALA B 87 -30.86 22.49 63.16
CA ALA B 87 -30.26 22.81 61.86
C ALA B 87 -31.17 22.51 60.67
N VAL B 88 -31.85 21.37 60.71
CA VAL B 88 -32.58 20.86 59.55
C VAL B 88 -33.85 20.14 60.01
N PRO B 89 -34.86 20.01 59.11
CA PRO B 89 -36.05 19.20 59.39
C PRO B 89 -35.69 17.70 59.35
N PRO B 90 -36.63 16.82 59.76
CA PRO B 90 -36.32 15.39 59.77
C PRO B 90 -35.77 14.89 58.45
N PRO B 91 -34.76 13.99 58.48
CA PRO B 91 -34.16 13.43 57.27
C PRO B 91 -35.25 12.82 56.40
N PRO B 92 -35.11 12.97 55.08
CA PRO B 92 -36.19 12.49 54.19
C PRO B 92 -36.46 11.00 54.41
N PRO B 93 -37.74 10.64 54.73
CA PRO B 93 -38.12 9.27 55.01
C PRO B 93 -37.77 8.28 53.90
N SER B 94 -37.78 8.76 52.65
CA SER B 94 -37.43 7.93 51.52
C SER B 94 -35.90 7.71 51.42
N GLY B 95 -35.17 8.40 52.29
CA GLY B 95 -33.74 8.14 52.46
C GLY B 95 -32.82 8.93 51.57
N GLY B 96 -33.41 9.70 50.66
CA GLY B 96 -32.63 10.50 49.72
C GLY B 96 -31.84 11.59 50.43
N PRO B 97 -30.93 12.26 49.71
CA PRO B 97 -30.05 13.24 50.33
C PRO B 97 -30.83 14.46 50.87
N PRO B 98 -30.39 15.01 52.02
CA PRO B 98 -31.10 16.15 52.58
C PRO B 98 -31.09 17.36 51.64
N GLN B 99 -32.21 18.07 51.60
CA GLN B 99 -32.44 19.12 50.59
C GLN B 99 -32.52 20.52 51.20
N LEU B 100 -32.34 20.63 52.51
CA LEU B 100 -32.49 21.93 53.18
C LEU B 100 -31.33 22.30 54.09
N GLY B 101 -30.16 21.73 53.85
CA GLY B 101 -28.99 21.93 54.71
C GLY B 101 -28.43 20.59 55.16
N ASN B 102 -27.13 20.54 55.45
CA ASN B 102 -26.48 19.31 55.86
C ASN B 102 -26.03 19.46 57.31
N TRP B 103 -26.66 18.71 58.21
CA TRP B 103 -26.27 18.74 59.60
C TRP B 103 -25.01 17.91 59.79
N MET B 104 -24.11 18.40 60.64
CA MET B 104 -22.96 17.64 61.10
C MET B 104 -22.86 17.85 62.61
N SER B 105 -22.67 16.76 63.36
CA SER B 105 -22.55 16.83 64.81
C SER B 105 -21.26 17.52 65.20
N PRO B 106 -21.24 18.17 66.39
CA PRO B 106 -19.99 18.74 66.92
C PRO B 106 -18.83 17.73 66.90
N ASN B 107 -19.07 16.50 67.35
CA ASN B 107 -18.01 15.46 67.37
CA ASN B 107 -18.01 15.48 67.37
C ASN B 107 -17.49 15.17 65.97
N ALA B 108 -18.40 15.03 65.01
CA ALA B 108 -18.02 14.80 63.61
C ALA B 108 -17.24 15.99 63.05
N PHE B 109 -17.65 17.18 63.44
CA PHE B 109 -16.99 18.41 62.97
C PHE B 109 -15.57 18.48 63.52
N GLN B 110 -15.41 18.22 64.81
CA GLN B 110 -14.09 18.28 65.42
C GLN B 110 -13.14 17.28 64.75
N ALA B 111 -13.62 16.05 64.56
CA ALA B 111 -12.81 15.08 63.85
C ALA B 111 -12.43 15.58 62.45
N ALA B 112 -13.39 16.16 61.74
CA ALA B 112 -13.14 16.73 60.40
C ALA B 112 -12.08 17.82 60.41
N VAL B 113 -12.11 18.71 61.40
CA VAL B 113 -11.11 19.79 61.53
C VAL B 113 -9.73 19.17 61.76
N GLN B 114 -9.69 18.14 62.61
CA GLN B 114 -8.43 17.49 62.99
C GLN B 114 -7.76 16.84 61.80
N GLU B 115 -8.57 16.36 60.88
CA GLU B 115 -8.13 15.71 59.63
C GLU B 115 -7.44 16.70 58.69
N ARG B 116 -7.89 17.96 58.73
CA ARG B 116 -7.58 18.96 57.70
C ARG B 116 -6.63 20.09 58.11
N PHE B 117 -6.93 20.76 59.21
CA PHE B 117 -6.25 22.03 59.54
C PHE B 117 -4.83 21.94 60.15
N PRO B 118 -4.53 20.91 60.97
CA PRO B 118 -3.17 20.91 61.55
C PRO B 118 -2.04 21.03 60.51
N GLY B 119 -1.26 22.11 60.64
CA GLY B 119 -0.15 22.41 59.75
C GLY B 119 -0.52 22.80 58.33
N CYS B 120 -1.81 23.10 58.10
CA CYS B 120 -2.28 23.37 56.74
C CYS B 120 -1.71 24.63 56.10
N MET B 121 -1.21 25.56 56.91
CA MET B 121 -0.65 26.81 56.38
C MET B 121 0.87 26.83 56.36
N ALA B 122 1.49 25.65 56.51
CA ALA B 122 2.95 25.56 56.46
C ALA B 122 3.52 26.28 55.24
N GLY B 123 4.53 27.12 55.48
CA GLY B 123 5.19 27.88 54.42
C GLY B 123 4.44 29.09 53.89
N ARG B 124 3.24 29.34 54.43
CA ARG B 124 2.36 30.41 53.95
C ARG B 124 2.14 31.46 55.04
N PRO B 125 1.92 32.74 54.66
CA PRO B 125 1.49 33.70 55.67
C PRO B 125 0.04 33.47 56.08
N LEU B 126 -0.27 33.76 57.34
CA LEU B 126 -1.65 33.86 57.78
C LEU B 126 -1.97 35.36 57.83
N TYR B 127 -3.02 35.74 57.10
CA TYR B 127 -3.51 37.10 57.10
C TYR B 127 -4.70 37.26 58.04
N VAL B 128 -4.65 38.30 58.88
CA VAL B 128 -5.72 38.65 59.81
C VAL B 128 -6.52 39.83 59.27
N ILE B 129 -7.80 39.56 58.99
CA ILE B 129 -8.71 40.53 58.36
C ILE B 129 -9.81 40.95 59.34
N PRO B 130 -9.65 42.09 60.01
CA PRO B 130 -10.76 42.62 60.80
C PRO B 130 -11.72 43.29 59.87
N PHE B 131 -12.99 42.89 59.90
CA PHE B 131 -13.94 43.44 58.94
C PHE B 131 -15.28 43.77 59.58
N SER B 132 -16.02 44.63 58.88
CA SER B 132 -17.34 45.02 59.32
C SER B 132 -18.35 44.81 58.21
N MET B 133 -19.54 44.34 58.61
CA MET B 133 -20.69 44.17 57.72
C MET B 133 -21.72 45.25 57.99
N GLY B 134 -22.01 46.04 56.97
CA GLY B 134 -23.03 47.07 57.04
C GLY B 134 -22.47 48.48 57.28
N PRO B 135 -23.28 49.52 57.04
CA PRO B 135 -22.91 50.92 57.38
C PRO B 135 -22.51 51.03 58.87
N PRO B 136 -21.30 51.55 59.15
CA PRO B 136 -20.69 51.74 60.48
C PRO B 136 -21.64 52.21 61.61
N THR B 137 -22.71 52.90 61.22
CA THR B 137 -23.59 53.63 62.14
C THR B 137 -25.03 53.07 62.11
N SER B 138 -25.21 51.99 61.34
CA SER B 138 -26.46 51.25 61.32
C SER B 138 -26.56 50.38 62.56
N PRO B 139 -27.73 50.36 63.23
CA PRO B 139 -27.92 49.45 64.36
C PRO B 139 -27.77 47.96 64.01
N LEU B 140 -27.88 47.64 62.72
CA LEU B 140 -27.77 46.24 62.27
C LEU B 140 -26.35 45.78 61.84
N ALA B 141 -25.36 46.67 61.93
CA ALA B 141 -23.98 46.35 61.52
C ALA B 141 -23.33 45.29 62.43
N LYS B 142 -22.58 44.35 61.84
CA LYS B 142 -21.89 43.32 62.62
C LYS B 142 -20.39 43.26 62.29
N LEU B 143 -19.61 42.69 63.19
CA LEU B 143 -18.15 42.63 63.07
C LEU B 143 -17.64 41.19 62.96
N GLY B 144 -16.48 41.05 62.32
CA GLY B 144 -15.81 39.75 62.22
C GLY B 144 -14.31 39.85 62.13
N VAL B 145 -13.65 38.71 62.32
CA VAL B 145 -12.24 38.58 62.04
C VAL B 145 -12.11 37.32 61.19
N GLN B 146 -11.62 37.47 59.96
CA GLN B 146 -11.27 36.33 59.12
C GLN B 146 -9.77 36.14 59.04
N VAL B 147 -9.33 34.93 59.34
CA VAL B 147 -7.95 34.54 59.05
C VAL B 147 -7.95 33.68 57.80
N THR B 148 -6.92 33.87 56.97
CA THR B 148 -6.81 33.16 55.70
C THR B 148 -5.35 33.08 55.28
N ASP B 149 -5.02 32.05 54.50
CA ASP B 149 -3.69 31.94 53.92
C ASP B 149 -3.68 32.36 52.43
N SER B 150 -4.73 33.04 51.99
CA SER B 150 -4.88 33.41 50.58
C SER B 150 -4.96 34.91 50.37
N PRO B 151 -3.93 35.50 49.73
CA PRO B 151 -3.96 36.92 49.38
C PRO B 151 -5.15 37.29 48.47
N TYR B 152 -5.58 36.34 47.64
CA TYR B 152 -6.74 36.54 46.75
C TYR B 152 -7.99 36.79 47.57
N VAL B 153 -8.17 35.98 48.60
CA VAL B 153 -9.25 36.15 49.55
C VAL B 153 -9.14 37.51 50.27
N VAL B 154 -7.93 37.89 50.72
CA VAL B 154 -7.75 39.17 51.39
C VAL B 154 -8.22 40.30 50.49
N LEU B 155 -7.77 40.30 49.24
CA LEU B 155 -8.11 41.35 48.30
C LEU B 155 -9.61 41.42 48.06
N SER B 156 -10.24 40.26 47.89
CA SER B 156 -11.66 40.17 47.64
C SER B 156 -12.47 40.61 48.86
N MET B 157 -12.05 40.21 50.05
CA MET B 157 -12.68 40.68 51.28
C MET B 157 -12.61 42.20 51.45
N ARG B 158 -11.53 42.80 50.98
CA ARG B 158 -11.32 44.24 51.10
C ARG B 158 -12.35 44.96 50.26
N ILE B 159 -12.63 44.41 49.09
CA ILE B 159 -13.65 44.93 48.17
C ILE B 159 -15.08 44.68 48.70
N MET B 160 -15.30 43.50 49.28
CA MET B 160 -16.66 43.05 49.63
C MET B 160 -17.13 43.43 51.03
N THR B 161 -16.21 43.85 51.88
CA THR B 161 -16.50 44.22 53.26
C THR B 161 -15.72 45.48 53.61
N ARG B 162 -15.92 45.97 54.83
CA ARG B 162 -15.15 47.10 55.32
C ARG B 162 -14.05 46.58 56.23
N VAL B 163 -12.83 46.50 55.67
CA VAL B 163 -11.66 46.00 56.36
C VAL B 163 -10.87 47.13 57.00
N GLY B 164 -10.45 46.92 58.24
CA GLY B 164 -9.59 47.88 58.91
C GLY B 164 -9.78 47.92 60.41
N PRO B 165 -9.12 48.89 61.07
CA PRO B 165 -9.06 49.11 62.50
C PRO B 165 -10.26 49.78 63.14
N ALA B 166 -11.12 50.45 62.36
CA ALA B 166 -12.35 51.06 62.90
C ALA B 166 -13.09 50.05 63.77
N VAL B 167 -12.85 48.78 63.44
CA VAL B 167 -13.50 47.60 64.00
C VAL B 167 -12.94 47.24 65.39
N LEU B 168 -11.68 47.61 65.60
CA LEU B 168 -10.92 47.09 66.74
CA LEU B 168 -10.90 47.11 66.74
C LEU B 168 -11.46 47.52 68.09
N GLN B 169 -11.84 48.79 68.21
CA GLN B 169 -12.46 49.32 69.43
C GLN B 169 -13.59 48.41 69.98
N ARG B 170 -14.43 47.90 69.08
CA ARG B 170 -15.73 47.41 69.48
C ARG B 170 -15.93 45.91 69.49
N LEU B 171 -14.94 45.14 69.07
CA LEU B 171 -15.13 43.69 69.15
C LEU B 171 -14.90 43.16 70.58
N ASP B 172 -16.02 42.84 71.23
CA ASP B 172 -16.03 42.09 72.47
C ASP B 172 -15.87 40.63 72.10
N ASP B 173 -16.40 39.75 72.93
CA ASP B 173 -16.65 38.40 72.51
C ASP B 173 -18.07 38.42 71.95
N ASP B 174 -18.16 38.37 70.63
CA ASP B 174 -19.42 38.29 69.91
C ASP B 174 -19.27 38.71 68.43
N PHE B 175 -18.07 39.21 68.06
CA PHE B 175 -17.65 39.22 66.65
C PHE B 175 -17.63 37.77 66.13
N VAL B 176 -17.78 37.64 64.80
CA VAL B 176 -17.72 36.35 64.12
C VAL B 176 -16.31 35.89 63.79
N ARG B 177 -15.97 34.70 64.30
CA ARG B 177 -14.65 34.10 64.11
C ARG B 177 -14.70 33.31 62.82
N CYS B 178 -13.91 33.73 61.84
CA CYS B 178 -13.92 33.11 60.53
C CYS B 178 -12.54 32.56 60.22
N LEU B 179 -12.46 31.24 60.13
CA LEU B 179 -11.21 30.53 59.84
C LEU B 179 -11.26 29.95 58.42
N HIS B 180 -10.29 30.34 57.60
CA HIS B 180 -10.18 29.84 56.24
C HIS B 180 -8.76 29.36 55.90
N SER B 181 -8.68 28.26 55.16
CA SER B 181 -7.43 27.83 54.54
C SER B 181 -7.70 27.19 53.18
N VAL B 182 -6.85 27.50 52.20
CA VAL B 182 -6.94 26.85 50.88
C VAL B 182 -6.55 25.35 50.96
N GLY B 183 -5.92 24.97 52.07
CA GLY B 183 -5.64 23.58 52.34
C GLY B 183 -4.49 22.97 51.57
N ARG B 184 -3.49 23.79 51.24
CA ARG B 184 -2.31 23.29 50.50
C ARG B 184 -0.99 23.72 51.15
N PRO B 185 -0.61 23.06 52.27
CA PRO B 185 0.65 23.43 52.93
C PRO B 185 1.85 23.26 51.99
N LEU B 186 2.87 24.08 52.19
CA LEU B 186 4.10 23.98 51.41
C LEU B 186 5.13 23.15 52.20
N PRO B 187 5.99 22.38 51.51
CA PRO B 187 6.12 22.25 50.07
C PRO B 187 5.00 21.39 49.48
N LEU B 188 4.67 21.63 48.21
CA LEU B 188 3.69 20.82 47.50
C LEU B 188 4.23 19.44 47.16
N THR B 189 3.34 18.45 47.23
CA THR B 189 3.66 17.08 46.80
C THR B 189 3.14 16.82 45.39
N GLU B 190 2.07 17.52 45.02
CA GLU B 190 1.50 17.47 43.67
C GLU B 190 1.37 18.89 43.12
N PRO B 191 1.50 19.06 41.78
CA PRO B 191 1.48 20.41 41.20
C PRO B 191 0.10 21.08 41.27
N LEU B 192 0.08 22.40 41.15
CA LEU B 192 -1.16 23.15 41.08
C LEU B 192 -1.62 23.25 39.65
N VAL B 193 -2.93 23.44 39.46
CA VAL B 193 -3.48 23.81 38.16
C VAL B 193 -3.69 25.32 38.22
N SER B 194 -3.18 26.03 37.22
CA SER B 194 -3.33 27.50 37.11
C SER B 194 -2.83 28.26 38.35
N SER B 195 -1.80 27.70 38.98
CA SER B 195 -1.20 28.29 40.19
C SER B 195 -2.21 28.52 41.31
N TRP B 196 -3.29 27.74 41.28
CA TRP B 196 -4.42 27.91 42.18
C TRP B 196 -4.45 26.83 43.27
N PRO B 197 -4.08 27.22 44.50
CA PRO B 197 -4.08 26.29 45.63
C PRO B 197 -5.51 25.96 46.07
N CYS B 198 -5.77 24.67 46.24
CA CYS B 198 -7.08 24.17 46.69
C CYS B 198 -6.97 22.67 47.00
N ASP B 199 -7.86 22.17 47.83
CA ASP B 199 -7.92 20.74 48.09
C ASP B 199 -9.37 20.26 47.90
N PRO B 200 -9.79 20.07 46.63
CA PRO B 200 -11.20 19.76 46.29
C PRO B 200 -11.81 18.57 47.02
N SER B 201 -11.05 17.49 47.17
CA SER B 201 -11.55 16.27 47.79
CA SER B 201 -11.54 16.27 47.79
C SER B 201 -11.90 16.45 49.27
N ARG B 202 -11.35 17.49 49.89
CA ARG B 202 -11.53 17.66 51.32
C ARG B 202 -12.15 19.00 51.71
N VAL B 203 -12.80 19.65 50.74
CA VAL B 203 -13.50 20.91 50.95
C VAL B 203 -14.57 20.77 52.04
N LEU B 204 -14.60 21.76 52.94
CA LEU B 204 -15.55 21.75 54.05
C LEU B 204 -15.84 23.19 54.43
N VAL B 205 -17.11 23.57 54.35
CA VAL B 205 -17.55 24.92 54.71
C VAL B 205 -18.55 24.75 55.83
N ALA B 206 -18.07 24.97 57.06
CA ALA B 206 -18.83 24.61 58.28
C ALA B 206 -19.26 25.86 59.04
N HIS B 207 -20.43 25.76 59.67
CA HIS B 207 -21.04 26.90 60.37
C HIS B 207 -21.44 26.46 61.77
N ILE B 208 -20.94 27.19 62.76
CA ILE B 208 -21.16 26.82 64.15
C ILE B 208 -21.75 28.04 64.86
N PRO B 209 -23.09 28.23 64.72
CA PRO B 209 -23.83 29.40 65.20
C PRO B 209 -23.66 29.69 66.68
N SER B 210 -23.72 28.67 67.52
CA SER B 210 -23.58 28.87 68.95
CA SER B 210 -23.60 28.94 68.94
C SER B 210 -22.16 29.30 69.36
N GLU B 211 -21.18 29.14 68.47
CA GLU B 211 -19.80 29.54 68.74
CA GLU B 211 -19.82 29.54 68.72
C GLU B 211 -19.49 30.83 67.97
N ARG B 212 -20.49 31.32 67.20
CA ARG B 212 -20.36 32.41 66.22
C ARG B 212 -19.15 32.18 65.33
N ARG B 213 -19.06 30.98 64.76
CA ARG B 213 -17.85 30.56 64.10
C ARG B 213 -18.13 29.96 62.73
N ILE B 214 -17.26 30.29 61.79
CA ILE B 214 -17.23 29.70 60.46
C ILE B 214 -15.84 29.14 60.23
N VAL B 215 -15.80 27.95 59.65
CA VAL B 215 -14.55 27.24 59.40
C VAL B 215 -14.61 26.69 57.96
N SER B 216 -13.69 27.15 57.11
CA SER B 216 -13.75 26.82 55.69
C SER B 216 -12.41 26.32 55.23
N PHE B 217 -12.42 25.16 54.57
CA PHE B 217 -11.19 24.48 54.15
C PHE B 217 -11.23 24.05 52.70
N GLY B 218 -10.11 24.24 51.98
CA GLY B 218 -9.91 23.59 50.69
C GLY B 218 -10.33 24.33 49.44
N SER B 219 -10.95 25.50 49.60
CA SER B 219 -11.44 26.25 48.43
C SER B 219 -11.06 27.72 48.52
N GLY B 220 -10.70 28.29 47.38
CA GLY B 220 -10.46 29.72 47.29
C GLY B 220 -11.59 30.48 46.63
N TYR B 221 -12.59 29.77 46.10
CA TYR B 221 -13.65 30.42 45.34
CA TYR B 221 -13.66 30.41 45.34
C TYR B 221 -14.66 31.14 46.21
N GLY B 222 -14.96 32.37 45.80
CA GLY B 222 -15.89 33.30 46.45
C GLY B 222 -16.84 32.84 47.53
N GLY B 223 -17.90 32.16 47.13
CA GLY B 223 -18.92 31.68 48.08
C GLY B 223 -18.40 30.79 49.19
N ASN B 224 -17.30 30.07 48.93
CA ASN B 224 -16.68 29.22 49.93
C ASN B 224 -15.66 29.92 50.83
N SER B 225 -15.07 30.99 50.32
CA SER B 225 -13.89 31.60 50.94
C SER B 225 -14.10 33.03 51.48
N LEU B 226 -15.06 33.76 50.91
CA LEU B 226 -15.43 35.09 51.41
C LEU B 226 -16.42 34.92 52.56
N LEU B 227 -15.90 34.79 53.76
CA LEU B 227 -16.70 34.25 54.86
C LEU B 227 -17.75 35.24 55.43
N GLY B 228 -17.54 36.54 55.20
CA GLY B 228 -18.51 37.56 55.61
C GLY B 228 -19.80 37.43 54.81
N LYS B 229 -19.71 36.82 53.64
CA LYS B 229 -20.76 36.90 52.63
C LYS B 229 -21.89 35.90 52.88
N LYS B 230 -21.84 34.72 52.23
CA LYS B 230 -22.86 33.69 52.43
C LYS B 230 -22.78 33.11 53.82
N CYS B 231 -21.57 32.77 54.25
CA CYS B 231 -21.37 32.04 55.52
C CYS B 231 -21.84 32.87 56.70
N PHE B 232 -21.37 34.12 56.78
CA PHE B 232 -21.80 34.99 57.87
C PHE B 232 -23.14 35.67 57.61
N ALA B 233 -23.22 36.42 56.53
CA ALA B 233 -24.32 37.35 56.35
C ALA B 233 -25.64 36.68 56.04
N LEU B 234 -25.58 35.43 55.59
CA LEU B 234 -26.79 34.62 55.45
C LEU B 234 -26.93 33.50 56.49
N ARG B 235 -25.99 32.56 56.53
CA ARG B 235 -26.19 31.36 57.35
C ARG B 235 -26.18 31.68 58.85
N ILE B 236 -25.09 32.27 59.33
CA ILE B 236 -24.97 32.62 60.75
C ILE B 236 -26.01 33.68 61.10
N ALA B 237 -26.13 34.70 60.25
CA ALA B 237 -27.04 35.81 60.49
C ALA B 237 -28.51 35.42 60.49
N SER B 238 -28.92 34.47 59.64
CA SER B 238 -30.33 34.05 59.61
C SER B 238 -30.77 33.47 60.95
N ARG B 239 -29.89 32.73 61.62
CA ARG B 239 -30.24 32.19 62.93
C ARG B 239 -30.26 33.29 63.99
N MET B 240 -29.30 34.20 63.92
CA MET B 240 -29.30 35.35 64.82
C MET B 240 -30.58 36.15 64.64
N ALA B 241 -30.94 36.39 63.38
CA ALA B 241 -32.15 37.13 63.01
C ALA B 241 -33.41 36.52 63.61
N GLN B 242 -33.55 35.21 63.47
CA GLN B 242 -34.68 34.46 64.00
C GLN B 242 -34.80 34.60 65.53
N GLN B 243 -33.66 34.62 66.20
CA GLN B 243 -33.65 34.71 67.66
CA GLN B 243 -33.57 34.71 67.67
C GLN B 243 -33.86 36.12 68.17
N GLN B 244 -33.52 37.11 67.34
CA GLN B 244 -33.55 38.50 67.77
C GLN B 244 -34.62 39.34 67.09
N GLY B 245 -35.45 38.71 66.26
CA GLY B 245 -36.61 39.37 65.67
C GLY B 245 -36.33 40.20 64.42
N TRP B 246 -35.36 39.78 63.62
CA TRP B 246 -35.12 40.42 62.33
C TRP B 246 -34.98 39.36 61.23
N LEU B 247 -34.53 39.78 60.04
CA LEU B 247 -34.42 38.89 58.88
C LEU B 247 -33.09 39.06 58.17
N ALA B 248 -32.42 37.96 57.88
CA ALA B 248 -31.24 37.96 56.99
C ALA B 248 -31.55 37.14 55.74
N GLU B 249 -31.58 37.80 54.58
CA GLU B 249 -32.17 37.19 53.38
C GLU B 249 -31.28 37.31 52.15
N HIS B 250 -31.44 36.35 51.24
CA HIS B 250 -30.76 36.30 49.96
C HIS B 250 -31.51 37.20 48.98
N MET B 251 -31.47 38.51 49.25
CA MET B 251 -32.27 39.49 48.51
C MET B 251 -31.48 40.72 48.08
N LEU B 252 -31.65 41.10 46.83
CA LEU B 252 -31.24 42.43 46.36
C LEU B 252 -32.13 43.49 47.03
N ILE B 253 -31.65 44.73 47.08
CA ILE B 253 -32.46 45.87 47.49
C ILE B 253 -32.25 46.95 46.44
N LEU B 254 -33.34 47.54 45.95
CA LEU B 254 -33.25 48.63 45.00
C LEU B 254 -34.31 49.67 45.29
N GLY B 255 -34.10 50.88 44.77
CA GLY B 255 -35.09 51.94 44.84
C GLY B 255 -35.62 52.21 43.46
N VAL B 256 -36.93 52.45 43.37
CA VAL B 256 -37.61 52.76 42.13
C VAL B 256 -38.19 54.16 42.27
N THR B 257 -37.89 55.03 41.32
CA THR B 257 -38.50 56.35 41.25
C THR B 257 -39.46 56.40 40.08
N SER B 258 -40.72 56.68 40.37
CA SER B 258 -41.73 56.85 39.33
C SER B 258 -41.56 58.20 38.63
N PRO B 259 -42.18 58.38 37.44
CA PRO B 259 -42.28 59.68 36.76
C PRO B 259 -42.81 60.82 37.64
N SER B 260 -43.68 60.53 38.60
CA SER B 260 -44.20 61.59 39.48
CA SER B 260 -44.21 61.57 39.50
C SER B 260 -43.17 62.01 40.53
N GLY B 261 -42.06 61.27 40.62
CA GLY B 261 -40.99 61.60 41.55
C GLY B 261 -41.02 60.82 42.85
N GLU B 262 -42.06 60.01 43.03
CA GLU B 262 -42.20 59.14 44.20
C GLU B 262 -41.19 58.01 44.15
N LYS B 263 -40.55 57.76 45.29
CA LYS B 263 -39.57 56.69 45.39
C LYS B 263 -40.02 55.60 46.37
N ARG B 264 -39.89 54.36 45.94
CA ARG B 264 -40.19 53.20 46.79
C ARG B 264 -39.06 52.20 46.69
N TYR B 265 -38.83 51.45 47.77
CA TYR B 265 -37.79 50.45 47.80
C TYR B 265 -38.38 49.04 47.80
N MET B 266 -37.69 48.13 47.13
CA MET B 266 -38.14 46.76 46.97
C MET B 266 -36.99 45.80 47.23
N ALA B 267 -37.32 44.62 47.76
CA ALA B 267 -36.34 43.55 47.92
C ALA B 267 -36.72 42.35 47.04
N ALA B 268 -35.73 41.68 46.48
CA ALA B 268 -36.03 40.52 45.64
C ALA B 268 -35.13 39.32 45.91
N ALA B 269 -35.77 38.20 46.23
CA ALA B 269 -35.08 36.92 46.43
C ALA B 269 -35.09 36.08 45.16
N PHE B 270 -33.96 36.08 44.44
CA PHE B 270 -33.78 35.20 43.27
C PHE B 270 -32.62 34.29 43.59
N PRO B 271 -32.68 33.00 43.17
CA PRO B 271 -31.54 32.14 43.44
C PRO B 271 -30.29 32.67 42.74
N SER B 272 -29.13 32.16 43.14
CA SER B 272 -27.84 32.59 42.55
C SER B 272 -27.90 32.47 41.03
N ALA B 273 -27.35 33.48 40.36
CA ALA B 273 -27.33 33.57 38.89
C ALA B 273 -28.72 33.53 38.24
N CYS B 274 -29.71 34.13 38.91
CA CYS B 274 -31.07 34.25 38.35
C CYS B 274 -31.56 35.70 38.23
N GLY B 275 -30.62 36.64 38.27
CA GLY B 275 -30.92 38.00 37.82
C GLY B 275 -30.87 39.15 38.80
N LYS B 276 -30.43 38.90 40.03
CA LYS B 276 -30.39 39.96 41.05
C LYS B 276 -29.55 41.18 40.68
N THR B 277 -28.31 40.95 40.24
CA THR B 277 -27.38 42.01 39.90
C THR B 277 -27.94 42.85 38.75
N ASN B 278 -28.42 42.17 37.71
CA ASN B 278 -28.98 42.88 36.56
C ASN B 278 -30.24 43.67 36.87
N LEU B 279 -30.99 43.26 37.88
CA LEU B 279 -32.18 44.01 38.30
C LEU B 279 -31.80 45.16 39.22
N ALA B 280 -30.92 44.90 40.18
CA ALA B 280 -30.47 45.92 41.15
C ALA B 280 -29.78 47.12 40.51
N MET B 281 -29.05 46.90 39.41
CA MET B 281 -28.43 48.03 38.71
C MET B 281 -28.93 48.21 37.28
N MET B 282 -30.18 47.82 37.05
CA MET B 282 -30.83 47.94 35.78
C MET B 282 -30.89 49.38 35.28
N THR B 283 -30.75 49.57 33.97
CA THR B 283 -31.09 50.82 33.32
CA THR B 283 -31.10 50.83 33.34
C THR B 283 -32.49 50.66 32.71
N PRO B 284 -33.50 51.33 33.29
CA PRO B 284 -34.88 51.08 32.86
C PRO B 284 -35.12 51.37 31.39
N SER B 285 -35.87 50.48 30.75
CA SER B 285 -36.27 50.65 29.37
C SER B 285 -37.53 51.50 29.26
N LEU B 286 -38.09 51.88 30.41
CA LEU B 286 -39.20 52.81 30.46
C LEU B 286 -38.74 54.19 30.83
N PRO B 287 -39.01 55.17 29.97
CA PRO B 287 -38.63 56.51 30.31
C PRO B 287 -39.41 57.00 31.53
N GLY B 288 -38.73 57.77 32.37
CA GLY B 288 -39.37 58.46 33.48
C GLY B 288 -39.12 57.68 34.74
N TRP B 289 -38.96 56.38 34.57
CA TRP B 289 -38.63 55.52 35.69
C TRP B 289 -37.13 55.47 35.94
N ARG B 290 -36.77 55.43 37.21
CA ARG B 290 -35.37 55.40 37.60
C ARG B 290 -35.12 54.32 38.62
N ILE B 291 -33.98 53.66 38.48
CA ILE B 291 -33.56 52.64 39.44
C ILE B 291 -32.32 53.10 40.17
N HIS B 292 -32.26 52.82 41.47
CA HIS B 292 -31.05 53.04 42.26
C HIS B 292 -30.70 51.72 42.96
N CYS B 293 -29.40 51.38 42.94
CA CYS B 293 -28.90 50.16 43.54
C CYS B 293 -28.61 50.36 45.04
N VAL B 294 -29.14 49.48 45.87
CA VAL B 294 -28.75 49.43 47.29
C VAL B 294 -27.85 48.21 47.54
N GLY B 295 -28.23 47.07 46.97
CA GLY B 295 -27.49 45.81 47.17
C GLY B 295 -27.93 44.77 46.15
N ASP B 296 -27.09 43.80 45.87
CA ASP B 296 -27.42 42.79 44.85
C ASP B 296 -27.42 41.33 45.36
N ASP B 297 -27.29 41.15 46.67
CA ASP B 297 -27.15 39.78 47.16
C ASP B 297 -27.77 39.50 48.53
N ILE B 298 -27.45 40.33 49.50
CA ILE B 298 -27.85 40.09 50.86
C ILE B 298 -28.56 41.31 51.46
N ALA B 299 -29.66 41.06 52.16
CA ALA B 299 -30.41 42.10 52.84
C ALA B 299 -30.60 41.73 54.30
N TRP B 300 -30.32 42.70 55.18
CA TRP B 300 -30.63 42.55 56.61
C TRP B 300 -31.78 43.49 56.93
N MET B 301 -32.89 42.92 57.40
CA MET B 301 -34.12 43.68 57.55
C MET B 301 -34.70 43.59 58.96
N LYS B 302 -35.22 44.73 59.43
CA LYS B 302 -35.83 44.81 60.75
C LYS B 302 -36.96 45.85 60.73
N PHE B 303 -38.06 45.57 61.44
CA PHE B 303 -39.14 46.54 61.57
C PHE B 303 -38.70 47.66 62.50
N ASP B 304 -38.95 48.90 62.11
CA ASP B 304 -38.63 50.02 62.98
C ASP B 304 -39.81 50.44 63.87
N ASP B 305 -39.62 51.62 64.49
CA ASP B 305 -40.54 52.33 65.39
C ASP B 305 -41.89 52.74 64.77
N GLU B 306 -41.88 53.01 63.46
CA GLU B 306 -43.09 53.23 62.68
C GLU B 306 -43.74 51.92 62.27
N GLY B 307 -43.04 50.81 62.49
CA GLY B 307 -43.46 49.51 61.96
C GLY B 307 -43.13 49.31 60.49
N ARG B 308 -42.24 50.13 59.93
CA ARG B 308 -41.80 49.97 58.54
C ARG B 308 -40.60 49.02 58.45
N LEU B 309 -40.64 48.09 57.51
CA LEU B 309 -39.57 47.12 57.31
C LEU B 309 -38.37 47.83 56.69
N ARG B 310 -37.29 47.91 57.46
CA ARG B 310 -36.11 48.66 57.06
C ARG B 310 -34.99 47.72 56.66
N ALA B 311 -34.37 47.97 55.52
CA ALA B 311 -33.36 47.07 54.99
C ALA B 311 -32.00 47.75 54.85
N ILE B 312 -30.95 47.04 55.22
CA ILE B 312 -29.59 47.45 54.85
C ILE B 312 -28.89 46.37 54.03
N ASN B 313 -27.94 46.82 53.19
CA ASN B 313 -27.00 45.92 52.53
C ASN B 313 -25.74 45.79 53.40
N PRO B 314 -25.45 44.58 53.93
CA PRO B 314 -24.26 44.47 54.79
C PRO B 314 -22.92 44.47 54.02
N GLU B 315 -23.00 44.42 52.69
CA GLU B 315 -21.81 44.29 51.86
C GLU B 315 -21.34 45.62 51.27
N ARG B 316 -20.08 45.63 50.82
CA ARG B 316 -19.42 46.81 50.29
C ARG B 316 -19.08 46.70 48.79
N GLY B 317 -19.34 45.55 48.18
CA GLY B 317 -18.98 45.33 46.78
C GLY B 317 -19.91 44.36 46.06
N PHE B 318 -19.68 44.16 44.76
CA PHE B 318 -20.44 43.21 43.96
C PHE B 318 -19.54 42.07 43.50
N PHE B 319 -20.04 40.86 43.67
CA PHE B 319 -19.37 39.65 43.23
C PHE B 319 -20.29 39.03 42.17
N GLY B 320 -20.29 39.64 40.99
CA GLY B 320 -21.30 39.36 39.99
C GLY B 320 -20.87 38.40 38.89
N VAL B 321 -21.81 37.56 38.46
CA VAL B 321 -21.66 36.72 37.26
C VAL B 321 -21.32 37.58 36.03
N ALA B 322 -20.22 37.23 35.37
CA ALA B 322 -19.74 38.01 34.24
C ALA B 322 -20.45 37.69 32.90
N PRO B 323 -20.47 36.41 32.49
CA PRO B 323 -21.09 36.08 31.20
C PRO B 323 -22.49 36.70 31.01
N GLY B 324 -22.71 37.29 29.85
CA GLY B 324 -23.95 37.96 29.55
C GLY B 324 -23.88 39.47 29.74
N THR B 325 -22.92 39.93 30.54
CA THR B 325 -22.74 41.37 30.80
C THR B 325 -22.28 42.10 29.54
N SER B 326 -23.05 43.13 29.16
CA SER B 326 -22.73 43.97 28.01
C SER B 326 -23.34 45.37 28.22
N SER B 327 -23.07 46.29 27.30
CA SER B 327 -23.69 47.61 27.31
C SER B 327 -25.20 47.52 27.03
N ARG B 328 -25.66 46.36 26.56
CA ARG B 328 -27.07 46.11 26.28
C ARG B 328 -27.79 45.62 27.53
N THR B 329 -27.17 44.66 28.22
CA THR B 329 -27.80 44.00 29.35
C THR B 329 -27.61 44.75 30.65
N ASN B 330 -26.41 45.28 30.87
CA ASN B 330 -26.08 45.92 32.13
C ASN B 330 -24.99 46.98 31.96
N PRO B 331 -25.34 48.12 31.32
CA PRO B 331 -24.34 49.19 31.18
C PRO B 331 -23.81 49.71 32.53
N ASN B 332 -24.63 49.67 33.57
CA ASN B 332 -24.17 50.05 34.90
C ASN B 332 -23.07 49.15 35.47
N ALA B 333 -23.15 47.85 35.19
CA ALA B 333 -22.09 46.92 35.57
C ALA B 333 -20.83 47.17 34.76
N MET B 334 -21.00 47.51 33.49
CA MET B 334 -19.90 47.87 32.61
C MET B 334 -19.09 49.05 33.13
N ALA B 335 -19.79 50.08 33.63
CA ALA B 335 -19.16 51.26 34.23
C ALA B 335 -18.47 50.93 35.56
N THR B 336 -19.05 49.99 36.30
CA THR B 336 -18.58 49.60 37.63
C THR B 336 -17.23 48.89 37.57
N ILE B 337 -17.11 47.99 36.61
CA ILE B 337 -15.98 47.04 36.50
C ILE B 337 -14.82 47.54 35.64
N ALA B 338 -14.89 48.81 35.23
CA ALA B 338 -13.86 49.44 34.40
C ALA B 338 -12.56 49.71 35.16
N ARG B 339 -12.64 49.70 36.50
CA ARG B 339 -11.47 49.99 37.33
C ARG B 339 -11.51 49.25 38.66
N ASN B 340 -10.33 49.02 39.23
CA ASN B 340 -10.17 48.45 40.58
C ASN B 340 -10.98 47.17 40.81
N THR B 341 -11.04 46.33 39.76
CA THR B 341 -11.87 45.13 39.74
C THR B 341 -11.00 43.90 39.52
N ILE B 342 -11.31 42.84 40.25
CA ILE B 342 -10.69 41.53 40.06
C ILE B 342 -11.65 40.61 39.31
N PHE B 343 -11.21 40.13 38.16
CA PHE B 343 -11.98 39.17 37.40
C PHE B 343 -11.47 37.75 37.68
N THR B 344 -12.39 36.81 37.78
CA THR B 344 -12.01 35.42 38.00
C THR B 344 -12.63 34.55 36.94
N ASN B 345 -11.78 33.84 36.21
CA ASN B 345 -12.15 32.85 35.20
C ASN B 345 -12.79 33.38 33.92
N VAL B 346 -12.55 34.64 33.61
CA VAL B 346 -12.96 35.19 32.31
C VAL B 346 -11.84 35.04 31.29
N GLY B 347 -12.14 35.34 30.03
CA GLY B 347 -11.16 35.28 28.97
C GLY B 347 -10.24 36.48 29.03
N LEU B 348 -9.02 36.29 28.53
CA LEU B 348 -8.04 37.35 28.39
C LEU B 348 -7.83 37.63 26.91
N ARG B 349 -7.81 38.92 26.57
CA ARG B 349 -7.58 39.31 25.19
C ARG B 349 -6.11 39.55 24.92
N SER B 350 -5.80 39.77 23.64
CA SER B 350 -4.48 40.19 23.24
C SER B 350 -4.31 41.70 23.41
N ASP B 351 -5.42 42.44 23.47
CA ASP B 351 -5.33 43.90 23.68
C ASP B 351 -5.27 44.27 25.17
N GLY B 352 -5.23 43.26 26.03
CA GLY B 352 -5.09 43.47 27.46
C GLY B 352 -6.40 43.68 28.19
N GLY B 353 -7.52 43.44 27.49
CA GLY B 353 -8.84 43.45 28.10
C GLY B 353 -9.37 42.06 28.39
N VAL B 354 -10.64 41.98 28.80
CA VAL B 354 -11.28 40.71 29.14
C VAL B 354 -12.31 40.30 28.10
N TYR B 355 -12.72 39.03 28.12
CA TYR B 355 -13.82 38.55 27.28
C TYR B 355 -14.72 37.47 27.94
N TRP B 356 -16.02 37.57 27.66
CA TRP B 356 -16.99 36.52 27.94
C TRP B 356 -18.10 36.59 26.87
N ASP B 357 -18.83 35.49 26.73
CA ASP B 357 -20.01 35.44 25.86
C ASP B 357 -20.94 36.59 26.21
N GLY B 358 -21.22 37.45 25.24
CA GLY B 358 -22.08 38.60 25.45
C GLY B 358 -21.37 39.95 25.45
N LEU B 359 -20.11 39.98 25.83
CA LEU B 359 -19.38 41.24 25.95
C LEU B 359 -19.25 41.96 24.60
N ASP B 360 -19.56 43.26 24.60
CA ASP B 360 -19.58 44.06 23.36
C ASP B 360 -18.66 45.28 23.46
N GLU B 361 -17.55 45.13 24.19
CA GLU B 361 -16.55 46.19 24.29
C GLU B 361 -15.84 46.28 22.94
N PRO B 362 -15.81 47.49 22.32
CA PRO B 362 -15.17 47.60 21.00
C PRO B 362 -13.76 47.02 21.03
N THR B 363 -13.48 46.17 20.05
CA THR B 363 -12.19 45.51 19.94
C THR B 363 -11.65 45.61 18.51
N GLU B 364 -10.34 45.73 18.38
CA GLU B 364 -9.69 45.85 17.06
C GLU B 364 -9.75 44.51 16.32
N PRO B 365 -9.71 44.55 14.97
CA PRO B 365 -9.63 43.30 14.20
C PRO B 365 -8.34 42.53 14.48
N GLY B 366 -8.44 41.20 14.53
CA GLY B 366 -7.26 40.36 14.72
C GLY B 366 -6.90 40.14 16.18
N VAL B 367 -7.72 40.69 17.09
CA VAL B 367 -7.55 40.45 18.52
C VAL B 367 -7.82 38.97 18.80
N THR B 368 -6.92 38.37 19.59
CA THR B 368 -6.99 36.96 19.91
C THR B 368 -7.33 36.75 21.40
N TYR B 369 -7.68 35.52 21.75
CA TYR B 369 -8.19 35.23 23.08
C TYR B 369 -7.48 34.06 23.73
N THR B 370 -7.33 34.14 25.05
CA THR B 370 -6.97 32.97 25.85
C THR B 370 -8.07 32.70 26.87
N SER B 371 -8.49 31.43 26.92
CA SER B 371 -9.61 31.02 27.78
C SER B 371 -9.24 31.00 29.25
N TRP B 372 -10.24 30.78 30.10
CA TRP B 372 -10.03 30.67 31.54
C TRP B 372 -9.15 29.47 31.90
N LEU B 373 -8.91 28.59 30.93
CA LEU B 373 -8.05 27.42 31.11
C LEU B 373 -6.63 27.65 30.59
N GLY B 374 -6.35 28.89 30.18
CA GLY B 374 -5.03 29.27 29.69
C GLY B 374 -4.63 28.54 28.41
N LYS B 375 -5.60 28.36 27.51
CA LYS B 375 -5.39 27.74 26.21
C LYS B 375 -5.85 28.73 25.13
N PRO B 376 -5.46 28.51 23.86
CA PRO B 376 -6.02 29.37 22.81
C PRO B 376 -7.53 29.19 22.65
N TRP B 377 -8.21 30.24 22.21
CA TRP B 377 -9.67 30.22 22.03
C TRP B 377 -10.14 31.14 20.90
N LYS B 378 -10.96 30.60 19.99
CA LYS B 378 -11.57 31.38 18.90
C LYS B 378 -13.10 31.32 18.98
N HIS B 379 -13.78 32.29 18.36
CA HIS B 379 -15.20 32.15 18.03
C HIS B 379 -15.34 31.16 16.87
N GLY B 380 -16.22 30.15 16.96
CA GLY B 380 -16.93 29.79 18.18
C GLY B 380 -16.58 28.35 18.51
N ASP B 381 -15.62 28.20 19.42
CA ASP B 381 -15.07 26.89 19.78
C ASP B 381 -16.01 26.10 20.69
N PRO B 382 -16.00 24.75 20.57
CA PRO B 382 -16.70 23.77 21.41
C PRO B 382 -16.88 24.19 22.88
N GLU B 383 -15.87 24.84 23.45
CA GLU B 383 -15.89 25.33 24.83
C GLU B 383 -16.02 26.85 24.91
N PRO B 384 -16.62 27.38 26.00
CA PRO B 384 -16.67 28.83 26.16
C PRO B 384 -15.33 29.43 26.60
N CYS B 385 -15.07 30.67 26.23
CA CYS B 385 -13.86 31.35 26.64
C CYS B 385 -13.80 31.53 28.15
N ALA B 386 -14.92 31.96 28.73
CA ALA B 386 -15.03 32.18 30.16
C ALA B 386 -15.91 31.09 30.76
N HIS B 387 -15.61 30.72 32.01
CA HIS B 387 -16.40 29.74 32.76
C HIS B 387 -17.81 30.29 33.03
N PRO B 388 -18.85 29.45 32.95
CA PRO B 388 -20.24 29.88 33.19
C PRO B 388 -20.46 30.54 34.56
N ASN B 389 -19.55 30.32 35.49
CA ASN B 389 -19.65 30.93 36.82
C ASN B 389 -18.54 31.96 37.05
N SER B 390 -17.89 32.41 35.97
CA SER B 390 -16.85 33.43 36.08
C SER B 390 -17.43 34.74 36.65
N ARG B 391 -16.58 35.54 37.28
CA ARG B 391 -17.04 36.65 38.12
C ARG B 391 -16.25 37.94 37.98
N PHE B 392 -16.92 39.07 38.21
CA PHE B 392 -16.22 40.31 38.56
C PHE B 392 -16.40 40.67 40.03
N CYS B 393 -15.36 41.25 40.61
CA CYS B 393 -15.37 41.68 42.00
C CYS B 393 -15.00 43.15 42.09
N ALA B 394 -16.01 43.97 42.30
CA ALA B 394 -15.86 45.42 42.16
C ALA B 394 -16.43 46.13 43.37
N PRO B 395 -15.82 47.25 43.79
CA PRO B 395 -16.39 47.99 44.93
C PRO B 395 -17.72 48.64 44.57
N ALA B 396 -18.65 48.67 45.53
CA ALA B 396 -19.99 49.21 45.33
C ALA B 396 -20.01 50.67 44.90
N ASP B 397 -19.10 51.47 45.45
CA ASP B 397 -19.08 52.92 45.20
C ASP B 397 -18.85 53.30 43.72
N GLN B 398 -18.41 52.33 42.93
CA GLN B 398 -18.13 52.54 41.51
C GLN B 398 -19.33 52.28 40.62
N CYS B 399 -20.40 51.71 41.17
CA CYS B 399 -21.65 51.60 40.44
C CYS B 399 -22.23 53.01 40.23
N PRO B 400 -22.56 53.34 38.97
CA PRO B 400 -23.04 54.68 38.60
C PRO B 400 -24.40 55.02 39.20
N ILE B 401 -25.18 54.00 39.56
CA ILE B 401 -26.52 54.25 40.06
C ILE B 401 -26.74 53.91 41.55
N MET B 402 -25.67 53.80 42.33
CA MET B 402 -25.80 53.55 43.77
C MET B 402 -26.74 54.56 44.38
N ASP B 403 -27.76 54.04 45.07
CA ASP B 403 -28.73 54.87 45.76
C ASP B 403 -28.01 55.76 46.73
N PRO B 404 -28.47 57.02 46.89
CA PRO B 404 -27.86 57.90 47.89
C PRO B 404 -27.99 57.37 49.33
N ARG B 405 -28.85 56.37 49.52
CA ARG B 405 -29.12 55.84 50.85
C ARG B 405 -28.47 54.46 51.08
N TRP B 406 -27.63 54.03 50.16
CA TRP B 406 -27.15 52.64 50.12
C TRP B 406 -26.30 52.22 51.35
N ASP B 407 -25.65 53.18 52.00
CA ASP B 407 -24.91 52.92 53.23
C ASP B 407 -25.46 53.72 54.42
N ASP B 408 -26.74 54.08 54.32
CA ASP B 408 -27.46 54.77 55.38
C ASP B 408 -27.71 53.84 56.55
N PRO B 409 -27.34 54.33 57.75
CA PRO B 409 -27.56 53.66 59.01
C PRO B 409 -29.02 53.22 59.19
N GLU B 410 -29.98 54.11 58.89
CA GLU B 410 -31.41 53.84 59.12
C GLU B 410 -31.96 52.65 58.31
N GLY B 411 -31.34 52.41 57.17
CA GLY B 411 -31.88 51.44 56.24
C GLY B 411 -32.97 52.09 55.39
N VAL B 412 -33.42 51.37 54.37
CA VAL B 412 -34.43 51.89 53.49
C VAL B 412 -35.76 51.13 53.71
N PRO B 413 -36.91 51.82 53.60
CA PRO B 413 -38.17 51.14 53.86
C PRO B 413 -38.66 50.30 52.68
N ILE B 414 -38.94 49.02 52.96
CA ILE B 414 -39.27 48.04 51.94
C ILE B 414 -40.79 47.90 51.80
N ASP B 415 -41.28 48.18 50.59
CA ASP B 415 -42.72 48.17 50.33
C ASP B 415 -43.16 46.95 49.50
N ALA B 416 -42.18 46.27 48.91
CA ALA B 416 -42.46 45.05 48.16
C ALA B 416 -41.31 44.07 48.33
N ILE B 417 -41.68 42.80 48.48
CA ILE B 417 -40.72 41.72 48.41
C ILE B 417 -41.08 40.81 47.24
N ILE B 418 -40.10 40.52 46.38
CA ILE B 418 -40.31 39.83 45.12
C ILE B 418 -39.52 38.52 45.09
N PHE B 419 -40.22 37.40 44.93
CA PHE B 419 -39.62 36.10 44.73
C PHE B 419 -39.54 35.81 43.24
N GLY B 420 -38.57 35.00 42.83
CA GLY B 420 -38.47 34.63 41.41
C GLY B 420 -37.33 33.66 41.13
N GLY B 421 -37.43 32.91 40.06
CA GLY B 421 -36.37 31.98 39.65
C GLY B 421 -36.55 31.68 38.17
N ARG B 422 -35.74 30.76 37.66
CA ARG B 422 -35.88 30.32 36.27
C ARG B 422 -36.93 29.22 36.12
N ARG B 423 -38.05 29.56 35.47
CA ARG B 423 -39.11 28.62 35.13
C ARG B 423 -39.42 28.76 33.63
N PRO B 424 -39.07 27.74 32.83
CA PRO B 424 -39.27 27.80 31.39
C PRO B 424 -40.74 27.79 30.95
N ARG B 425 -41.63 27.35 31.84
CA ARG B 425 -43.04 27.14 31.49
C ARG B 425 -43.99 27.41 32.67
N GLY B 426 -45.20 27.84 32.33
CA GLY B 426 -46.32 27.76 33.24
C GLY B 426 -46.45 28.87 34.26
N VAL B 427 -45.33 29.43 34.67
CA VAL B 427 -45.28 30.44 35.73
C VAL B 427 -45.27 31.84 35.11
N PRO B 428 -46.29 32.65 35.41
CA PRO B 428 -46.41 33.93 34.70
C PRO B 428 -45.30 34.92 35.02
N LEU B 429 -45.19 35.92 34.15
CA LEU B 429 -44.22 36.99 34.29
C LEU B 429 -44.24 37.65 35.67
N VAL B 430 -45.43 37.91 36.20
CA VAL B 430 -45.58 38.55 37.50
C VAL B 430 -46.95 38.24 38.11
N VAL B 431 -46.91 37.88 39.39
CA VAL B 431 -48.09 37.54 40.19
C VAL B 431 -47.95 38.24 41.55
N GLU B 432 -49.06 38.77 42.08
CA GLU B 432 -49.10 39.29 43.45
C GLU B 432 -49.90 38.34 44.35
N ALA B 433 -49.31 38.02 45.51
CA ALA B 433 -50.00 37.24 46.53
C ALA B 433 -51.28 37.91 47.03
N PHE B 434 -52.23 37.08 47.44
CA PHE B 434 -53.48 37.57 48.00
C PHE B 434 -53.32 38.17 49.41
N GLY B 435 -52.27 37.79 50.11
CA GLY B 435 -52.00 38.30 51.46
C GLY B 435 -50.72 37.69 51.97
N TRP B 436 -50.38 37.98 53.22
CA TRP B 436 -49.08 37.59 53.80
C TRP B 436 -48.85 36.05 53.81
N ARG B 437 -49.75 35.29 54.43
CA ARG B 437 -49.64 33.81 54.45
C ARG B 437 -49.48 33.22 53.03
N HIS B 438 -50.29 33.71 52.09
CA HIS B 438 -50.18 33.30 50.69
C HIS B 438 -48.81 33.58 50.08
N GLY B 439 -48.26 34.76 50.34
CA GLY B 439 -46.94 35.14 49.83
C GLY B 439 -45.82 34.32 50.43
N VAL B 440 -45.91 34.04 51.73
CA VAL B 440 -44.97 33.13 52.40
C VAL B 440 -45.02 31.74 51.77
N PHE B 441 -46.23 31.28 51.43
CA PHE B 441 -46.39 30.05 50.65
C PHE B 441 -45.72 30.12 49.27
N MET B 442 -45.97 31.19 48.52
CA MET B 442 -45.28 31.39 47.23
C MET B 442 -43.74 31.34 47.37
N GLY B 443 -43.20 32.07 48.33
CA GLY B 443 -41.77 31.97 48.67
C GLY B 443 -41.32 30.53 48.92
N SER B 444 -42.07 29.79 49.72
CA SER B 444 -41.72 28.40 50.07
C SER B 444 -41.77 27.48 48.86
N ALA B 445 -42.61 27.84 47.88
CA ALA B 445 -42.91 26.98 46.76
C ALA B 445 -42.00 27.26 45.57
N MET B 446 -41.07 28.18 45.73
CA MET B 446 -40.15 28.55 44.65
C MET B 446 -39.41 27.36 44.10
N ARG B 447 -39.36 27.29 42.78
CA ARG B 447 -38.51 26.33 42.09
C ARG B 447 -37.78 27.06 40.98
N SER B 448 -36.59 26.58 40.66
CA SER B 448 -35.73 27.28 39.72
C SER B 448 -34.78 26.26 39.08
N GLU B 449 -34.55 26.41 37.77
CA GLU B 449 -33.57 25.56 37.13
C GLU B 449 -32.16 25.84 37.69
N ALA B 450 -31.40 24.77 37.94
CA ALA B 450 -30.06 24.86 38.50
C ALA B 450 -29.17 25.73 37.60
N THR B 451 -28.24 26.46 38.22
CA THR B 451 -27.27 27.28 37.47
C THR B 451 -25.84 26.78 37.71
N ALA B 452 -24.85 27.53 37.23
CA ALA B 452 -23.45 27.18 37.44
C ALA B 452 -22.85 27.69 38.77
N ALA B 453 -23.69 28.26 39.63
CA ALA B 453 -23.23 28.86 40.89
C ALA B 453 -22.85 27.84 41.96
N ALA B 454 -23.31 26.59 41.78
CA ALA B 454 -22.92 25.46 42.61
C ALA B 454 -22.65 24.22 41.75
N GLU B 455 -22.72 23.03 42.35
CA GLU B 455 -22.32 21.80 41.65
C GLU B 455 -23.44 21.11 40.85
N HIS B 456 -24.66 21.64 40.90
CA HIS B 456 -25.79 20.98 40.28
C HIS B 456 -25.73 21.20 38.78
N LYS B 457 -25.67 20.11 38.03
CA LYS B 457 -25.40 20.18 36.60
C LYS B 457 -26.70 20.44 35.85
N GLY B 458 -26.57 21.34 34.88
CA GLY B 458 -27.70 22.02 34.28
C GLY B 458 -28.68 21.13 33.57
N GLY B 459 -29.91 21.59 33.48
CA GLY B 459 -30.34 22.79 34.20
C GLY B 459 -31.63 22.38 34.88
N ARG B 460 -31.53 21.37 35.72
CA ARG B 460 -32.68 20.73 36.35
C ARG B 460 -33.45 21.69 37.27
N LEU B 461 -34.78 21.56 37.22
CA LEU B 461 -35.67 22.31 38.11
C LEU B 461 -35.46 21.83 39.55
N MET B 462 -35.07 22.75 40.43
CA MET B 462 -34.84 22.44 41.84
C MET B 462 -35.68 23.34 42.73
N HIS B 463 -36.15 22.80 43.85
CA HIS B 463 -36.80 23.63 44.86
C HIS B 463 -35.78 24.56 45.50
N ASP B 464 -36.17 25.81 45.70
CA ASP B 464 -35.30 26.79 46.32
C ASP B 464 -36.16 27.77 47.11
N PRO B 465 -36.72 27.31 48.25
CA PRO B 465 -37.64 28.18 49.02
C PRO B 465 -36.97 29.47 49.47
N PHE B 466 -37.58 30.62 49.16
CA PHE B 466 -37.02 31.96 49.45
C PHE B 466 -35.64 32.24 48.85
N ALA B 467 -35.24 31.46 47.85
CA ALA B 467 -33.89 31.47 47.30
C ALA B 467 -32.83 31.15 48.37
N MET B 468 -33.28 30.48 49.44
CA MET B 468 -32.44 30.25 50.63
C MET B 468 -31.99 28.80 50.76
N ARG B 469 -32.29 27.95 49.78
CA ARG B 469 -31.98 26.51 49.93
C ARG B 469 -30.54 26.23 50.34
N PRO B 470 -29.56 26.86 49.66
CA PRO B 470 -28.16 26.63 50.03
C PRO B 470 -27.71 27.40 51.28
N PHE B 471 -28.57 28.26 51.80
CA PHE B 471 -28.14 29.28 52.78
C PHE B 471 -28.84 29.30 54.15
N PHE B 472 -29.72 28.34 54.43
CA PHE B 472 -30.35 28.23 55.75
C PHE B 472 -29.30 28.03 56.82
N GLY B 473 -29.42 28.77 57.93
CA GLY B 473 -28.53 28.59 59.08
C GLY B 473 -29.19 27.84 60.22
N TYR B 474 -30.45 27.48 60.03
CA TYR B 474 -31.23 26.75 61.01
C TYR B 474 -32.43 26.09 60.34
N ASN B 475 -33.17 25.28 61.10
CA ASN B 475 -34.30 24.49 60.60
C ASN B 475 -35.21 25.30 59.66
N ALA B 476 -35.27 24.88 58.39
CA ALA B 476 -36.03 25.61 57.37
C ALA B 476 -37.54 25.71 57.65
N GLY B 477 -38.11 24.73 58.33
CA GLY B 477 -39.50 24.83 58.78
C GLY B 477 -39.70 25.97 59.77
N ARG B 478 -38.75 26.11 60.71
CA ARG B 478 -38.76 27.22 61.68
C ARG B 478 -38.52 28.58 61.01
N TYR B 479 -37.74 28.57 59.94
CA TYR B 479 -37.54 29.79 59.14
C TYR B 479 -38.88 30.23 58.53
N LEU B 480 -39.65 29.26 58.02
CA LEU B 480 -40.97 29.56 57.48
C LEU B 480 -41.92 30.08 58.56
N GLU B 481 -41.86 29.46 59.74
CA GLU B 481 -42.60 29.90 60.92
C GLU B 481 -42.22 31.31 61.33
N HIS B 482 -40.94 31.63 61.26
CA HIS B 482 -40.43 32.98 61.54
C HIS B 482 -41.01 33.99 60.52
N TRP B 483 -41.08 33.62 59.24
CA TRP B 483 -41.71 34.47 58.23
C TRP B 483 -43.20 34.71 58.50
N LEU B 484 -43.91 33.64 58.84
CA LEU B 484 -45.31 33.73 59.25
C LEU B 484 -45.54 34.66 60.45
N SER B 485 -44.74 34.50 61.50
CA SER B 485 -44.81 35.34 62.70
C SER B 485 -44.47 36.79 62.43
N THR B 486 -43.57 37.01 61.47
CA THR B 486 -43.15 38.36 61.12
C THR B 486 -44.38 39.16 60.66
N GLY B 487 -45.28 38.51 59.92
CA GLY B 487 -46.48 39.17 59.40
C GLY B 487 -47.57 39.44 60.43
N LEU B 488 -47.37 38.90 61.64
CA LEU B 488 -48.27 39.11 62.76
C LEU B 488 -47.76 40.17 63.77
N ARG B 489 -46.60 40.75 63.47
CA ARG B 489 -45.97 41.80 64.29
C ARG B 489 -46.89 43.00 64.55
N SER B 490 -46.85 43.52 65.77
CA SER B 490 -47.68 44.67 66.15
C SER B 490 -47.28 45.95 65.43
N ASN B 491 -48.28 46.59 64.80
CA ASN B 491 -48.12 47.87 64.10
C ASN B 491 -47.25 47.81 62.84
N ALA B 492 -46.97 46.60 62.35
CA ALA B 492 -46.16 46.41 61.14
C ALA B 492 -46.79 46.98 59.86
N ARG B 493 -46.01 47.72 59.08
CA ARG B 493 -46.39 48.10 57.71
C ARG B 493 -45.77 47.06 56.76
N LEU B 494 -46.50 45.97 56.56
CA LEU B 494 -46.00 44.85 55.77
C LEU B 494 -45.88 45.20 54.30
N PRO B 495 -44.78 44.75 53.67
CA PRO B 495 -44.66 44.89 52.21
C PRO B 495 -45.59 43.92 51.51
N ARG B 496 -46.01 44.26 50.28
CA ARG B 496 -46.75 43.31 49.46
C ARG B 496 -45.76 42.29 48.89
N LEU B 497 -46.22 41.05 48.73
CA LEU B 497 -45.38 39.96 48.23
C LEU B 497 -45.74 39.57 46.79
N PHE B 498 -44.70 39.37 45.98
CA PHE B 498 -44.87 39.14 44.56
C PHE B 498 -44.02 37.97 44.14
N HIS B 499 -44.36 37.40 42.98
CA HIS B 499 -43.54 36.37 42.39
C HIS B 499 -43.37 36.68 40.89
N VAL B 500 -42.13 36.72 40.43
CA VAL B 500 -41.87 37.02 39.00
C VAL B 500 -41.18 35.85 38.30
N ASN B 501 -41.24 35.86 36.97
CA ASN B 501 -40.54 34.92 36.13
C ASN B 501 -40.07 35.59 34.84
N TRP B 502 -38.76 35.87 34.75
CA TRP B 502 -38.20 36.48 33.53
C TRP B 502 -37.95 35.45 32.44
N PHE B 503 -38.12 34.17 32.76
CA PHE B 503 -37.46 33.12 32.00
C PHE B 503 -38.37 32.12 31.27
N LEU B 504 -39.62 32.53 31.03
CA LEU B 504 -40.54 31.74 30.22
C LEU B 504 -39.96 31.54 28.84
N ARG B 505 -40.06 30.32 28.33
CA ARG B 505 -39.60 29.99 26.97
C ARG B 505 -40.78 29.84 26.03
N ASP B 506 -40.55 30.25 24.78
CA ASP B 506 -41.53 30.18 23.69
C ASP B 506 -41.37 28.92 22.85
N ASN B 507 -41.93 28.97 21.65
CA ASN B 507 -42.07 27.79 20.82
C ASN B 507 -40.98 27.71 19.76
N GLU B 508 -39.74 27.85 20.24
CA GLU B 508 -38.53 27.89 19.42
C GLU B 508 -37.47 26.88 19.90
N GLY B 509 -37.02 26.95 21.15
CA GLY B 509 -37.53 27.88 22.17
C GLY B 509 -36.56 28.86 22.81
N ARG B 510 -36.72 30.14 22.51
CA ARG B 510 -36.05 31.22 23.27
C ARG B 510 -37.02 31.91 24.25
N PHE B 511 -36.59 33.02 24.84
CA PHE B 511 -37.29 33.71 25.93
C PHE B 511 -38.43 34.59 25.41
N VAL B 512 -39.61 34.43 26.00
CA VAL B 512 -40.81 35.21 25.68
C VAL B 512 -40.64 36.68 26.11
N TRP B 513 -39.96 36.89 27.23
CA TRP B 513 -39.77 38.22 27.79
C TRP B 513 -38.32 38.68 27.57
N PRO B 514 -38.12 39.89 27.01
CA PRO B 514 -36.74 40.36 26.76
C PRO B 514 -35.91 40.60 28.03
N GLY B 515 -36.57 40.90 29.15
CA GLY B 515 -35.89 41.05 30.43
C GLY B 515 -34.95 42.25 30.48
N PHE B 516 -33.97 42.16 31.37
CA PHE B 516 -33.00 43.25 31.60
C PHE B 516 -33.72 44.58 31.84
N GLY B 517 -33.40 45.62 31.09
CA GLY B 517 -34.05 46.92 31.26
C GLY B 517 -35.58 46.87 31.18
N HIS B 518 -36.11 45.95 30.39
CA HIS B 518 -37.56 45.81 30.22
C HIS B 518 -38.25 45.33 31.50
N ASN B 519 -37.49 44.74 32.42
CA ASN B 519 -38.01 44.41 33.74
C ASN B 519 -38.53 45.60 34.52
N ALA B 520 -38.13 46.81 34.13
CA ALA B 520 -38.71 48.03 34.70
C ALA B 520 -40.22 48.12 34.45
N ARG B 521 -40.70 47.48 33.39
CA ARG B 521 -42.12 47.48 33.07
C ARG B 521 -42.89 46.74 34.15
N VAL B 522 -42.29 45.68 34.68
CA VAL B 522 -42.90 44.89 35.73
C VAL B 522 -42.80 45.63 37.07
N LEU B 523 -41.65 46.24 37.36
CA LEU B 523 -41.46 47.01 38.57
C LEU B 523 -42.40 48.21 38.64
N ALA B 524 -42.66 48.84 37.51
CA ALA B 524 -43.67 49.88 37.37
C ALA B 524 -45.07 49.41 37.82
N TRP B 525 -45.50 48.23 37.35
CA TRP B 525 -46.79 47.70 37.74
C TRP B 525 -46.82 47.39 39.26
N ILE B 526 -45.75 46.79 39.75
CA ILE B 526 -45.61 46.48 41.18
C ILE B 526 -45.67 47.75 42.03
N PHE B 527 -44.96 48.78 41.60
CA PHE B 527 -44.95 50.10 42.25
C PHE B 527 -46.37 50.63 42.45
N GLY B 528 -47.18 50.55 41.39
CA GLY B 528 -48.57 51.02 41.43
C GLY B 528 -49.44 50.21 42.35
N ARG B 529 -49.17 48.91 42.44
CA ARG B 529 -49.82 48.04 43.43
C ARG B 529 -49.51 48.44 44.88
N ILE B 530 -48.27 48.87 45.13
CA ILE B 530 -47.87 49.42 46.43
C ILE B 530 -48.59 50.74 46.75
N GLN B 531 -48.84 51.54 45.71
CA GLN B 531 -49.63 52.75 45.84
C GLN B 531 -51.11 52.45 46.11
N GLY B 532 -51.51 51.18 45.94
CA GLY B 532 -52.91 50.76 46.11
C GLY B 532 -53.81 50.90 44.88
N ARG B 533 -53.23 51.01 43.70
CA ARG B 533 -53.97 51.17 42.44
C ARG B 533 -54.70 49.91 41.98
N ASP B 534 -55.87 50.06 41.35
CA ASP B 534 -56.76 48.97 40.94
CA ASP B 534 -56.66 48.89 40.98
C ASP B 534 -56.39 48.45 39.54
N THR B 535 -55.23 47.81 39.42
CA THR B 535 -54.61 47.47 38.14
C THR B 535 -54.37 45.95 37.98
N ALA B 536 -55.09 45.17 38.80
CA ALA B 536 -54.94 43.72 38.86
C ALA B 536 -56.25 42.99 38.68
N ARG B 537 -56.19 41.81 38.08
CA ARG B 537 -57.31 40.88 38.05
C ARG B 537 -56.93 39.59 38.75
N PRO B 538 -57.91 38.90 39.37
CA PRO B 538 -57.58 37.71 40.13
C PRO B 538 -57.47 36.45 39.26
N THR B 539 -56.60 35.54 39.66
CA THR B 539 -56.44 34.24 39.01
C THR B 539 -56.32 33.21 40.10
N PRO B 540 -56.36 31.92 39.75
CA PRO B 540 -56.16 30.87 40.77
C PRO B 540 -54.84 30.97 41.56
N ILE B 541 -53.84 31.65 41.01
CA ILE B 541 -52.52 31.66 41.65
C ILE B 541 -52.17 32.98 42.36
N GLY B 542 -53.05 33.97 42.25
CA GLY B 542 -52.82 35.31 42.79
C GLY B 542 -53.32 36.37 41.83
N TRP B 543 -52.99 37.64 42.11
CA TRP B 543 -53.32 38.75 41.22
C TRP B 543 -52.33 38.81 40.08
N VAL B 544 -52.80 39.15 38.88
CA VAL B 544 -51.93 39.49 37.76
C VAL B 544 -52.33 40.86 37.24
N PRO B 545 -51.41 41.55 36.52
CA PRO B 545 -51.79 42.81 35.88
C PRO B 545 -52.85 42.59 34.83
N LYS B 546 -53.83 43.49 34.78
CA LYS B 546 -54.74 43.56 33.67
C LYS B 546 -53.92 43.95 32.46
N GLU B 547 -54.28 43.39 31.31
CA GLU B 547 -53.62 43.73 30.07
C GLU B 547 -53.87 45.20 29.89
N GLY B 548 -52.81 45.98 29.68
CA GLY B 548 -53.01 47.41 29.44
C GLY B 548 -52.76 48.26 30.69
N ASP B 549 -52.65 47.58 31.81
CA ASP B 549 -52.02 48.17 32.99
C ASP B 549 -50.57 47.68 33.11
N LEU B 550 -50.20 46.74 32.24
CA LEU B 550 -48.82 46.36 32.04
C LEU B 550 -48.34 46.99 30.75
N ASP B 551 -47.31 47.84 30.85
CA ASP B 551 -46.85 48.59 29.68
C ASP B 551 -45.99 47.74 28.76
N LEU B 552 -46.57 47.35 27.64
CA LEU B 552 -45.85 46.60 26.60
C LEU B 552 -45.61 47.46 25.36
N GLY B 553 -45.72 48.78 25.52
CA GLY B 553 -45.47 49.71 24.42
C GLY B 553 -44.01 49.63 23.99
N GLY B 554 -43.77 49.62 22.68
CA GLY B 554 -42.43 49.41 22.16
C GLY B 554 -41.94 47.96 22.20
N LEU B 555 -42.85 47.05 22.56
CA LEU B 555 -42.59 45.62 22.47
C LEU B 555 -43.62 44.95 21.55
N PRO B 556 -43.54 45.21 20.23
CA PRO B 556 -44.59 44.71 19.33
C PRO B 556 -44.58 43.18 19.21
N GLY B 557 -43.41 42.56 19.38
CA GLY B 557 -43.27 41.12 19.24
C GLY B 557 -43.78 40.34 20.44
N VAL B 558 -44.01 41.06 21.54
CA VAL B 558 -44.37 40.44 22.81
C VAL B 558 -45.89 40.46 23.04
N ASP B 559 -46.43 39.27 23.30
CA ASP B 559 -47.87 39.08 23.49
CA ASP B 559 -47.86 39.08 23.48
C ASP B 559 -48.20 38.89 24.96
N TYR B 560 -49.17 39.65 25.46
CA TYR B 560 -49.60 39.54 26.85
C TYR B 560 -49.98 38.11 27.22
N SER B 561 -50.72 37.42 26.36
CA SER B 561 -51.22 36.09 26.71
C SER B 561 -50.11 35.05 26.85
N GLN B 562 -48.98 35.28 26.18
CA GLN B 562 -47.77 34.44 26.29
C GLN B 562 -47.08 34.62 27.64
N LEU B 563 -47.23 35.81 28.22
CA LEU B 563 -46.62 36.16 29.50
C LEU B 563 -47.44 35.69 30.67
N PHE B 564 -48.73 35.45 30.46
CA PHE B 564 -49.62 35.02 31.55
C PHE B 564 -50.37 33.72 31.25
N PRO B 565 -49.61 32.61 31.09
CA PRO B 565 -50.27 31.32 30.89
C PRO B 565 -51.08 30.99 32.15
N MET B 566 -52.18 30.25 32.00
CA MET B 566 -53.00 29.86 33.16
C MET B 566 -53.58 28.49 32.90
N GLU B 567 -52.72 27.48 32.98
CA GLU B 567 -53.03 26.14 32.53
C GLU B 567 -53.32 25.24 33.72
N LYS B 568 -54.52 24.68 33.75
CA LYS B 568 -54.98 23.80 34.83
C LYS B 568 -54.04 22.61 35.07
N GLY B 569 -53.71 21.89 33.99
CA GLY B 569 -52.86 20.71 34.02
C GLY B 569 -51.50 20.99 34.62
N PHE B 570 -50.89 22.10 34.20
CA PHE B 570 -49.62 22.55 34.76
C PHE B 570 -49.69 22.71 36.28
N TRP B 571 -50.74 23.37 36.77
CA TRP B 571 -50.87 23.66 38.21
C TRP B 571 -51.29 22.47 39.03
N GLU B 572 -52.07 21.57 38.43
CA GLU B 572 -52.38 20.30 39.07
C GLU B 572 -51.08 19.55 39.36
N GLU B 573 -50.20 19.48 38.37
CA GLU B 573 -48.90 18.84 38.49
C GLU B 573 -48.05 19.56 39.52
N GLU B 574 -48.05 20.89 39.47
CA GLU B 574 -47.28 21.70 40.42
C GLU B 574 -47.66 21.42 41.85
N CYS B 575 -48.97 21.40 42.13
CA CYS B 575 -49.49 21.02 43.46
C CYS B 575 -49.05 19.64 43.92
N ARG B 576 -49.13 18.65 43.02
CA ARG B 576 -48.67 17.30 43.33
C ARG B 576 -47.18 17.31 43.76
N GLN B 577 -46.36 18.02 42.98
CA GLN B 577 -44.91 18.15 43.23
C GLN B 577 -44.67 18.80 44.59
N LEU B 578 -45.37 19.90 44.84
CA LEU B 578 -45.24 20.64 46.10
C LEU B 578 -45.65 19.76 47.30
N ARG B 579 -46.74 19.05 47.15
CA ARG B 579 -47.24 18.16 48.19
C ARG B 579 -46.20 17.06 48.56
N GLU B 580 -45.59 16.43 47.56
CA GLU B 580 -44.51 15.45 47.80
C GLU B 580 -43.25 16.11 48.39
N TYR B 581 -42.88 17.29 47.87
CA TYR B 581 -41.71 18.03 48.35
C TYR B 581 -41.82 18.41 49.83
N TYR B 582 -42.93 19.02 50.21
CA TYR B 582 -43.16 19.41 51.59
C TYR B 582 -43.13 18.19 52.53
N GLY B 583 -43.77 17.12 52.08
CA GLY B 583 -43.91 15.91 52.87
C GLY B 583 -42.59 15.23 53.12
N GLU B 584 -41.78 15.11 52.07
CA GLU B 584 -40.48 14.43 52.17
C GLU B 584 -39.48 15.26 52.95
N ASN B 585 -39.44 16.56 52.69
CA ASN B 585 -38.32 17.38 53.16
C ASN B 585 -38.58 18.24 54.38
N PHE B 586 -39.84 18.63 54.59
CA PHE B 586 -40.23 19.39 55.78
C PHE B 586 -40.89 18.50 56.83
N GLY B 587 -41.68 17.54 56.37
CA GLY B 587 -42.43 16.65 57.26
C GLY B 587 -43.22 17.44 58.28
N ALA B 588 -43.09 17.04 59.54
CA ALA B 588 -43.80 17.67 60.67
C ALA B 588 -43.38 19.14 60.93
N ASP B 589 -42.24 19.54 60.40
CA ASP B 589 -41.71 20.89 60.60
C ASP B 589 -42.31 21.93 59.65
N LEU B 590 -43.12 21.46 58.69
CA LEU B 590 -43.84 22.36 57.81
C LEU B 590 -44.96 23.05 58.59
N PRO B 591 -44.95 24.40 58.61
CA PRO B 591 -46.03 25.14 59.28
C PRO B 591 -47.39 24.84 58.65
N ARG B 592 -48.40 24.71 59.51
CA ARG B 592 -49.78 24.44 59.08
C ARG B 592 -50.27 25.46 58.05
N ASP B 593 -49.99 26.74 58.28
CA ASP B 593 -50.41 27.81 57.36
C ASP B 593 -49.88 27.64 55.94
N VAL B 594 -48.70 27.02 55.80
CA VAL B 594 -48.15 26.73 54.46
C VAL B 594 -48.97 25.64 53.77
N MET B 595 -49.23 24.54 54.49
CA MET B 595 -50.11 23.49 54.00
C MET B 595 -51.52 24.00 53.70
N ALA B 596 -52.07 24.83 54.59
CA ALA B 596 -53.37 25.46 54.34
C ALA B 596 -53.39 26.24 53.00
N GLU B 597 -52.29 26.92 52.68
CA GLU B 597 -52.19 27.65 51.40
C GLU B 597 -52.08 26.73 50.18
N LEU B 598 -51.36 25.63 50.31
CA LEU B 598 -51.33 24.62 49.27
C LEU B 598 -52.73 24.06 49.02
N GLU B 599 -53.45 23.70 50.08
CA GLU B 599 -54.88 23.29 50.00
C GLU B 599 -55.76 24.33 49.31
N GLY B 600 -55.55 25.61 49.62
CA GLY B 600 -56.27 26.69 48.96
C GLY B 600 -55.98 26.71 47.47
N LEU B 601 -54.72 26.57 47.11
CA LEU B 601 -54.32 26.58 45.70
C LEU B 601 -54.95 25.39 44.95
N GLU B 602 -54.86 24.20 45.53
CA GLU B 602 -55.54 23.02 45.00
C GLU B 602 -57.04 23.23 44.79
N GLU B 603 -57.70 23.76 45.81
CA GLU B 603 -59.14 24.06 45.71
C GLU B 603 -59.43 24.98 44.54
N ARG B 604 -58.64 26.05 44.41
CA ARG B 604 -58.83 27.05 43.36
C ARG B 604 -58.51 26.49 41.98
N VAL B 605 -57.50 25.62 41.90
CA VAL B 605 -57.11 24.99 40.63
C VAL B 605 -58.20 24.00 40.22
N ARG B 606 -58.63 23.17 41.16
CA ARG B 606 -59.73 22.20 40.94
C ARG B 606 -60.94 22.83 40.25
N LYS B 607 -61.26 24.07 40.64
CA LYS B 607 -62.44 24.79 40.14
C LYS B 607 -62.18 25.62 38.89
N MET B 608 -61.09 25.37 38.18
CA MET B 608 -60.84 26.08 36.91
C MET B 608 -61.02 25.17 35.69
N LEU C 1 0.71 -13.23 -15.08
CA LEU C 1 0.55 -13.89 -13.76
C LEU C 1 -0.49 -15.00 -13.86
N SER C 2 -0.17 -16.17 -13.33
CA SER C 2 -1.15 -17.23 -13.26
C SER C 2 -0.87 -18.11 -12.05
N THR C 3 -1.89 -18.86 -11.64
CA THR C 3 -1.79 -19.65 -10.43
C THR C 3 -1.36 -21.08 -10.74
N SER C 4 -1.44 -21.48 -12.01
CA SER C 4 -1.00 -22.82 -12.39
C SER C 4 0.50 -22.92 -12.63
N LEU C 5 1.08 -23.96 -12.01
CA LEU C 5 2.49 -24.33 -12.14
C LEU C 5 2.72 -25.51 -13.07
N SER C 6 1.62 -26.02 -13.64
CA SER C 6 1.66 -27.19 -14.52
CA SER C 6 1.64 -27.18 -14.54
C SER C 6 2.63 -27.04 -15.71
N ALA C 7 2.85 -25.81 -16.16
CA ALA C 7 3.80 -25.57 -17.25
C ALA C 7 5.28 -25.66 -16.84
N LEU C 8 5.56 -25.67 -15.54
CA LEU C 8 6.95 -25.80 -15.08
C LEU C 8 7.41 -27.25 -15.17
N PRO C 9 8.64 -27.49 -15.67
CA PRO C 9 9.27 -28.82 -15.56
C PRO C 9 9.60 -29.20 -14.12
N ALA C 10 9.76 -30.50 -13.91
CA ALA C 10 9.97 -31.11 -12.61
C ALA C 10 10.93 -30.40 -11.68
N ALA C 11 12.18 -30.24 -12.10
CA ALA C 11 13.21 -29.59 -11.26
C ALA C 11 12.85 -28.15 -10.84
N ALA C 12 12.34 -27.37 -11.78
CA ALA C 12 11.89 -26.00 -11.49
C ALA C 12 10.73 -25.98 -10.49
N ARG C 13 9.73 -26.84 -10.73
CA ARG C 13 8.63 -26.97 -9.78
C ARG C 13 9.12 -27.39 -8.39
N ASP C 14 10.06 -28.35 -8.31
CA ASP C 14 10.63 -28.79 -7.02
C ASP C 14 11.25 -27.61 -6.24
N PHE C 15 12.00 -26.77 -6.94
CA PHE C 15 12.68 -25.61 -6.35
C PHE C 15 11.69 -24.58 -5.79
N VAL C 16 10.73 -24.19 -6.62
CA VAL C 16 9.63 -23.31 -6.23
C VAL C 16 8.89 -23.89 -5.00
N GLU C 17 8.58 -25.18 -5.02
CA GLU C 17 7.84 -25.81 -3.92
C GLU C 17 8.66 -25.83 -2.63
N GLU C 18 9.96 -26.03 -2.76
CA GLU C 18 10.88 -25.97 -1.63
C GLU C 18 10.84 -24.59 -0.97
N ALA C 19 10.87 -23.54 -1.80
CA ALA C 19 10.86 -22.15 -1.33
C ALA C 19 9.51 -21.80 -0.70
N VAL C 20 8.45 -22.38 -1.26
CA VAL C 20 7.11 -22.20 -0.68
C VAL C 20 7.07 -22.76 0.73
N ARG C 21 7.54 -24.00 0.88
CA ARG C 21 7.57 -24.63 2.19
C ARG C 21 8.46 -23.80 3.13
N LEU C 22 9.65 -23.44 2.65
CA LEU C 22 10.57 -22.67 3.46
C LEU C 22 9.95 -21.33 3.87
N CYS C 23 9.49 -20.57 2.88
CA CYS C 23 9.19 -19.16 3.05
C CYS C 23 7.75 -18.88 3.47
N ARG C 24 6.87 -19.84 3.21
CA ARG C 24 5.45 -19.75 3.52
C ARG C 24 4.74 -18.51 2.94
N PRO C 25 4.79 -18.34 1.60
CA PRO C 25 4.03 -17.23 0.99
C PRO C 25 2.50 -17.40 1.12
N ARG C 26 1.78 -16.28 1.01
CA ARG C 26 0.31 -16.24 1.01
C ARG C 26 -0.25 -16.98 -0.19
N GLU C 27 0.39 -16.82 -1.34
CA GLU C 27 0.00 -17.49 -2.57
C GLU C 27 1.21 -17.62 -3.48
N VAL C 28 1.08 -18.36 -4.59
CA VAL C 28 2.18 -18.59 -5.53
C VAL C 28 1.71 -18.25 -6.95
N LEU C 29 2.48 -17.44 -7.65
CA LEU C 29 2.11 -16.95 -8.97
C LEU C 29 3.25 -17.10 -9.98
N LEU C 30 2.95 -17.69 -11.13
CA LEU C 30 3.91 -17.81 -12.22
C LEU C 30 3.83 -16.57 -13.11
N CYS C 31 4.97 -15.91 -13.33
CA CYS C 31 5.08 -14.75 -14.19
C CYS C 31 5.25 -15.18 -15.63
N ASP C 32 4.59 -14.46 -16.54
CA ASP C 32 4.66 -14.79 -17.97
C ASP C 32 5.35 -13.72 -18.83
N GLY C 33 5.70 -12.59 -18.22
CA GLY C 33 6.32 -11.46 -18.94
C GLY C 33 5.39 -10.67 -19.87
N SER C 34 4.08 -10.89 -19.74
CA SER C 34 3.10 -10.21 -20.61
C SER C 34 2.86 -8.74 -20.25
N GLU C 35 2.21 -8.06 -21.18
CA GLU C 35 1.83 -6.66 -20.99
C GLU C 35 0.81 -6.50 -19.86
N GLU C 36 -0.22 -7.34 -19.87
CA GLU C 36 -1.24 -7.35 -18.83
C GLU C 36 -0.67 -7.62 -17.44
N GLU C 37 0.29 -8.54 -17.37
CA GLU C 37 1.00 -8.81 -16.12
C GLU C 37 1.71 -7.56 -15.60
N GLY C 38 2.40 -6.84 -16.50
CA GLY C 38 3.08 -5.59 -16.14
C GLY C 38 2.13 -4.55 -15.56
N LYS C 39 0.98 -4.34 -16.23
CA LYS C 39 -0.03 -3.41 -15.74
C LYS C 39 -0.52 -3.82 -14.36
N GLU C 40 -0.83 -5.11 -14.22
CA GLU C 40 -1.31 -5.63 -12.96
C GLU C 40 -0.30 -5.34 -11.85
N LEU C 41 0.95 -5.69 -12.08
CA LEU C 41 2.02 -5.42 -11.09
C LEU C 41 2.15 -3.94 -10.72
N LEU C 42 2.07 -3.06 -11.74
CA LEU C 42 2.12 -1.61 -11.54
C LEU C 42 0.96 -1.10 -10.67
N ARG C 43 -0.25 -1.58 -10.98
CA ARG C 43 -1.45 -1.25 -10.21
C ARG C 43 -1.32 -1.61 -8.72
N GLY C 44 -0.81 -2.80 -8.42
CA GLY C 44 -0.64 -3.27 -7.05
C GLY C 44 0.35 -2.41 -6.29
N LEU C 45 1.47 -2.11 -6.94
CA LEU C 45 2.54 -1.34 -6.30
C LEU C 45 2.12 0.11 -6.01
N GLN C 46 1.31 0.68 -6.90
CA GLN C 46 0.76 2.01 -6.67
C GLN C 46 -0.24 2.01 -5.52
N ASP C 47 -1.18 1.07 -5.61
CA ASP C 47 -2.08 0.73 -4.52
C ASP C 47 -1.31 0.59 -3.16
N ASP C 48 -0.14 -0.09 -3.16
CA ASP C 48 0.73 -0.31 -1.98
C ASP C 48 1.45 0.94 -1.47
N GLY C 49 1.49 1.95 -2.35
CA GLY C 49 2.25 3.17 -2.12
C GLY C 49 3.74 3.05 -2.43
N VAL C 50 4.15 1.98 -3.09
CA VAL C 50 5.56 1.77 -3.42
C VAL C 50 5.92 2.58 -4.67
N LEU C 51 5.03 2.54 -5.67
CA LEU C 51 5.21 3.31 -6.89
C LEU C 51 4.33 4.55 -6.96
N HIS C 52 4.90 5.60 -7.52
CA HIS C 52 4.20 6.84 -7.79
C HIS C 52 4.24 7.09 -9.30
N PRO C 53 3.09 7.49 -9.89
CA PRO C 53 3.08 7.70 -11.34
C PRO C 53 3.85 8.97 -11.72
N LEU C 54 4.28 9.00 -12.98
CA LEU C 54 4.96 10.17 -13.53
C LEU C 54 4.24 10.57 -14.79
N PRO C 55 3.08 11.26 -14.64
CA PRO C 55 2.22 11.55 -15.79
C PRO C 55 2.86 12.38 -16.91
N LYS C 56 4.02 13.01 -16.67
CA LYS C 56 4.70 13.78 -17.73
C LYS C 56 5.25 12.89 -18.85
N TYR C 57 5.46 11.64 -18.53
CA TYR C 57 6.02 10.70 -19.49
C TYR C 57 5.04 9.59 -19.82
N ASP C 58 5.52 8.58 -20.55
CA ASP C 58 4.70 7.50 -21.05
C ASP C 58 4.97 6.20 -20.29
N ASN C 59 4.08 5.84 -19.38
CA ASN C 59 4.23 4.63 -18.56
C ASN C 59 5.56 4.59 -17.77
N CYS C 60 5.90 5.70 -17.10
CA CYS C 60 7.06 5.76 -16.21
C CYS C 60 6.62 5.90 -14.78
N TRP C 61 7.44 5.37 -13.85
CA TRP C 61 7.05 5.23 -12.46
C TRP C 61 8.24 5.50 -11.56
N LEU C 62 7.96 5.94 -10.33
CA LEU C 62 8.97 6.27 -9.36
C LEU C 62 8.78 5.49 -8.07
N ALA C 63 9.83 4.78 -7.65
CA ALA C 63 9.92 4.18 -6.33
C ALA C 63 10.84 5.00 -5.44
N ARG C 64 10.53 5.02 -4.14
CA ARG C 64 11.41 5.56 -3.13
C ARG C 64 11.71 4.44 -2.15
N THR C 65 12.96 4.36 -1.71
CA THR C 65 13.36 3.25 -0.83
C THR C 65 13.69 3.74 0.56
N ASP C 66 13.74 2.79 1.50
CA ASP C 66 14.30 2.98 2.81
C ASP C 66 15.74 3.48 2.58
N PRO C 67 16.17 4.55 3.28
CA PRO C 67 17.55 5.05 3.16
C PRO C 67 18.63 4.00 3.45
N ARG C 68 18.28 2.94 4.19
CA ARG C 68 19.21 1.85 4.51
C ARG C 68 19.34 0.83 3.37
N ASP C 69 18.49 0.95 2.36
CA ASP C 69 18.49 0.00 1.25
C ASP C 69 18.61 0.74 -0.09
N VAL C 70 19.77 1.31 -0.35
CA VAL C 70 19.99 2.22 -1.48
C VAL C 70 21.14 1.77 -2.41
N ALA C 71 21.86 0.73 -1.99
CA ALA C 71 23.05 0.31 -2.73
C ALA C 71 23.40 -1.13 -2.41
N ARG C 72 24.43 -1.65 -3.07
CA ARG C 72 24.93 -2.98 -2.75
C ARG C 72 25.57 -2.94 -1.37
N VAL C 73 25.60 -4.09 -0.70
CA VAL C 73 26.31 -4.22 0.57
C VAL C 73 27.37 -5.31 0.41
N GLU C 74 28.59 -4.89 0.09
CA GLU C 74 29.68 -5.82 -0.20
C GLU C 74 30.05 -6.70 0.99
N SER C 75 30.03 -6.12 2.19
CA SER C 75 30.32 -6.88 3.43
C SER C 75 29.29 -7.96 3.80
N LYS C 76 28.12 -7.92 3.16
CA LYS C 76 27.08 -8.92 3.42
C LYS C 76 26.88 -9.77 2.17
N THR C 77 27.82 -9.66 1.25
CA THR C 77 27.82 -10.47 0.05
C THR C 77 28.91 -11.55 0.18
N VAL C 78 28.53 -12.81 -0.03
CA VAL C 78 29.42 -13.94 0.30
C VAL C 78 29.45 -15.04 -0.77
N LEU C 79 30.54 -15.80 -0.75
CA LEU C 79 30.74 -16.92 -1.65
C LEU C 79 30.78 -18.15 -0.77
N VAL C 80 29.88 -19.10 -1.06
CA VAL C 80 29.76 -20.33 -0.27
C VAL C 80 30.38 -21.51 -1.03
N THR C 81 31.51 -21.99 -0.52
CA THR C 81 32.23 -23.11 -1.13
C THR C 81 32.75 -24.01 0.01
N PRO C 82 32.82 -25.34 -0.17
CA PRO C 82 33.39 -26.14 0.94
C PRO C 82 34.85 -25.82 1.26
N GLU C 83 35.61 -25.40 0.25
CA GLU C 83 37.02 -25.03 0.39
C GLU C 83 37.18 -23.51 0.27
N GLN C 84 37.58 -22.85 1.35
CA GLN C 84 37.80 -21.40 1.34
C GLN C 84 38.66 -20.91 0.18
N SER C 85 39.75 -21.62 -0.07
CA SER C 85 40.66 -21.30 -1.16
C SER C 85 40.05 -21.42 -2.57
N ASP C 86 38.88 -22.03 -2.70
CA ASP C 86 38.19 -22.02 -3.99
C ASP C 86 37.54 -20.65 -4.26
N ALA C 87 37.26 -19.93 -3.17
CA ALA C 87 36.54 -18.66 -3.23
C ALA C 87 37.46 -17.42 -3.21
N VAL C 88 38.48 -17.47 -2.36
CA VAL C 88 39.31 -16.30 -2.06
C VAL C 88 40.78 -16.71 -1.86
N PRO C 89 41.72 -15.76 -2.06
CA PRO C 89 43.11 -15.99 -1.68
C PRO C 89 43.27 -16.04 -0.14
N PRO C 90 44.45 -16.40 0.36
CA PRO C 90 44.66 -16.45 1.82
C PRO C 90 44.24 -15.17 2.54
N PRO C 91 43.56 -15.30 3.70
CA PRO C 91 43.17 -14.14 4.51
C PRO C 91 44.35 -13.23 4.73
N PRO C 92 44.14 -11.90 4.72
CA PRO C 92 45.27 -11.00 4.85
C PRO C 92 46.05 -11.25 6.16
N PRO C 93 47.36 -11.54 6.07
CA PRO C 93 48.18 -11.86 7.24
C PRO C 93 48.15 -10.78 8.33
N SER C 94 47.95 -9.52 7.95
CA SER C 94 47.90 -8.42 8.92
C SER C 94 46.56 -8.35 9.65
N GLY C 95 45.64 -9.23 9.27
CA GLY C 95 44.38 -9.41 9.98
C GLY C 95 43.22 -8.57 9.49
N GLY C 96 43.51 -7.60 8.62
CA GLY C 96 42.47 -6.73 8.07
C GLY C 96 41.39 -7.47 7.31
N PRO C 97 40.27 -6.79 7.00
CA PRO C 97 39.14 -7.44 6.36
C PRO C 97 39.54 -7.92 4.95
N PRO C 98 38.98 -9.06 4.51
CA PRO C 98 39.27 -9.55 3.16
C PRO C 98 38.82 -8.56 2.11
N GLN C 99 39.62 -8.43 1.04
CA GLN C 99 39.40 -7.40 0.01
C GLN C 99 39.01 -7.96 -1.36
N LEU C 100 38.88 -9.28 -1.47
CA LEU C 100 38.62 -9.92 -2.78
C LEU C 100 37.46 -10.91 -2.76
N GLY C 101 36.56 -10.75 -1.81
CA GLY C 101 35.42 -11.64 -1.64
C GLY C 101 35.33 -12.14 -0.21
N ASN C 102 34.13 -12.49 0.22
CA ASN C 102 33.91 -12.94 1.57
C ASN C 102 33.48 -14.39 1.52
N TRP C 103 34.33 -15.27 2.02
CA TRP C 103 34.01 -16.69 2.02
C TRP C 103 33.09 -17.00 3.19
N MET C 104 32.13 -17.89 2.96
CA MET C 104 31.30 -18.43 4.02
C MET C 104 31.20 -19.93 3.80
N SER C 105 31.42 -20.71 4.86
CA SER C 105 31.36 -22.16 4.78
C SER C 105 29.92 -22.62 4.54
N PRO C 106 29.74 -23.79 3.90
CA PRO C 106 28.40 -24.38 3.76
C PRO C 106 27.61 -24.49 5.09
N ASN C 107 28.26 -24.94 6.16
CA ASN C 107 27.65 -25.02 7.51
C ASN C 107 27.18 -23.65 8.00
N ALA C 108 28.04 -22.64 7.85
CA ALA C 108 27.70 -21.27 8.24
C ALA C 108 26.54 -20.75 7.38
N PHE C 109 26.58 -21.04 6.10
CA PHE C 109 25.48 -20.66 5.20
C PHE C 109 24.14 -21.31 5.60
N GLN C 110 24.15 -22.61 5.89
CA GLN C 110 22.94 -23.35 6.32
C GLN C 110 22.30 -22.67 7.52
N ALA C 111 23.14 -22.36 8.50
CA ALA C 111 22.67 -21.69 9.70
C ALA C 111 22.12 -20.28 9.38
N ALA C 112 22.83 -19.52 8.54
CA ALA C 112 22.35 -18.20 8.14
C ALA C 112 20.97 -18.22 7.44
N VAL C 113 20.75 -19.20 6.56
CA VAL C 113 19.45 -19.36 5.90
C VAL C 113 18.36 -19.69 6.93
N GLN C 114 18.69 -20.58 7.87
CA GLN C 114 17.70 -21.02 8.87
C GLN C 114 17.22 -19.86 9.73
N GLU C 115 18.14 -18.92 9.99
CA GLU C 115 17.86 -17.73 10.81
CA GLU C 115 17.83 -17.76 10.84
C GLU C 115 16.91 -16.76 10.10
N ARG C 116 16.98 -16.73 8.78
CA ARG C 116 16.30 -15.68 7.98
C ARG C 116 15.06 -16.09 7.20
N PHE C 117 15.16 -17.14 6.41
CA PHE C 117 14.11 -17.48 5.45
C PHE C 117 12.80 -18.11 6.00
N PRO C 118 12.88 -18.98 7.03
CA PRO C 118 11.62 -19.63 7.44
C PRO C 118 10.48 -18.62 7.72
N GLY C 119 9.39 -18.77 6.97
CA GLY C 119 8.20 -17.94 7.10
C GLY C 119 8.41 -16.49 6.63
N CYS C 120 9.51 -16.21 5.95
CA CYS C 120 9.81 -14.82 5.60
C CYS C 120 8.84 -14.14 4.59
N MET C 121 8.14 -14.94 3.79
CA MET C 121 7.16 -14.38 2.86
C MET C 121 5.72 -14.40 3.39
N ALA C 122 5.53 -14.63 4.70
CA ALA C 122 4.19 -14.70 5.26
C ALA C 122 3.37 -13.49 4.78
N GLY C 123 2.16 -13.73 4.27
CA GLY C 123 1.26 -12.67 3.90
C GLY C 123 1.58 -12.05 2.54
N ARG C 124 2.63 -12.54 1.88
CA ARG C 124 3.00 -12.03 0.56
C ARG C 124 2.91 -13.11 -0.52
N PRO C 125 2.67 -12.72 -1.77
CA PRO C 125 2.78 -13.71 -2.84
C PRO C 125 4.24 -14.06 -3.09
N LEU C 126 4.48 -15.30 -3.51
CA LEU C 126 5.77 -15.66 -4.08
C LEU C 126 5.58 -15.66 -5.60
N TYR C 127 6.39 -14.87 -6.29
CA TYR C 127 6.38 -14.81 -7.75
C TYR C 127 7.49 -15.68 -8.31
N VAL C 128 7.13 -16.48 -9.31
CA VAL C 128 8.08 -17.32 -10.02
C VAL C 128 8.44 -16.67 -11.35
N ILE C 129 9.71 -16.32 -11.50
CA ILE C 129 10.22 -15.67 -12.70
C ILE C 129 11.17 -16.61 -13.51
N PRO C 130 10.64 -17.28 -14.55
CA PRO C 130 11.56 -18.00 -15.41
C PRO C 130 12.23 -16.97 -16.29
N PHE C 131 13.55 -16.98 -16.39
CA PHE C 131 14.23 -15.94 -17.16
C PHE C 131 15.40 -16.48 -17.95
N SER C 132 15.81 -15.72 -18.95
CA SER C 132 16.92 -16.10 -19.79
C SER C 132 17.92 -14.95 -19.89
N MET C 133 19.19 -15.32 -19.82
CA MET C 133 20.29 -14.41 -20.05
C MET C 133 20.75 -14.67 -21.48
N GLY C 134 20.40 -13.73 -22.37
CA GLY C 134 20.41 -13.96 -23.83
C GLY C 134 19.04 -14.48 -24.26
N PRO C 135 18.71 -14.37 -25.57
CA PRO C 135 17.44 -14.94 -26.04
C PRO C 135 17.32 -16.43 -25.66
N PRO C 136 16.14 -16.84 -25.15
CA PRO C 136 15.89 -18.22 -24.66
C PRO C 136 16.11 -19.33 -25.67
N THR C 137 15.93 -19.01 -26.95
CA THR C 137 16.14 -19.99 -28.00
C THR C 137 17.60 -19.98 -28.48
N SER C 138 18.39 -19.05 -27.96
CA SER C 138 19.81 -18.97 -28.31
C SER C 138 20.58 -20.17 -27.78
N PRO C 139 21.60 -20.63 -28.53
CA PRO C 139 22.41 -21.77 -28.08
C PRO C 139 23.23 -21.43 -26.82
N LEU C 140 23.55 -20.15 -26.64
CA LEU C 140 24.37 -19.72 -25.49
C LEU C 140 23.53 -19.22 -24.33
N ALA C 141 22.22 -19.25 -24.49
CA ALA C 141 21.31 -18.80 -23.44
C ALA C 141 21.63 -19.54 -22.14
N LYS C 142 21.52 -18.83 -21.03
CA LYS C 142 21.59 -19.45 -19.70
C LYS C 142 20.33 -19.09 -18.92
N LEU C 143 19.66 -20.13 -18.46
CA LEU C 143 18.32 -20.05 -17.94
C LEU C 143 18.34 -20.06 -16.44
N GLY C 144 17.44 -19.27 -15.88
CA GLY C 144 17.28 -19.25 -14.44
C GLY C 144 15.81 -19.26 -14.07
N VAL C 145 15.58 -19.53 -12.79
CA VAL C 145 14.28 -19.33 -12.19
C VAL C 145 14.54 -18.49 -10.93
N GLN C 146 13.99 -17.28 -10.88
CA GLN C 146 14.05 -16.47 -9.66
C GLN C 146 12.69 -16.47 -8.99
N VAL C 147 12.68 -16.82 -7.71
CA VAL C 147 11.50 -16.59 -6.91
C VAL C 147 11.74 -15.35 -6.06
N THR C 148 10.69 -14.57 -5.85
CA THR C 148 10.76 -13.33 -5.07
C THR C 148 9.40 -12.99 -4.48
N ASP C 149 9.39 -12.23 -3.39
CA ASP C 149 8.14 -11.72 -2.82
C ASP C 149 7.89 -10.23 -3.18
N SER C 150 8.70 -9.70 -4.09
CA SER C 150 8.66 -8.27 -4.43
C SER C 150 8.23 -8.03 -5.87
N PRO C 151 7.05 -7.43 -6.08
CA PRO C 151 6.60 -7.07 -7.41
C PRO C 151 7.52 -6.07 -8.12
N TYR C 152 8.21 -5.23 -7.33
CA TYR C 152 9.23 -4.29 -7.83
C TYR C 152 10.37 -5.06 -8.51
N VAL C 153 10.82 -6.13 -7.85
CA VAL C 153 11.83 -7.04 -8.39
C VAL C 153 11.31 -7.73 -9.66
N VAL C 154 10.05 -8.18 -9.64
CA VAL C 154 9.49 -8.84 -10.81
C VAL C 154 9.54 -7.89 -12.01
N LEU C 155 9.07 -6.66 -11.83
CA LEU C 155 9.02 -5.67 -12.90
C LEU C 155 10.41 -5.38 -13.44
N SER C 156 11.37 -5.27 -12.53
CA SER C 156 12.74 -4.92 -12.88
C SER C 156 13.40 -6.08 -13.63
N MET C 157 13.16 -7.29 -13.17
CA MET C 157 13.66 -8.49 -13.87
C MET C 157 13.10 -8.62 -15.27
N ARG C 158 11.84 -8.23 -15.45
CA ARG C 158 11.19 -8.24 -16.76
C ARG C 158 11.91 -7.31 -17.72
N ILE C 159 12.33 -6.17 -17.21
CA ILE C 159 13.04 -5.17 -18.04
C ILE C 159 14.47 -5.66 -18.33
N MET C 160 15.11 -6.22 -17.30
CA MET C 160 16.55 -6.52 -17.32
C MET C 160 16.93 -7.89 -17.92
N THR C 161 15.95 -8.79 -17.99
CA THR C 161 16.16 -10.13 -18.56
C THR C 161 15.02 -10.50 -19.53
N ARG C 162 15.10 -11.69 -20.12
CA ARG C 162 13.98 -12.25 -20.90
C ARG C 162 13.10 -13.11 -20.00
N VAL C 163 11.85 -12.71 -19.89
CA VAL C 163 10.83 -13.43 -19.15
C VAL C 163 9.67 -13.51 -20.17
N GLY C 164 9.22 -14.72 -20.46
CA GLY C 164 8.27 -14.93 -21.58
C GLY C 164 8.00 -16.40 -21.84
N PRO C 165 7.05 -16.69 -22.75
CA PRO C 165 6.74 -18.11 -23.00
C PRO C 165 8.00 -18.91 -23.35
N ALA C 166 8.79 -18.38 -24.29
CA ALA C 166 9.95 -19.05 -24.86
C ALA C 166 10.94 -19.55 -23.82
N VAL C 167 10.97 -18.87 -22.68
CA VAL C 167 11.85 -19.26 -21.59
C VAL C 167 11.29 -20.52 -20.94
N LEU C 168 10.00 -20.51 -20.63
CA LEU C 168 9.31 -21.69 -20.09
C LEU C 168 9.46 -22.88 -21.00
N GLN C 169 9.19 -22.68 -22.28
CA GLN C 169 9.26 -23.73 -23.30
C GLN C 169 10.60 -24.47 -23.34
N ARG C 170 11.69 -23.74 -23.13
CA ARG C 170 13.07 -24.28 -23.21
C ARG C 170 13.63 -24.76 -21.89
N LEU C 171 12.99 -24.37 -20.79
CA LEU C 171 13.57 -24.56 -19.44
C LEU C 171 13.65 -26.05 -19.10
N ASP C 172 14.77 -26.43 -18.51
CA ASP C 172 15.15 -27.82 -18.30
C ASP C 172 15.46 -28.04 -16.80
N ASP C 173 16.31 -29.01 -16.53
CA ASP C 173 16.94 -29.17 -15.23
C ASP C 173 18.22 -28.34 -15.22
N ASP C 174 18.54 -27.78 -16.38
CA ASP C 174 19.74 -26.97 -16.59
C ASP C 174 19.44 -25.47 -16.41
N PHE C 175 19.62 -24.97 -15.17
CA PHE C 175 19.30 -23.58 -14.83
C PHE C 175 19.76 -23.17 -13.44
N VAL C 176 19.87 -21.87 -13.21
CA VAL C 176 20.25 -21.38 -11.90
C VAL C 176 19.03 -21.14 -11.01
N ARG C 177 19.13 -21.65 -9.79
CA ARG C 177 18.11 -21.47 -8.79
C ARG C 177 18.35 -20.20 -7.98
N CYS C 178 17.47 -19.20 -8.14
CA CYS C 178 17.66 -17.89 -7.52
C CYS C 178 16.53 -17.63 -6.53
N LEU C 179 16.88 -17.55 -5.26
CA LEU C 179 15.92 -17.35 -4.18
C LEU C 179 16.08 -15.97 -3.56
N HIS C 180 15.00 -15.18 -3.61
CA HIS C 180 15.04 -13.81 -3.08
C HIS C 180 13.86 -13.53 -2.17
N SER C 181 14.14 -12.78 -1.10
CA SER C 181 13.10 -12.25 -0.25
C SER C 181 13.55 -10.91 0.30
N VAL C 182 12.62 -9.95 0.34
CA VAL C 182 12.87 -8.68 1.04
C VAL C 182 12.97 -8.83 2.57
N GLY C 183 12.54 -9.97 3.09
CA GLY C 183 12.73 -10.34 4.48
C GLY C 183 11.87 -9.54 5.44
N ARG C 184 10.63 -9.26 5.04
CA ARG C 184 9.67 -8.61 5.94
C ARG C 184 8.32 -9.29 5.96
N PRO C 185 8.20 -10.45 6.64
CA PRO C 185 6.91 -11.14 6.67
C PRO C 185 5.80 -10.24 7.21
N LEU C 186 4.56 -10.51 6.79
CA LEU C 186 3.40 -9.81 7.30
C LEU C 186 2.62 -10.61 8.30
N PRO C 187 1.81 -9.92 9.12
CA PRO C 187 1.83 -8.46 9.30
C PRO C 187 3.04 -7.92 10.07
N LEU C 188 3.38 -6.66 9.85
CA LEU C 188 4.58 -6.04 10.40
C LEU C 188 4.51 -5.81 11.92
N THR C 189 5.68 -5.88 12.56
CA THR C 189 5.83 -5.51 13.98
C THR C 189 6.34 -4.07 14.11
N GLU C 190 7.05 -3.60 13.08
CA GLU C 190 7.66 -2.27 13.01
C GLU C 190 7.25 -1.63 11.68
N PRO C 191 7.06 -0.29 11.64
CA PRO C 191 6.64 0.34 10.39
C PRO C 191 7.72 0.34 9.32
N LEU C 192 7.31 0.52 8.07
CA LEU C 192 8.26 0.68 6.97
C LEU C 192 8.65 2.15 6.85
N VAL C 193 9.79 2.40 6.24
CA VAL C 193 10.13 3.74 5.72
C VAL C 193 9.85 3.75 4.22
N SER C 194 9.11 4.76 3.76
CA SER C 194 8.74 4.91 2.35
C SER C 194 8.03 3.71 1.75
N SER C 195 7.27 2.98 2.58
CA SER C 195 6.54 1.78 2.18
C SER C 195 7.44 0.72 1.57
N TRP C 196 8.72 0.77 1.95
CA TRP C 196 9.76 -0.08 1.37
C TRP C 196 10.17 -1.23 2.30
N PRO C 197 9.73 -2.46 1.97
CA PRO C 197 10.09 -3.62 2.77
C PRO C 197 11.54 -4.04 2.57
N CYS C 198 12.27 -4.16 3.68
CA CYS C 198 13.65 -4.57 3.70
C CYS C 198 14.07 -4.95 5.14
N ASP C 199 15.15 -5.71 5.29
CA ASP C 199 15.68 -6.07 6.60
C ASP C 199 17.19 -5.81 6.60
N PRO C 200 17.57 -4.53 6.67
CA PRO C 200 18.97 -4.11 6.50
C PRO C 200 19.97 -4.84 7.40
N SER C 201 19.63 -5.08 8.67
CA SER C 201 20.57 -5.68 9.60
C SER C 201 20.90 -7.14 9.26
N ARG C 202 20.08 -7.78 8.46
CA ARG C 202 20.21 -9.21 8.19
C ARG C 202 20.39 -9.54 6.73
N VAL C 203 20.70 -8.50 5.95
CA VAL C 203 20.97 -8.65 4.51
C VAL C 203 22.05 -9.69 4.27
N LEU C 204 21.80 -10.54 3.27
CA LEU C 204 22.74 -11.59 2.91
C LEU C 204 22.57 -11.90 1.42
N VAL C 205 23.65 -11.77 0.67
CA VAL C 205 23.61 -12.05 -0.76
C VAL C 205 24.63 -13.18 -1.01
N ALA C 206 24.14 -14.41 -1.10
CA ALA C 206 25.00 -15.58 -1.10
C ALA C 206 25.01 -16.32 -2.44
N HIS C 207 26.16 -16.91 -2.77
CA HIS C 207 26.42 -17.53 -4.06
C HIS C 207 27.00 -18.88 -3.81
N ILE C 208 26.33 -19.91 -4.34
CA ILE C 208 26.72 -21.30 -4.11
C ILE C 208 26.90 -22.00 -5.47
N PRO C 209 28.08 -21.81 -6.11
CA PRO C 209 28.40 -22.25 -7.47
C PRO C 209 28.15 -23.75 -7.65
N SER C 210 28.64 -24.48 -6.66
CA SER C 210 28.48 -25.90 -6.42
C SER C 210 27.05 -26.44 -6.59
N GLU C 211 26.07 -25.61 -6.20
CA GLU C 211 24.66 -26.00 -6.21
C GLU C 211 23.88 -25.24 -7.27
N ARG C 212 24.57 -24.43 -8.07
CA ARG C 212 23.86 -23.71 -9.11
C ARG C 212 22.81 -22.81 -8.41
N ARG C 213 23.26 -22.00 -7.45
CA ARG C 213 22.31 -21.35 -6.57
C ARG C 213 22.73 -20.01 -6.04
N ILE C 214 21.76 -19.09 -5.99
CA ILE C 214 21.91 -17.77 -5.41
C ILE C 214 20.78 -17.60 -4.40
N VAL C 215 21.11 -17.02 -3.27
CA VAL C 215 20.17 -16.82 -2.18
C VAL C 215 20.38 -15.39 -1.69
N SER C 216 19.34 -14.56 -1.79
CA SER C 216 19.42 -13.13 -1.41
C SER C 216 18.30 -12.73 -0.44
N PHE C 217 18.68 -12.16 0.70
CA PHE C 217 17.74 -11.83 1.76
C PHE C 217 17.88 -10.37 2.20
N GLY C 218 16.76 -9.68 2.36
CA GLY C 218 16.70 -8.46 3.16
C GLY C 218 16.75 -7.16 2.38
N SER C 219 16.97 -7.25 1.06
CA SER C 219 17.16 -6.05 0.24
C SER C 219 16.33 -6.12 -1.05
N GLY C 220 15.75 -4.98 -1.41
CA GLY C 220 15.05 -4.84 -2.67
C GLY C 220 15.88 -4.14 -3.71
N TYR C 221 17.01 -3.56 -3.31
CA TYR C 221 17.85 -2.80 -4.23
C TYR C 221 18.42 -3.65 -5.36
N GLY C 222 18.32 -3.12 -6.57
CA GLY C 222 18.77 -3.78 -7.81
C GLY C 222 19.98 -4.72 -7.78
N GLY C 223 21.14 -4.23 -7.36
CA GLY C 223 22.34 -5.08 -7.34
C GLY C 223 22.23 -6.24 -6.39
N ASN C 224 21.38 -6.11 -5.37
CA ASN C 224 21.15 -7.20 -4.40
C ASN C 224 20.00 -8.14 -4.79
N SER C 225 19.03 -7.63 -5.56
CA SER C 225 17.76 -8.31 -5.77
C SER C 225 17.53 -8.79 -7.21
N LEU C 226 18.24 -8.20 -8.17
CA LEU C 226 18.14 -8.64 -9.57
C LEU C 226 19.15 -9.77 -9.77
N LEU C 227 18.71 -11.00 -9.50
CA LEU C 227 19.68 -12.08 -9.30
C LEU C 227 20.34 -12.61 -10.57
N GLY C 228 19.72 -12.38 -11.72
CA GLY C 228 20.35 -12.66 -13.02
C GLY C 228 21.59 -11.81 -13.31
N LYS C 229 21.66 -10.63 -12.68
CA LYS C 229 22.62 -9.57 -13.04
C LYS C 229 24.00 -9.83 -12.41
N LYS C 230 24.30 -9.23 -11.26
CA LYS C 230 25.62 -9.37 -10.64
C LYS C 230 25.81 -10.78 -10.10
N CYS C 231 24.77 -11.27 -9.42
CA CYS C 231 24.83 -12.56 -8.77
C CYS C 231 25.06 -13.70 -9.76
N PHE C 232 24.23 -13.75 -10.80
CA PHE C 232 24.39 -14.81 -11.79
C PHE C 232 25.40 -14.50 -12.88
N ALA C 233 25.19 -13.40 -13.60
CA ALA C 233 25.92 -13.13 -14.84
C ALA C 233 27.38 -12.74 -14.61
N LEU C 234 27.73 -12.37 -13.39
CA LEU C 234 29.12 -12.12 -13.00
C LEU C 234 29.68 -13.16 -12.03
N ARG C 235 29.09 -13.30 -10.86
CA ARG C 235 29.68 -14.13 -9.80
C ARG C 235 29.66 -15.63 -10.13
N ILE C 236 28.45 -16.16 -10.35
CA ILE C 236 28.29 -17.56 -10.71
C ILE C 236 28.94 -17.81 -12.08
N ALA C 237 28.65 -16.95 -13.04
CA ALA C 237 29.17 -17.07 -14.40
C ALA C 237 30.69 -17.03 -14.52
N SER C 238 31.37 -16.20 -13.73
CA SER C 238 32.83 -16.11 -13.80
C SER C 238 33.51 -17.44 -13.45
N ARG C 239 32.94 -18.18 -12.50
CA ARG C 239 33.46 -19.48 -12.14
C ARG C 239 33.18 -20.49 -13.23
N MET C 240 31.97 -20.44 -13.80
CA MET C 240 31.64 -21.27 -14.94
C MET C 240 32.60 -20.99 -16.10
N ALA C 241 32.80 -19.71 -16.41
CA ALA C 241 33.69 -19.25 -17.47
C ALA C 241 35.10 -19.82 -17.33
N GLN C 242 35.66 -19.71 -16.12
CA GLN C 242 36.99 -20.20 -15.83
C GLN C 242 37.13 -21.73 -16.04
N GLN C 243 36.12 -22.50 -15.68
CA GLN C 243 36.11 -23.95 -15.88
C GLN C 243 35.88 -24.36 -17.32
N GLN C 244 35.22 -23.50 -18.10
CA GLN C 244 34.75 -23.88 -19.44
C GLN C 244 35.44 -23.13 -20.59
N GLY C 245 36.41 -22.27 -20.24
CA GLY C 245 37.25 -21.59 -21.23
C GLY C 245 36.66 -20.32 -21.84
N TRP C 246 35.89 -19.57 -21.06
CA TRP C 246 35.37 -18.30 -21.53
C TRP C 246 35.51 -17.26 -20.43
N LEU C 247 34.90 -16.09 -20.63
CA LEU C 247 35.06 -14.97 -19.69
C LEU C 247 33.72 -14.30 -19.38
N ALA C 248 33.48 -14.03 -18.10
CA ALA C 248 32.30 -13.26 -17.68
C ALA C 248 32.80 -12.02 -16.93
N GLU C 249 32.57 -10.84 -17.52
CA GLU C 249 33.24 -9.62 -17.10
C GLU C 249 32.32 -8.43 -16.82
N HIS C 250 32.78 -7.54 -15.93
CA HIS C 250 32.10 -6.30 -15.62
C HIS C 250 32.46 -5.25 -16.69
N MET C 251 31.96 -5.47 -17.90
CA MET C 251 32.40 -4.71 -19.08
C MET C 251 31.24 -4.28 -19.96
N LEU C 252 31.26 -3.02 -20.35
CA LEU C 252 30.40 -2.53 -21.43
C LEU C 252 30.94 -3.12 -22.75
N ILE C 253 30.06 -3.20 -23.73
CA ILE C 253 30.43 -3.51 -25.11
C ILE C 253 29.85 -2.43 -26.02
N LEU C 254 30.66 -1.90 -26.92
CA LEU C 254 30.19 -0.90 -27.86
C LEU C 254 30.82 -1.07 -29.25
N GLY C 255 30.18 -0.50 -30.26
CA GLY C 255 30.73 -0.49 -31.61
C GLY C 255 31.13 0.93 -31.95
N VAL C 256 32.33 1.09 -32.50
CA VAL C 256 32.82 2.39 -32.99
C VAL C 256 32.92 2.36 -34.50
N THR C 257 32.26 3.31 -35.18
CA THR C 257 32.41 3.45 -36.63
C THR C 257 33.24 4.68 -36.98
N SER C 258 34.36 4.48 -37.68
CA SER C 258 35.19 5.60 -38.12
CA SER C 258 35.20 5.57 -38.15
C SER C 258 34.54 6.32 -39.30
N PRO C 259 35.03 7.54 -39.61
CA PRO C 259 34.65 8.24 -40.84
C PRO C 259 34.79 7.39 -42.11
N SER C 260 35.73 6.44 -42.10
CA SER C 260 36.00 5.56 -43.22
C SER C 260 34.87 4.56 -43.45
N GLY C 261 34.02 4.41 -42.44
CA GLY C 261 32.97 3.43 -42.44
C GLY C 261 33.34 2.13 -41.75
N GLU C 262 34.60 2.03 -41.29
CA GLU C 262 35.08 0.82 -40.60
C GLU C 262 34.45 0.75 -39.22
N LYS C 263 33.98 -0.42 -38.84
CA LYS C 263 33.43 -0.60 -37.51
C LYS C 263 34.25 -1.59 -36.71
N ARG C 264 34.60 -1.22 -35.48
CA ARG C 264 35.28 -2.10 -34.54
C ARG C 264 34.53 -2.11 -33.21
N TYR C 265 34.59 -3.23 -32.50
CA TYR C 265 33.97 -3.32 -31.19
C TYR C 265 34.99 -3.33 -30.07
N MET C 266 34.61 -2.69 -28.96
CA MET C 266 35.47 -2.59 -27.79
C MET C 266 34.69 -2.98 -26.53
N ALA C 267 35.40 -3.52 -25.55
CA ALA C 267 34.86 -3.77 -24.21
C ALA C 267 35.62 -2.90 -23.20
N ALA C 268 34.95 -2.45 -22.16
CA ALA C 268 35.57 -1.57 -21.18
C ALA C 268 35.12 -1.92 -19.77
N ALA C 269 36.09 -2.22 -18.92
CA ALA C 269 35.86 -2.52 -17.50
C ALA C 269 36.11 -1.27 -16.66
N PHE C 270 35.02 -0.63 -16.23
CA PHE C 270 35.11 0.47 -15.28
C PHE C 270 34.35 0.03 -14.02
N PRO C 271 34.80 0.44 -12.83
CA PRO C 271 34.00 0.10 -11.64
C PRO C 271 32.64 0.77 -11.68
N SER C 272 31.73 0.33 -10.81
CA SER C 272 30.36 0.82 -10.77
C SER C 272 30.38 2.32 -10.63
N ALA C 273 29.51 2.99 -11.40
CA ALA C 273 29.39 4.45 -11.38
C ALA C 273 30.69 5.19 -11.75
N CYS C 274 31.47 4.59 -12.63
CA CYS C 274 32.65 5.26 -13.18
C CYS C 274 32.65 5.40 -14.71
N GLY C 275 31.48 5.29 -15.33
CA GLY C 275 31.30 5.78 -16.70
C GLY C 275 30.89 4.84 -17.80
N LYS C 276 30.57 3.58 -17.46
CA LYS C 276 30.23 2.58 -18.46
CA LYS C 276 30.23 2.58 -18.47
C LYS C 276 29.04 2.98 -19.35
N THR C 277 27.92 3.36 -18.72
CA THR C 277 26.67 3.72 -19.43
C THR C 277 26.85 4.92 -20.33
N ASN C 278 27.48 5.96 -19.80
CA ASN C 278 27.75 7.15 -20.59
C ASN C 278 28.67 6.91 -21.78
N LEU C 279 29.58 5.94 -21.66
CA LEU C 279 30.46 5.60 -22.78
C LEU C 279 29.73 4.73 -23.81
N ALA C 280 29.05 3.70 -23.33
CA ALA C 280 28.35 2.74 -24.16
C ALA C 280 27.24 3.36 -25.02
N MET C 281 26.59 4.41 -24.52
CA MET C 281 25.62 5.13 -25.36
C MET C 281 25.96 6.60 -25.59
N MET C 282 27.26 6.86 -25.61
CA MET C 282 27.82 8.18 -25.92
C MET C 282 27.39 8.69 -27.30
N THR C 283 27.18 10.00 -27.37
CA THR C 283 27.03 10.69 -28.62
C THR C 283 28.40 11.35 -28.85
N PRO C 284 29.14 10.90 -29.87
CA PRO C 284 30.49 11.41 -30.10
C PRO C 284 30.52 12.91 -30.36
N SER C 285 31.48 13.59 -29.74
CA SER C 285 31.69 15.00 -30.02
C SER C 285 32.65 15.19 -31.20
N LEU C 286 33.08 14.10 -31.83
CA LEU C 286 33.86 14.16 -33.06
C LEU C 286 32.98 13.93 -34.25
N PRO C 287 32.93 14.92 -35.14
CA PRO C 287 32.11 14.78 -36.33
C PRO C 287 32.53 13.52 -37.09
N GLY C 288 31.57 12.83 -37.68
CA GLY C 288 31.87 11.65 -38.47
C GLY C 288 31.92 10.32 -37.74
N TRP C 289 32.49 10.29 -36.52
CA TRP C 289 32.54 9.06 -35.71
C TRP C 289 31.15 8.71 -35.19
N ARG C 290 30.85 7.41 -35.08
CA ARG C 290 29.55 6.91 -34.58
CA ARG C 290 29.56 6.95 -34.55
C ARG C 290 29.78 5.86 -33.51
N ILE C 291 28.89 5.84 -32.52
CA ILE C 291 28.90 4.83 -31.48
C ILE C 291 27.60 4.04 -31.55
N HIS C 292 27.70 2.72 -31.31
CA HIS C 292 26.54 1.88 -31.14
C HIS C 292 26.64 1.10 -29.83
N CYS C 293 25.53 0.99 -29.11
CA CYS C 293 25.53 0.34 -27.81
C CYS C 293 25.24 -1.13 -27.94
N VAL C 294 26.07 -1.97 -27.34
CA VAL C 294 25.76 -3.38 -27.25
C VAL C 294 25.32 -3.74 -25.82
N GLY C 295 26.05 -3.23 -24.82
CA GLY C 295 25.70 -3.41 -23.40
C GLY C 295 26.46 -2.42 -22.53
N ASP C 296 25.98 -2.18 -21.31
CA ASP C 296 26.62 -1.18 -20.43
C ASP C 296 27.17 -1.76 -19.13
N ASP C 297 27.12 -3.08 -18.96
CA ASP C 297 27.44 -3.61 -17.64
C ASP C 297 28.14 -4.98 -17.63
N ILE C 298 27.58 -5.93 -18.36
CA ILE C 298 28.09 -7.29 -18.31
C ILE C 298 28.38 -7.83 -19.71
N ALA C 299 29.56 -8.46 -19.86
CA ALA C 299 29.97 -9.06 -21.12
C ALA C 299 30.33 -10.50 -20.91
N TRP C 300 29.76 -11.37 -21.73
CA TRP C 300 30.19 -12.76 -21.77
C TRP C 300 31.01 -12.95 -23.03
N MET C 301 32.23 -13.45 -22.88
CA MET C 301 33.17 -13.48 -24.00
C MET C 301 33.86 -14.83 -24.20
N LYS C 302 34.02 -15.21 -25.46
CA LYS C 302 34.62 -16.50 -25.81
C LYS C 302 35.37 -16.32 -27.13
N PHE C 303 36.51 -16.98 -27.27
CA PHE C 303 37.16 -17.07 -28.58
C PHE C 303 36.41 -18.03 -29.51
N ASP C 304 36.17 -17.60 -30.75
CA ASP C 304 35.57 -18.48 -31.77
C ASP C 304 36.76 -19.17 -32.45
N ASP C 305 36.59 -19.97 -33.51
CA ASP C 305 37.80 -20.60 -34.07
C ASP C 305 38.52 -19.87 -35.24
N GLU C 306 38.25 -18.57 -35.36
CA GLU C 306 39.01 -17.66 -36.25
C GLU C 306 40.15 -16.94 -35.51
N GLY C 307 40.07 -16.91 -34.19
CA GLY C 307 41.08 -16.29 -33.35
C GLY C 307 40.59 -15.03 -32.68
N ARG C 308 39.38 -14.60 -33.03
CA ARG C 308 38.82 -13.40 -32.44
C ARG C 308 37.92 -13.64 -31.21
N LEU C 309 37.98 -12.71 -30.29
CA LEU C 309 37.21 -12.75 -29.06
C LEU C 309 35.79 -12.23 -29.32
N ARG C 310 34.79 -13.05 -29.05
CA ARG C 310 33.41 -12.70 -29.34
C ARG C 310 32.70 -12.39 -28.06
N ALA C 311 31.96 -11.29 -28.05
CA ALA C 311 31.24 -10.87 -26.86
C ALA C 311 29.74 -10.77 -27.09
N ILE C 312 28.99 -11.22 -26.09
CA ILE C 312 27.56 -10.92 -26.01
C ILE C 312 27.20 -10.18 -24.73
N ASN C 313 26.10 -9.44 -24.79
CA ASN C 313 25.50 -8.83 -23.62
C ASN C 313 24.37 -9.77 -23.13
N PRO C 314 24.51 -10.34 -21.92
CA PRO C 314 23.47 -11.27 -21.45
C PRO C 314 22.18 -10.57 -20.95
N GLU C 315 22.20 -9.24 -20.85
CA GLU C 315 21.08 -8.47 -20.29
C GLU C 315 20.17 -7.87 -21.35
N ARG C 316 19.00 -7.43 -20.93
CA ARG C 316 17.98 -6.91 -21.84
C ARG C 316 17.65 -5.43 -21.57
N GLY C 317 18.25 -4.84 -20.54
CA GLY C 317 17.94 -3.46 -20.17
C GLY C 317 19.11 -2.72 -19.53
N PHE C 318 18.88 -1.46 -19.18
CA PHE C 318 19.87 -0.64 -18.50
C PHE C 318 19.38 -0.34 -17.09
N PHE C 319 20.26 -0.53 -16.11
CA PHE C 319 20.01 -0.15 -14.73
C PHE C 319 21.02 0.96 -14.38
N GLY C 320 20.76 2.17 -14.88
CA GLY C 320 21.76 3.24 -14.92
C GLY C 320 21.67 4.26 -13.80
N VAL C 321 22.83 4.73 -13.34
CA VAL C 321 22.92 5.89 -12.44
C VAL C 321 22.25 7.12 -13.07
N ALA C 322 21.34 7.75 -12.34
CA ALA C 322 20.57 8.87 -12.89
C ALA C 322 21.30 10.21 -12.77
N PRO C 323 21.76 10.60 -11.55
CA PRO C 323 22.36 11.91 -11.38
C PRO C 323 23.47 12.18 -12.39
N GLY C 324 23.45 13.38 -12.97
CA GLY C 324 24.38 13.73 -14.02
C GLY C 324 23.80 13.63 -15.42
N THR C 325 22.75 12.82 -15.58
CA THR C 325 22.17 12.57 -16.91
C THR C 325 21.46 13.83 -17.36
N SER C 326 21.79 14.28 -18.58
CA SER C 326 21.19 15.43 -19.21
C SER C 326 21.34 15.32 -20.74
N SER C 327 20.77 16.27 -21.48
CA SER C 327 20.90 16.29 -22.92
C SER C 327 22.35 16.64 -23.30
N ARG C 328 23.12 17.12 -22.33
CA ARG C 328 24.53 17.43 -22.53
C ARG C 328 25.42 16.21 -22.37
N THR C 329 25.15 15.41 -21.34
CA THR C 329 26.03 14.31 -20.97
C THR C 329 25.65 12.96 -21.60
N ASN C 330 24.34 12.70 -21.70
CA ASN C 330 23.85 11.49 -22.31
C ASN C 330 22.47 11.66 -22.94
N PRO C 331 22.38 12.36 -24.09
CA PRO C 331 21.08 12.49 -24.75
C PRO C 331 20.46 11.13 -25.16
N ASN C 332 21.28 10.13 -25.44
CA ASN C 332 20.77 8.79 -25.73
C ASN C 332 20.06 8.14 -24.53
N ALA C 333 20.58 8.35 -23.31
CA ALA C 333 19.87 7.88 -22.12
C ALA C 333 18.57 8.67 -21.92
N MET C 334 18.59 9.96 -22.23
CA MET C 334 17.39 10.80 -22.19
C MET C 334 16.27 10.24 -23.05
N ALA C 335 16.59 9.85 -24.28
CA ALA C 335 15.63 9.25 -25.18
C ALA C 335 15.14 7.88 -24.69
N THR C 336 16.04 7.14 -24.03
CA THR C 336 15.76 5.77 -23.59
C THR C 336 14.75 5.70 -22.43
N ILE C 337 14.85 6.67 -21.53
CA ILE C 337 14.09 6.68 -20.28
C ILE C 337 12.78 7.46 -20.34
N ALA C 338 12.44 7.97 -21.52
CA ALA C 338 11.22 8.77 -21.71
C ALA C 338 9.94 7.93 -21.62
N ARG C 339 10.08 6.60 -21.69
CA ARG C 339 8.92 5.71 -21.62
C ARG C 339 9.25 4.36 -20.98
N ASN C 340 8.22 3.72 -20.40
CA ASN C 340 8.35 2.34 -19.86
C ASN C 340 9.55 2.13 -18.92
N THR C 341 9.80 3.13 -18.10
CA THR C 341 10.99 3.18 -17.25
C THR C 341 10.60 3.30 -15.80
N ILE C 342 11.24 2.51 -14.95
CA ILE C 342 11.11 2.65 -13.51
C ILE C 342 12.29 3.46 -12.98
N PHE C 343 11.99 4.56 -12.31
CA PHE C 343 13.00 5.33 -11.61
C PHE C 343 12.97 4.99 -10.13
N THR C 344 14.15 4.90 -9.54
CA THR C 344 14.26 4.65 -8.11
C THR C 344 15.06 5.76 -7.43
N ASN C 345 14.44 6.41 -6.45
CA ASN C 345 15.10 7.39 -5.59
C ASN C 345 15.50 8.72 -6.23
N VAL C 346 14.83 9.07 -7.33
CA VAL C 346 15.01 10.40 -7.92
C VAL C 346 13.95 11.38 -7.41
N GLY C 347 14.12 12.67 -7.71
CA GLY C 347 13.18 13.69 -7.29
C GLY C 347 11.90 13.61 -8.10
N LEU C 348 10.78 14.02 -7.49
CA LEU C 348 9.50 14.16 -8.19
C LEU C 348 9.17 15.63 -8.39
N ARG C 349 8.83 16.00 -9.62
CA ARG C 349 8.47 17.39 -9.95
C ARG C 349 6.95 17.60 -9.96
N SER C 350 6.51 18.78 -9.53
CA SER C 350 5.07 19.12 -9.48
C SER C 350 4.39 19.02 -10.85
N ASP C 351 5.19 19.06 -11.91
CA ASP C 351 4.64 18.87 -13.25
C ASP C 351 4.54 17.40 -13.66
N GLY C 352 4.88 16.49 -12.75
CA GLY C 352 4.72 15.06 -12.98
C GLY C 352 5.92 14.40 -13.64
N GLY C 353 7.02 15.16 -13.73
CA GLY C 353 8.28 14.64 -14.21
C GLY C 353 9.24 14.33 -13.09
N VAL C 354 10.49 14.01 -13.44
CA VAL C 354 11.51 13.63 -12.46
C VAL C 354 12.59 14.70 -12.36
N TYR C 355 13.41 14.61 -11.32
CA TYR C 355 14.55 15.51 -11.18
C TYR C 355 15.76 14.88 -10.47
N TRP C 356 16.95 15.24 -10.97
CA TRP C 356 18.21 14.97 -10.29
C TRP C 356 19.19 16.08 -10.67
N ASP C 357 20.25 16.23 -9.88
CA ASP C 357 21.33 17.17 -10.17
C ASP C 357 21.83 16.90 -11.59
N GLY C 358 21.74 17.91 -12.43
CA GLY C 358 22.23 17.80 -13.80
C GLY C 358 21.14 17.81 -14.85
N LEU C 359 19.94 17.33 -14.50
CA LEU C 359 18.84 17.26 -15.45
C LEU C 359 18.44 18.63 -16.02
N ASP C 360 18.33 18.70 -17.34
CA ASP C 360 18.01 19.94 -18.05
C ASP C 360 16.73 19.83 -18.89
N GLU C 361 15.77 19.02 -18.42
CA GLU C 361 14.48 18.90 -19.09
C GLU C 361 13.70 20.21 -18.89
N PRO C 362 13.26 20.85 -20.00
CA PRO C 362 12.58 22.14 -19.84
C PRO C 362 11.42 22.06 -18.84
N THR C 363 11.42 22.99 -17.89
CA THR C 363 10.40 23.00 -16.85
C THR C 363 9.81 24.40 -16.70
N GLU C 364 8.53 24.47 -16.35
CA GLU C 364 7.83 25.75 -16.18
C GLU C 364 8.32 26.46 -14.92
N PRO C 365 8.20 27.81 -14.89
CA PRO C 365 8.51 28.53 -13.65
C PRO C 365 7.57 28.15 -12.51
N GLY C 366 8.09 28.09 -11.29
CA GLY C 366 7.25 27.79 -10.13
C GLY C 366 7.06 26.31 -9.87
N VAL C 367 7.70 25.47 -10.70
CA VAL C 367 7.69 24.03 -10.49
C VAL C 367 8.41 23.69 -9.18
N THR C 368 7.78 22.85 -8.37
CA THR C 368 8.33 22.49 -7.06
C THR C 368 8.77 21.03 -7.06
N TYR C 369 9.52 20.65 -6.03
CA TYR C 369 10.15 19.34 -5.99
C TYR C 369 9.89 18.60 -4.69
N THR C 370 9.77 17.28 -4.79
CA THR C 370 9.86 16.44 -3.61
C THR C 370 11.05 15.47 -3.73
N SER C 371 11.86 15.41 -2.68
CA SER C 371 13.09 14.63 -2.71
C SER C 371 12.81 13.13 -2.67
N TRP C 372 13.87 12.33 -2.79
CA TRP C 372 13.76 10.87 -2.68
C TRP C 372 13.29 10.44 -1.29
N LEU C 373 13.31 11.38 -0.36
CA LEU C 373 12.88 11.17 1.02
C LEU C 373 11.43 11.58 1.23
N GLY C 374 10.79 12.05 0.16
CA GLY C 374 9.39 12.46 0.23
C GLY C 374 9.18 13.83 0.82
N LYS C 375 10.25 14.59 0.97
CA LYS C 375 10.19 15.92 1.56
C LYS C 375 10.29 17.01 0.48
N PRO C 376 9.50 18.09 0.63
CA PRO C 376 9.64 19.26 -0.25
C PRO C 376 11.11 19.62 -0.41
N TRP C 377 11.51 19.88 -1.64
CA TRP C 377 12.90 20.19 -1.97
C TRP C 377 12.98 21.42 -2.87
N LYS C 378 14.00 22.25 -2.68
CA LYS C 378 14.22 23.41 -3.56
C LYS C 378 15.70 23.63 -3.86
N HIS C 379 15.99 24.35 -4.94
CA HIS C 379 17.35 24.43 -5.51
C HIS C 379 18.50 24.78 -4.56
N GLY C 380 18.27 25.69 -3.63
CA GLY C 380 19.28 26.03 -2.63
C GLY C 380 19.66 24.92 -1.65
N ASP C 381 18.82 23.89 -1.55
CA ASP C 381 18.94 22.92 -0.46
C ASP C 381 20.32 22.28 -0.37
N PRO C 382 20.88 22.19 0.85
CA PRO C 382 22.10 21.42 1.08
C PRO C 382 21.95 19.93 0.69
N GLU C 383 20.83 19.31 1.08
CA GLU C 383 20.52 17.94 0.68
C GLU C 383 20.26 17.81 -0.84
N PRO C 384 20.70 16.71 -1.47
CA PRO C 384 20.41 16.51 -2.89
C PRO C 384 18.97 16.04 -3.11
N CYS C 385 18.37 16.45 -4.23
CA CYS C 385 16.99 16.05 -4.51
C CYS C 385 16.90 14.54 -4.73
N ALA C 386 17.89 14.02 -5.45
CA ALA C 386 17.94 12.60 -5.81
C ALA C 386 19.06 11.95 -5.02
N HIS C 387 18.88 10.70 -4.63
CA HIS C 387 19.97 9.97 -3.97
C HIS C 387 21.11 9.81 -4.98
N PRO C 388 22.37 10.02 -4.53
CA PRO C 388 23.52 9.81 -5.43
C PRO C 388 23.58 8.44 -6.12
N ASN C 389 22.95 7.40 -5.55
CA ASN C 389 22.85 6.11 -6.26
C ASN C 389 21.48 5.85 -6.87
N SER C 390 20.72 6.91 -7.10
CA SER C 390 19.41 6.75 -7.72
C SER C 390 19.58 6.17 -9.13
N ARG C 391 18.56 5.46 -9.58
CA ARG C 391 18.65 4.70 -10.81
C ARG C 391 17.46 4.85 -11.73
N PHE C 392 17.74 4.63 -13.01
CA PHE C 392 16.68 4.28 -13.97
C PHE C 392 16.79 2.81 -14.41
N CYS C 393 15.65 2.18 -14.68
CA CYS C 393 15.66 0.82 -15.19
C CYS C 393 14.76 0.78 -16.44
N ALA C 394 15.39 0.64 -17.60
CA ALA C 394 14.72 0.75 -18.90
C ALA C 394 15.14 -0.38 -19.84
N PRO C 395 14.22 -0.88 -20.69
CA PRO C 395 14.55 -1.89 -21.70
C PRO C 395 15.57 -1.36 -22.72
N ALA C 396 16.52 -2.22 -23.07
CA ALA C 396 17.61 -1.83 -23.99
C ALA C 396 17.09 -1.42 -25.36
N ASP C 397 16.02 -2.07 -25.81
CA ASP C 397 15.47 -1.78 -27.14
C ASP C 397 14.94 -0.34 -27.30
N GLN C 398 14.85 0.41 -26.21
CA GLN C 398 14.45 1.83 -26.24
C GLN C 398 15.59 2.81 -26.44
N CYS C 399 16.83 2.32 -26.35
CA CYS C 399 17.99 3.14 -26.68
C CYS C 399 18.07 3.31 -28.19
N PRO C 400 18.17 4.58 -28.68
CA PRO C 400 18.12 4.83 -30.13
C PRO C 400 19.31 4.30 -30.91
N ILE C 401 20.41 4.00 -30.22
CA ILE C 401 21.66 3.65 -30.88
C ILE C 401 22.12 2.21 -30.56
N MET C 402 21.18 1.33 -30.24
CA MET C 402 21.52 -0.08 -30.08
C MET C 402 22.11 -0.65 -31.37
N ASP C 403 23.22 -1.35 -31.25
CA ASP C 403 23.85 -2.00 -32.39
C ASP C 403 22.89 -3.00 -32.99
N PRO C 404 22.89 -3.12 -34.33
CA PRO C 404 21.97 -4.07 -34.92
C PRO C 404 22.17 -5.46 -34.31
N ARG C 405 23.38 -5.74 -33.84
CA ARG C 405 23.77 -7.10 -33.40
C ARG C 405 23.80 -7.22 -31.89
N TRP C 406 23.28 -6.22 -31.23
CA TRP C 406 23.33 -6.18 -29.78
C TRP C 406 22.75 -7.45 -29.13
N ASP C 407 21.82 -8.11 -29.84
CA ASP C 407 21.26 -9.39 -29.41
C ASP C 407 21.58 -10.56 -30.38
N ASP C 408 22.62 -10.42 -31.18
CA ASP C 408 23.09 -11.46 -32.10
C ASP C 408 23.75 -12.55 -31.22
N PRO C 409 23.23 -13.81 -31.19
CA PRO C 409 23.92 -14.84 -30.36
C PRO C 409 25.34 -15.20 -30.82
N GLU C 410 25.67 -14.84 -32.06
CA GLU C 410 27.01 -14.98 -32.64
C GLU C 410 28.02 -14.07 -31.97
N GLY C 411 27.55 -13.02 -31.31
CA GLY C 411 28.40 -12.08 -30.60
C GLY C 411 29.13 -11.12 -31.53
N VAL C 412 29.82 -10.16 -30.94
CA VAL C 412 30.57 -9.20 -31.75
C VAL C 412 32.06 -9.39 -31.46
N PRO C 413 32.92 -9.17 -32.48
CA PRO C 413 34.36 -9.36 -32.26
C PRO C 413 35.03 -8.16 -31.58
N ILE C 414 35.74 -8.44 -30.49
CA ILE C 414 36.34 -7.43 -29.63
C ILE C 414 37.81 -7.21 -30.03
N ASP C 415 38.11 -5.97 -30.40
CA ASP C 415 39.47 -5.62 -30.81
C ASP C 415 40.25 -4.79 -29.79
N ALA C 416 39.56 -4.36 -28.74
CA ALA C 416 40.20 -3.61 -27.66
C ALA C 416 39.47 -3.86 -26.34
N ILE C 417 40.25 -4.03 -25.28
CA ILE C 417 39.68 -4.06 -23.94
C ILE C 417 40.27 -2.89 -23.18
N ILE C 418 39.40 -2.12 -22.53
CA ILE C 418 39.78 -0.87 -21.88
C ILE C 418 39.48 -0.93 -20.38
N PHE C 419 40.52 -0.76 -19.57
CA PHE C 419 40.37 -0.62 -18.12
C PHE C 419 40.35 0.86 -17.74
N GLY C 420 39.60 1.21 -16.70
CA GLY C 420 39.60 2.59 -16.20
C GLY C 420 38.84 2.73 -14.89
N GLY C 421 39.16 3.77 -14.13
CA GLY C 421 38.44 4.08 -12.89
C GLY C 421 38.65 5.56 -12.60
N ARG C 422 38.23 6.00 -11.40
CA ARG C 422 38.42 7.38 -10.98
C ARG C 422 39.77 7.58 -10.27
N ARG C 423 40.71 8.23 -10.96
CA ARG C 423 41.98 8.64 -10.36
C ARG C 423 42.15 10.15 -10.56
N PRO C 424 42.13 10.92 -9.46
CA PRO C 424 42.24 12.38 -9.52
C PRO C 424 43.62 12.91 -9.91
N ARG C 425 44.66 12.11 -9.72
CA ARG C 425 46.04 12.56 -9.95
C ARG C 425 46.86 11.43 -10.58
N GLY C 426 47.87 11.78 -11.38
CA GLY C 426 48.95 10.88 -11.77
C GLY C 426 48.77 9.93 -12.94
N VAL C 427 47.54 9.45 -13.14
CA VAL C 427 47.22 8.46 -14.17
C VAL C 427 46.72 9.13 -15.46
N PRO C 428 47.44 8.96 -16.58
CA PRO C 428 47.11 9.71 -17.79
C PRO C 428 45.73 9.37 -18.36
N LEU C 429 45.26 10.25 -19.24
CA LEU C 429 43.99 10.08 -19.95
C LEU C 429 43.86 8.71 -20.63
N VAL C 430 44.91 8.31 -21.33
CA VAL C 430 44.88 7.01 -22.04
C VAL C 430 46.29 6.45 -22.21
N VAL C 431 46.43 5.16 -21.90
CA VAL C 431 47.66 4.41 -22.07
C VAL C 431 47.33 3.09 -22.78
N GLU C 432 48.19 2.67 -23.71
CA GLU C 432 48.12 1.32 -24.26
C GLU C 432 49.19 0.41 -23.64
N ALA C 433 48.82 -0.83 -23.29
CA ALA C 433 49.77 -1.82 -22.76
C ALA C 433 50.79 -2.22 -23.80
N PHE C 434 51.96 -2.66 -23.34
CA PHE C 434 53.02 -3.15 -24.22
C PHE C 434 52.71 -4.51 -24.81
N GLY C 435 51.74 -5.21 -24.24
CA GLY C 435 51.40 -6.56 -24.65
C GLY C 435 50.35 -7.14 -23.73
N TRP C 436 50.08 -8.44 -23.88
CA TRP C 436 49.01 -9.09 -23.12
C TRP C 436 49.30 -9.14 -21.60
N ARG C 437 50.46 -9.72 -21.23
CA ARG C 437 50.87 -9.79 -19.81
C ARG C 437 50.85 -8.43 -19.14
N HIS C 438 51.40 -7.44 -19.82
CA HIS C 438 51.43 -6.08 -19.28
C HIS C 438 50.02 -5.51 -19.07
N GLY C 439 49.12 -5.76 -20.02
CA GLY C 439 47.73 -5.33 -19.94
C GLY C 439 46.96 -6.01 -18.82
N VAL C 440 47.17 -7.32 -18.64
CA VAL C 440 46.62 -8.04 -17.49
C VAL C 440 47.11 -7.43 -16.19
N PHE C 441 48.39 -7.06 -16.12
CA PHE C 441 48.93 -6.35 -14.95
C PHE C 441 48.20 -5.02 -14.72
N MET C 442 48.03 -4.21 -15.77
CA MET C 442 47.31 -2.93 -15.65
C MET C 442 45.89 -3.15 -15.10
N GLY C 443 45.18 -4.15 -15.65
CA GLY C 443 43.89 -4.58 -15.11
C GLY C 443 43.94 -4.87 -13.61
N SER C 444 44.92 -5.67 -13.19
CA SER C 444 45.04 -6.12 -11.80
C SER C 444 45.39 -4.98 -10.86
N ALA C 445 45.97 -3.92 -11.44
CA ALA C 445 46.53 -2.78 -10.71
C ALA C 445 45.56 -1.62 -10.58
N MET C 446 44.37 -1.78 -11.16
CA MET C 446 43.34 -0.75 -11.17
C MET C 446 42.98 -0.35 -9.75
N ARG C 447 42.89 0.96 -9.54
CA ARG C 447 42.39 1.55 -8.32
C ARG C 447 41.41 2.65 -8.74
N SER C 448 40.44 2.93 -7.88
CA SER C 448 39.39 3.87 -8.21
C SER C 448 38.80 4.44 -6.94
N GLU C 449 38.43 5.72 -6.96
CA GLU C 449 37.72 6.31 -5.82
C GLU C 449 36.40 5.58 -5.65
N ALA C 450 36.04 5.33 -4.40
CA ALA C 450 34.76 4.68 -4.08
C ALA C 450 33.61 5.59 -4.50
N THR C 451 32.52 4.98 -4.94
CA THR C 451 31.33 5.71 -5.39
C THR C 451 30.16 5.35 -4.44
N ALA C 452 28.96 5.84 -4.77
CA ALA C 452 27.74 5.52 -4.00
C ALA C 452 27.07 4.18 -4.37
N ALA C 453 27.69 3.40 -5.25
CA ALA C 453 27.11 2.13 -5.72
C ALA C 453 27.16 0.98 -4.69
N ALA C 454 28.00 1.16 -3.67
CA ALA C 454 28.03 0.25 -2.49
C ALA C 454 28.17 1.07 -1.21
N GLU C 455 28.67 0.45 -0.13
CA GLU C 455 28.68 1.09 1.19
C GLU C 455 29.94 1.93 1.53
N HIS C 456 30.89 1.99 0.61
CA HIS C 456 32.17 2.66 0.89
C HIS C 456 32.08 4.16 0.72
N LYS C 457 32.80 4.90 1.56
CA LYS C 457 32.74 6.37 1.51
C LYS C 457 33.32 6.86 0.19
N GLY C 458 32.67 7.84 -0.41
CA GLY C 458 33.07 8.35 -1.71
C GLY C 458 34.44 9.00 -1.69
N GLY C 459 35.28 8.62 -2.66
CA GLY C 459 36.60 9.22 -2.83
C GLY C 459 37.74 8.42 -2.22
N ARG C 460 37.41 7.43 -1.38
CA ARG C 460 38.42 6.53 -0.84
C ARG C 460 38.98 5.76 -2.02
N LEU C 461 40.31 5.82 -2.20
CA LEU C 461 40.96 5.14 -3.31
C LEU C 461 40.99 3.66 -3.00
N MET C 462 40.27 2.89 -3.78
CA MET C 462 40.20 1.48 -3.50
C MET C 462 40.76 0.68 -4.69
N HIS C 463 41.38 -0.45 -4.38
CA HIS C 463 41.81 -1.38 -5.42
C HIS C 463 40.56 -2.05 -5.99
N ASP C 464 40.52 -2.19 -7.31
CA ASP C 464 39.39 -2.80 -7.98
C ASP C 464 39.91 -3.51 -9.24
N PRO C 465 40.66 -4.61 -9.05
CA PRO C 465 41.25 -5.30 -10.20
C PRO C 465 40.18 -5.69 -11.23
N PHE C 466 40.38 -5.28 -12.48
CA PHE C 466 39.46 -5.58 -13.60
C PHE C 466 38.03 -5.06 -13.38
N ALA C 467 37.88 -4.10 -12.46
CA ALA C 467 36.55 -3.63 -11.98
C ALA C 467 35.69 -4.80 -11.43
N MET C 468 36.37 -5.86 -11.01
CA MET C 468 35.70 -7.08 -10.53
C MET C 468 35.80 -7.32 -9.04
N ARG C 469 36.37 -6.38 -8.27
CA ARG C 469 36.51 -6.61 -6.82
CA ARG C 469 36.52 -6.60 -6.83
C ARG C 469 35.22 -7.09 -6.17
N PRO C 470 34.08 -6.39 -6.38
CA PRO C 470 32.86 -6.85 -5.69
C PRO C 470 32.22 -8.11 -6.31
N PHE C 471 32.78 -8.57 -7.43
CA PHE C 471 32.06 -9.53 -8.31
C PHE C 471 32.77 -10.85 -8.64
N PHE C 472 33.97 -11.06 -8.09
CA PHE C 472 34.63 -12.36 -8.20
C PHE C 472 33.74 -13.51 -7.68
N GLY C 473 33.64 -14.59 -8.46
CA GLY C 473 32.90 -15.79 -8.04
C GLY C 473 33.81 -16.92 -7.62
N TYR C 474 35.12 -16.69 -7.70
CA TYR C 474 36.13 -17.66 -7.26
C TYR C 474 37.47 -16.94 -6.97
N ASN C 475 38.45 -17.70 -6.48
CA ASN C 475 39.78 -17.17 -6.10
C ASN C 475 40.31 -16.15 -7.11
N ALA C 476 40.55 -14.91 -6.67
CA ALA C 476 40.92 -13.82 -7.58
C ALA C 476 42.31 -14.00 -8.22
N GLY C 477 43.23 -14.63 -7.50
CA GLY C 477 44.51 -15.05 -8.07
C GLY C 477 44.33 -15.99 -9.26
N ARG C 478 43.43 -16.97 -9.11
CA ARG C 478 43.11 -17.89 -10.19
C ARG C 478 42.42 -17.20 -11.37
N TYR C 479 41.65 -16.16 -11.10
CA TYR C 479 41.03 -15.35 -12.14
C TYR C 479 42.11 -14.66 -12.97
N LEU C 480 43.11 -14.12 -12.28
CA LEU C 480 44.26 -13.51 -12.96
C LEU C 480 45.02 -14.56 -13.79
N GLU C 481 45.24 -15.75 -13.20
CA GLU C 481 45.83 -16.91 -13.93
C GLU C 481 45.02 -17.21 -15.19
N HIS C 482 43.69 -17.21 -15.08
CA HIS C 482 42.79 -17.46 -16.21
C HIS C 482 42.96 -16.40 -17.31
N TRP C 483 43.07 -15.13 -16.91
CA TRP C 483 43.33 -14.06 -17.89
C TRP C 483 44.69 -14.21 -18.59
N LEU C 484 45.72 -14.58 -17.83
CA LEU C 484 47.03 -14.89 -18.39
C LEU C 484 47.00 -16.04 -19.41
N SER C 485 46.35 -17.14 -19.04
CA SER C 485 46.23 -18.31 -19.93
C SER C 485 45.43 -18.01 -21.18
N THR C 486 44.43 -17.16 -21.04
CA THR C 486 43.56 -16.78 -22.16
C THR C 486 44.39 -16.17 -23.30
N GLY C 487 45.42 -15.40 -22.96
CA GLY C 487 46.31 -14.79 -23.94
C GLY C 487 47.31 -15.72 -24.60
N LEU C 488 47.41 -16.94 -24.09
CA LEU C 488 48.27 -18.00 -24.63
C LEU C 488 47.51 -18.91 -25.60
N ARG C 489 46.32 -18.45 -26.00
CA ARG C 489 45.54 -19.05 -27.08
C ARG C 489 46.36 -19.04 -28.38
N SER C 490 46.45 -20.20 -29.03
CA SER C 490 47.23 -20.35 -30.27
C SER C 490 46.46 -19.85 -31.49
N ASN C 491 47.16 -19.07 -32.33
CA ASN C 491 46.55 -18.36 -33.47
C ASN C 491 45.43 -17.39 -33.06
N ALA C 492 45.47 -16.94 -31.81
CA ALA C 492 44.52 -15.95 -31.33
C ALA C 492 44.87 -14.59 -31.89
N ARG C 493 43.85 -13.83 -32.24
CA ARG C 493 44.01 -12.44 -32.62
C ARG C 493 43.55 -11.63 -31.43
N LEU C 494 44.48 -11.44 -30.49
CA LEU C 494 44.20 -10.86 -29.19
C LEU C 494 43.79 -9.39 -29.26
N PRO C 495 42.76 -8.99 -28.47
CA PRO C 495 42.50 -7.54 -28.47
C PRO C 495 43.67 -6.79 -27.82
N ARG C 496 43.87 -5.53 -28.20
CA ARG C 496 44.86 -4.70 -27.51
C ARG C 496 44.26 -4.20 -26.21
N LEU C 497 45.07 -4.09 -25.17
CA LEU C 497 44.59 -3.67 -23.85
C LEU C 497 44.98 -2.20 -23.58
N PHE C 498 44.02 -1.46 -23.05
CA PHE C 498 44.24 -0.04 -22.76
C PHE C 498 43.81 0.28 -21.34
N HIS C 499 44.30 1.42 -20.86
CA HIS C 499 43.85 1.93 -19.58
C HIS C 499 43.53 3.42 -19.74
N VAL C 500 42.34 3.83 -19.34
CA VAL C 500 41.93 5.23 -19.45
C VAL C 500 41.67 5.87 -18.07
N ASN C 501 41.66 7.19 -18.04
CA ASN C 501 41.25 7.94 -16.86
C ASN C 501 40.54 9.21 -17.30
N TRP C 502 39.22 9.26 -17.11
CA TRP C 502 38.43 10.45 -17.47
C TRP C 502 38.49 11.48 -16.36
N PHE C 503 39.06 11.09 -15.22
CA PHE C 503 38.79 11.79 -13.97
C PHE C 503 39.96 12.51 -13.32
N LEU C 504 41.00 12.82 -14.09
CA LEU C 504 42.10 13.67 -13.60
C LEU C 504 41.53 15.01 -13.18
N ARG C 505 42.03 15.51 -12.06
CA ARG C 505 41.66 16.83 -11.56
C ARG C 505 42.89 17.73 -11.58
N ASP C 506 42.68 19.04 -11.63
CA ASP C 506 43.75 19.97 -11.36
C ASP C 506 43.87 20.14 -9.83
N ASN C 507 44.86 20.93 -9.38
CA ASN C 507 45.07 21.05 -7.93
C ASN C 507 43.99 21.84 -7.18
N GLU C 508 43.00 22.34 -7.93
CA GLU C 508 41.82 22.95 -7.35
C GLU C 508 40.60 22.03 -7.37
N GLY C 509 40.76 20.85 -7.95
CA GLY C 509 39.66 19.89 -7.98
C GLY C 509 38.84 19.82 -9.24
N ARG C 510 39.08 20.69 -10.23
CA ARG C 510 38.33 20.64 -11.52
C ARG C 510 38.75 19.43 -12.34
N PHE C 511 37.85 18.88 -13.16
CA PHE C 511 38.24 17.87 -14.16
C PHE C 511 39.00 18.49 -15.33
N VAL C 512 40.20 17.97 -15.60
CA VAL C 512 41.05 18.39 -16.73
C VAL C 512 40.43 18.01 -18.10
N TRP C 513 39.75 16.87 -18.14
CA TRP C 513 39.14 16.33 -19.34
C TRP C 513 37.61 16.50 -19.28
N PRO C 514 37.00 17.11 -20.33
CA PRO C 514 35.53 17.28 -20.32
C PRO C 514 34.72 15.96 -20.35
N GLY C 515 35.31 14.88 -20.85
CA GLY C 515 34.62 13.60 -20.84
C GLY C 515 33.35 13.55 -21.68
N PHE C 516 32.48 12.58 -21.35
CA PHE C 516 31.22 12.36 -22.06
C PHE C 516 31.49 12.20 -23.56
N GLY C 517 30.79 12.93 -24.43
CA GLY C 517 31.00 12.84 -25.88
C GLY C 517 32.44 13.06 -26.34
N HIS C 518 33.19 13.84 -25.58
CA HIS C 518 34.61 14.05 -25.87
C HIS C 518 35.48 12.81 -25.69
N ASN C 519 34.97 11.84 -24.92
CA ASN C 519 35.64 10.53 -24.87
C ASN C 519 35.77 9.82 -26.22
N ALA C 520 35.00 10.25 -27.22
CA ALA C 520 35.14 9.73 -28.60
C ALA C 520 36.52 10.05 -29.16
N ARG C 521 37.12 11.16 -28.69
CA ARG C 521 38.47 11.54 -29.14
C ARG C 521 39.50 10.48 -28.72
N VAL C 522 39.32 9.91 -27.53
CA VAL C 522 40.19 8.83 -27.03
C VAL C 522 39.91 7.53 -27.74
N LEU C 523 38.62 7.22 -27.95
CA LEU C 523 38.23 6.00 -28.69
C LEU C 523 38.73 6.03 -30.15
N ALA C 524 38.75 7.21 -30.76
CA ALA C 524 39.33 7.40 -32.10
C ALA C 524 40.81 7.01 -32.16
N TRP C 525 41.57 7.44 -31.14
CA TRP C 525 42.99 7.11 -31.07
C TRP C 525 43.20 5.61 -30.89
N ILE C 526 42.45 5.03 -29.94
CA ILE C 526 42.41 3.57 -29.73
C ILE C 526 42.11 2.83 -31.03
N PHE C 527 41.11 3.34 -31.76
CA PHE C 527 40.67 2.82 -33.04
C PHE C 527 41.84 2.80 -34.03
N GLY C 528 42.57 3.93 -34.12
CA GLY C 528 43.74 4.06 -35.00
C GLY C 528 44.83 3.07 -34.62
N ARG C 529 45.05 2.92 -33.31
CA ARG C 529 45.98 1.94 -32.80
C ARG C 529 45.61 0.52 -33.18
N ILE C 530 44.31 0.20 -33.11
CA ILE C 530 43.78 -1.11 -33.52
C ILE C 530 44.13 -1.36 -34.99
N GLN C 531 44.06 -0.30 -35.80
CA GLN C 531 44.36 -0.38 -37.23
C GLN C 531 45.86 -0.47 -37.52
N GLY C 532 46.71 -0.37 -36.49
CA GLY C 532 48.17 -0.45 -36.68
C GLY C 532 48.92 0.86 -36.90
N ARG C 533 48.19 1.98 -36.80
CA ARG C 533 48.78 3.31 -37.02
C ARG C 533 49.93 3.66 -36.05
N ASP C 534 50.98 4.21 -36.62
CA ASP C 534 52.16 4.66 -35.89
C ASP C 534 51.83 5.95 -35.12
N THR C 535 51.00 5.86 -34.09
CA THR C 535 50.44 7.07 -33.46
C THR C 535 50.75 7.18 -31.95
N ALA C 536 51.70 6.36 -31.49
CA ALA C 536 52.02 6.28 -30.07
C ALA C 536 53.50 6.54 -29.82
N ARG C 537 53.79 7.02 -28.62
CA ARG C 537 55.17 7.11 -28.13
C ARG C 537 55.26 6.34 -26.82
N PRO C 538 56.44 5.74 -26.53
CA PRO C 538 56.54 4.95 -25.32
C PRO C 538 56.80 5.81 -24.09
N THR C 539 56.30 5.34 -22.93
CA THR C 539 56.54 5.96 -21.65
C THR C 539 56.84 4.82 -20.66
N PRO C 540 57.25 5.15 -19.42
CA PRO C 540 57.45 4.08 -18.40
C PRO C 540 56.20 3.25 -18.08
N ILE C 541 55.03 3.75 -18.44
CA ILE C 541 53.81 3.03 -18.07
C ILE C 541 53.06 2.38 -19.24
N GLY C 542 53.55 2.62 -20.46
CA GLY C 542 52.90 2.08 -21.65
C GLY C 542 53.01 3.04 -22.80
N TRP C 543 52.29 2.77 -23.89
CA TRP C 543 52.25 3.68 -25.02
C TRP C 543 51.22 4.78 -24.71
N VAL C 544 51.54 6.01 -25.07
CA VAL C 544 50.56 7.09 -25.05
C VAL C 544 50.43 7.72 -26.46
N PRO C 545 49.32 8.39 -26.75
CA PRO C 545 49.24 9.08 -28.03
C PRO C 545 50.28 10.20 -28.15
N LYS C 546 50.87 10.31 -29.32
CA LYS C 546 51.69 11.46 -29.64
C LYS C 546 50.76 12.67 -29.71
N GLU C 547 51.24 13.81 -29.19
CA GLU C 547 50.50 15.06 -29.29
C GLU C 547 50.33 15.28 -30.77
N GLY C 548 49.09 15.45 -31.22
CA GLY C 548 48.92 15.67 -32.67
C GLY C 548 48.34 14.43 -33.33
N ASP C 549 48.36 13.32 -32.61
CA ASP C 549 47.61 12.15 -33.03
C ASP C 549 46.40 11.97 -32.10
N LEU C 550 46.32 12.81 -31.07
CA LEU C 550 45.14 12.88 -30.23
C LEU C 550 44.41 14.17 -30.62
N ASP C 551 43.17 14.01 -31.08
CA ASP C 551 42.42 15.17 -31.58
C ASP C 551 41.88 15.99 -30.42
N LEU C 552 42.48 17.16 -30.22
CA LEU C 552 42.00 18.11 -29.22
C LEU C 552 41.47 19.36 -29.91
N GLY C 553 41.14 19.26 -31.19
CA GLY C 553 40.57 20.37 -31.92
C GLY C 553 39.22 20.74 -31.31
N GLY C 554 38.97 22.05 -31.17
CA GLY C 554 37.74 22.52 -30.54
C GLY C 554 37.74 22.43 -29.02
N LEU C 555 38.90 22.07 -28.45
CA LEU C 555 39.12 22.06 -27.02
C LEU C 555 40.26 23.02 -26.66
N PRO C 556 40.05 24.33 -26.80
CA PRO C 556 41.16 25.28 -26.64
C PRO C 556 41.65 25.42 -25.20
N GLY C 557 40.76 25.12 -24.24
CA GLY C 557 41.14 25.19 -22.82
C GLY C 557 41.89 23.97 -22.30
N VAL C 558 41.95 22.92 -23.11
CA VAL C 558 42.55 21.66 -22.72
C VAL C 558 43.94 21.53 -23.31
N ASP C 559 44.94 21.34 -22.45
CA ASP C 559 46.29 21.14 -22.94
C ASP C 559 46.73 19.68 -22.77
N TYR C 560 47.46 19.20 -23.77
CA TYR C 560 47.95 17.82 -23.83
C TYR C 560 48.77 17.45 -22.62
N SER C 561 49.64 18.35 -22.17
CA SER C 561 50.55 18.11 -21.04
C SER C 561 49.83 17.80 -19.75
N GLN C 562 48.68 18.46 -19.57
CA GLN C 562 47.84 18.26 -18.39
C GLN C 562 47.20 16.87 -18.41
N LEU C 563 47.05 16.29 -19.60
CA LEU C 563 46.37 15.00 -19.78
C LEU C 563 47.32 13.82 -19.67
N PHE C 564 48.61 14.08 -19.83
CA PHE C 564 49.63 13.02 -19.77
C PHE C 564 50.74 13.33 -18.75
N PRO C 565 50.37 13.42 -17.46
CA PRO C 565 51.40 13.61 -16.43
C PRO C 565 52.32 12.41 -16.40
N MET C 566 53.56 12.63 -16.00
CA MET C 566 54.54 11.56 -15.95
C MET C 566 55.46 11.91 -14.77
N GLU C 567 54.97 11.64 -13.57
CA GLU C 567 55.67 12.04 -12.35
C GLU C 567 56.32 10.83 -11.66
N LYS C 568 57.67 10.82 -11.59
CA LYS C 568 58.46 9.71 -11.01
C LYS C 568 57.98 9.39 -9.60
N GLY C 569 57.82 10.42 -8.78
CA GLY C 569 57.44 10.25 -7.37
C GLY C 569 56.08 9.61 -7.24
N PHE C 570 55.15 10.02 -8.09
CA PHE C 570 53.82 9.40 -8.14
C PHE C 570 53.90 7.88 -8.36
N TRP C 571 54.68 7.47 -9.36
CA TRP C 571 54.78 6.06 -9.73
C TRP C 571 55.63 5.24 -8.77
N GLU C 572 56.63 5.87 -8.15
CA GLU C 572 57.38 5.19 -7.09
C GLU C 572 56.43 4.81 -5.96
N GLU C 573 55.56 5.75 -5.60
CA GLU C 573 54.56 5.53 -4.56
C GLU C 573 53.53 4.47 -5.00
N GLU C 574 53.10 4.55 -6.26
CA GLU C 574 52.13 3.60 -6.81
C GLU C 574 52.65 2.17 -6.72
N CYS C 575 53.92 1.98 -7.11
CA CYS C 575 54.58 0.67 -7.04
C CYS C 575 54.66 0.13 -5.62
N ARG C 576 55.02 0.99 -4.67
CA ARG C 576 55.04 0.60 -3.27
C ARG C 576 53.67 0.10 -2.83
N GLN C 577 52.61 0.86 -3.16
CA GLN C 577 51.24 0.50 -2.82
C GLN C 577 50.88 -0.84 -3.42
N LEU C 578 51.19 -1.02 -4.70
CA LEU C 578 50.83 -2.25 -5.41
C LEU C 578 51.53 -3.45 -4.80
N ARG C 579 52.80 -3.28 -4.48
CA ARG C 579 53.59 -4.31 -3.86
C ARG C 579 52.98 -4.77 -2.52
N GLU C 580 52.57 -3.84 -1.67
CA GLU C 580 51.89 -4.20 -0.42
C GLU C 580 50.52 -4.82 -0.64
N TYR C 581 49.74 -4.23 -1.56
CA TYR C 581 48.43 -4.75 -1.91
C TYR C 581 48.49 -6.19 -2.38
N TYR C 582 49.34 -6.48 -3.36
CA TYR C 582 49.49 -7.84 -3.87
C TYR C 582 49.90 -8.80 -2.75
N GLY C 583 50.88 -8.37 -1.97
CA GLY C 583 51.41 -9.19 -0.86
C GLY C 583 50.36 -9.53 0.18
N GLU C 584 49.64 -8.51 0.68
CA GLU C 584 48.62 -8.71 1.71
C GLU C 584 47.42 -9.52 1.21
N ASN C 585 46.94 -9.25 0.01
CA ASN C 585 45.63 -9.72 -0.43
C ASN C 585 45.65 -10.91 -1.39
N PHE C 586 46.70 -11.03 -2.19
CA PHE C 586 46.86 -12.20 -3.06
C PHE C 586 47.82 -13.23 -2.49
N GLY C 587 48.86 -12.77 -1.80
CA GLY C 587 49.87 -13.65 -1.25
C GLY C 587 50.42 -14.62 -2.28
N ALA C 588 50.47 -15.89 -1.92
CA ALA C 588 50.96 -16.95 -2.80
C ALA C 588 50.10 -17.20 -4.06
N ASP C 589 48.87 -16.68 -4.07
CA ASP C 589 47.95 -16.88 -5.19
C ASP C 589 48.15 -15.86 -6.31
N LEU C 590 49.01 -14.86 -6.08
CA LEU C 590 49.38 -13.93 -7.15
C LEU C 590 50.22 -14.64 -8.20
N PRO C 591 49.77 -14.64 -9.48
CA PRO C 591 50.57 -15.19 -10.58
C PRO C 591 51.93 -14.50 -10.76
N ARG C 592 52.97 -15.30 -10.99
CA ARG C 592 54.33 -14.79 -11.16
C ARG C 592 54.41 -13.67 -12.22
N ASP C 593 53.72 -13.87 -13.34
CA ASP C 593 53.70 -12.89 -14.42
C ASP C 593 53.20 -11.50 -13.99
N VAL C 594 52.32 -11.44 -13.01
CA VAL C 594 51.83 -10.16 -12.50
C VAL C 594 52.96 -9.46 -11.73
N MET C 595 53.62 -10.21 -10.86
CA MET C 595 54.78 -9.72 -10.13
C MET C 595 55.92 -9.33 -11.10
N ALA C 596 56.14 -10.13 -12.13
CA ALA C 596 57.16 -9.81 -13.13
C ALA C 596 56.88 -8.47 -13.79
N GLU C 597 55.61 -8.17 -14.06
CA GLU C 597 55.24 -6.89 -14.66
C GLU C 597 55.41 -5.73 -13.69
N LEU C 598 55.14 -5.96 -12.41
CA LEU C 598 55.41 -4.95 -11.40
C LEU C 598 56.90 -4.61 -11.37
N GLU C 599 57.74 -5.64 -11.34
CA GLU C 599 59.19 -5.47 -11.39
C GLU C 599 59.61 -4.67 -12.64
N GLY C 600 58.97 -4.98 -13.77
CA GLY C 600 59.22 -4.28 -15.02
C GLY C 600 58.90 -2.81 -14.94
N LEU C 601 57.75 -2.48 -14.33
CA LEU C 601 57.36 -1.09 -14.08
C LEU C 601 58.29 -0.36 -13.13
N GLU C 602 58.73 -1.03 -12.06
CA GLU C 602 59.69 -0.45 -11.12
C GLU C 602 60.99 -0.05 -11.85
N GLU C 603 61.39 -0.84 -12.84
CA GLU C 603 62.60 -0.56 -13.62
C GLU C 603 62.43 0.66 -14.53
N ARG C 604 61.27 0.75 -15.17
CA ARG C 604 60.96 1.90 -16.04
C ARG C 604 60.87 3.20 -15.25
N VAL C 605 60.36 3.10 -14.02
CA VAL C 605 60.21 4.25 -13.13
C VAL C 605 61.55 4.75 -12.58
N ARG C 606 62.50 3.83 -12.39
CA ARG C 606 63.86 4.17 -12.03
C ARG C 606 64.52 5.06 -13.07
N LYS C 607 64.17 4.84 -14.33
CA LYS C 607 64.79 5.45 -15.49
C LYS C 607 64.28 6.88 -15.75
N MET C 608 63.18 7.26 -15.10
CA MET C 608 62.57 8.57 -15.28
C MET C 608 62.99 9.60 -14.24
N LEU D 1 0.84 -48.55 -50.48
CA LEU D 1 0.63 -49.21 -49.16
C LEU D 1 -0.28 -50.42 -49.31
N SER D 2 0.13 -51.54 -48.73
CA SER D 2 -0.69 -52.75 -48.74
CA SER D 2 -0.62 -52.79 -48.80
C SER D 2 -0.48 -53.57 -47.48
N THR D 3 -1.51 -54.35 -47.14
CA THR D 3 -1.46 -55.15 -45.92
C THR D 3 -0.85 -56.53 -46.20
N SER D 4 -0.66 -56.86 -47.49
CA SER D 4 -0.03 -58.13 -47.90
C SER D 4 1.48 -58.04 -47.94
N LEU D 5 2.21 -59.01 -47.36
CA LEU D 5 3.68 -59.00 -47.34
C LEU D 5 4.39 -60.01 -48.27
N SER D 6 3.62 -60.75 -49.05
CA SER D 6 4.11 -61.95 -49.73
C SER D 6 5.17 -61.80 -50.85
N ALA D 7 5.28 -60.60 -51.44
CA ALA D 7 6.21 -60.34 -52.57
C ALA D 7 7.70 -60.29 -52.18
N LEU D 8 7.97 -60.08 -50.89
CA LEU D 8 9.34 -60.04 -50.39
C LEU D 8 9.98 -61.45 -50.39
N PRO D 9 11.32 -61.52 -50.56
CA PRO D 9 12.03 -62.81 -50.40
C PRO D 9 11.98 -63.30 -48.96
N ALA D 10 12.22 -64.60 -48.77
CA ALA D 10 12.13 -65.25 -47.46
C ALA D 10 12.91 -64.50 -46.36
N ALA D 11 14.17 -64.16 -46.65
CA ALA D 11 15.01 -63.44 -45.70
C ALA D 11 14.46 -62.06 -45.35
N ALA D 12 13.88 -61.36 -46.32
CA ALA D 12 13.21 -60.08 -46.09
C ALA D 12 11.98 -60.21 -45.20
N ARG D 13 11.10 -61.17 -45.54
CA ARG D 13 9.92 -61.48 -44.74
C ARG D 13 10.30 -61.77 -43.28
N ASP D 14 11.27 -62.68 -43.08
CA ASP D 14 11.77 -63.05 -41.76
C ASP D 14 12.22 -61.85 -40.93
N PHE D 15 13.00 -60.98 -41.55
CA PHE D 15 13.46 -59.77 -40.88
C PHE D 15 12.29 -58.91 -40.37
N VAL D 16 11.31 -58.67 -41.25
CA VAL D 16 10.08 -57.95 -40.87
C VAL D 16 9.35 -58.65 -39.70
N GLU D 17 9.18 -59.98 -39.80
CA GLU D 17 8.54 -60.77 -38.75
C GLU D 17 9.24 -60.55 -37.40
N GLU D 18 10.57 -60.64 -37.40
CA GLU D 18 11.37 -60.38 -36.20
C GLU D 18 11.16 -58.94 -35.71
N ALA D 19 11.14 -57.98 -36.62
CA ALA D 19 10.90 -56.59 -36.22
C ALA D 19 9.49 -56.39 -35.62
N VAL D 20 8.49 -57.09 -36.16
CA VAL D 20 7.12 -56.98 -35.66
C VAL D 20 7.00 -57.51 -34.25
N ARG D 21 7.60 -58.67 -34.03
CA ARG D 21 7.58 -59.37 -32.74
C ARG D 21 8.20 -58.56 -31.62
N LEU D 22 9.16 -57.73 -31.96
CA LEU D 22 9.86 -56.89 -31.00
C LEU D 22 9.08 -55.61 -30.67
N CYS D 23 8.66 -54.90 -31.71
CA CYS D 23 8.18 -53.52 -31.57
C CYS D 23 6.68 -53.40 -31.30
N ARG D 24 5.94 -54.46 -31.61
CA ARG D 24 4.49 -54.53 -31.43
C ARG D 24 3.72 -53.34 -32.04
N PRO D 25 3.86 -53.13 -33.37
CA PRO D 25 3.06 -52.10 -34.05
C PRO D 25 1.58 -52.49 -34.07
N ARG D 26 0.70 -51.52 -34.24
CA ARG D 26 -0.74 -51.77 -34.38
C ARG D 26 -1.00 -52.56 -35.65
N GLU D 27 -0.31 -52.17 -36.71
CA GLU D 27 -0.52 -52.78 -38.02
C GLU D 27 0.78 -52.75 -38.84
N VAL D 28 0.80 -53.53 -39.91
CA VAL D 28 1.97 -53.67 -40.75
C VAL D 28 1.58 -53.42 -42.21
N LEU D 29 2.32 -52.50 -42.84
CA LEU D 29 2.04 -52.05 -44.21
C LEU D 29 3.29 -52.10 -45.06
N LEU D 30 3.17 -52.73 -46.23
CA LEU D 30 4.24 -52.77 -47.21
C LEU D 30 4.11 -51.57 -48.15
N CYS D 31 5.19 -50.80 -48.28
CA CYS D 31 5.27 -49.64 -49.17
C CYS D 31 5.63 -50.05 -50.58
N ASP D 32 5.00 -49.40 -51.57
CA ASP D 32 5.21 -49.74 -52.98
C ASP D 32 5.84 -48.61 -53.78
N GLY D 33 5.99 -47.45 -53.16
CA GLY D 33 6.58 -46.28 -53.80
C GLY D 33 5.69 -45.59 -54.83
N SER D 34 4.40 -45.91 -54.83
CA SER D 34 3.44 -45.35 -55.79
C SER D 34 3.00 -43.91 -55.49
N GLU D 35 2.33 -43.31 -56.48
CA GLU D 35 1.80 -41.95 -56.40
C GLU D 35 0.73 -41.84 -55.32
N GLU D 36 -0.18 -42.81 -55.37
CA GLU D 36 -1.29 -42.92 -54.44
C GLU D 36 -0.82 -43.12 -53.01
N GLU D 37 0.22 -43.93 -52.83
CA GLU D 37 0.83 -44.12 -51.53
C GLU D 37 1.36 -42.79 -50.97
N GLY D 38 2.05 -42.02 -51.82
CA GLY D 38 2.57 -40.72 -51.42
C GLY D 38 1.46 -39.81 -50.93
N LYS D 39 0.37 -39.76 -51.68
CA LYS D 39 -0.79 -38.93 -51.30
C LYS D 39 -1.40 -39.37 -49.97
N GLU D 40 -1.60 -40.68 -49.83
CA GLU D 40 -2.06 -41.31 -48.59
C GLU D 40 -1.21 -40.91 -47.37
N LEU D 41 0.11 -40.96 -47.53
CA LEU D 41 1.06 -40.60 -46.48
C LEU D 41 1.00 -39.10 -46.12
N LEU D 42 1.01 -38.25 -47.15
CA LEU D 42 0.84 -36.80 -46.98
C LEU D 42 -0.44 -36.43 -46.21
N ARG D 43 -1.56 -37.05 -46.62
CA ARG D 43 -2.86 -36.91 -45.97
C ARG D 43 -2.77 -37.16 -44.46
N GLY D 44 -2.25 -38.33 -44.12
CA GLY D 44 -2.10 -38.75 -42.73
C GLY D 44 -1.23 -37.82 -41.91
N LEU D 45 -0.11 -37.40 -42.48
CA LEU D 45 0.82 -36.52 -41.79
C LEU D 45 0.23 -35.11 -41.54
N GLN D 46 -0.58 -34.63 -42.47
CA GLN D 46 -1.23 -33.33 -42.32
C GLN D 46 -2.28 -33.40 -41.20
N ASP D 47 -3.09 -34.45 -41.19
CA ASP D 47 -4.03 -34.71 -40.09
C ASP D 47 -3.34 -34.82 -38.72
N ASP D 48 -2.20 -35.51 -38.69
CA ASP D 48 -1.35 -35.60 -37.48
C ASP D 48 -0.77 -34.26 -37.04
N GLY D 49 -0.78 -33.29 -37.94
CA GLY D 49 -0.20 -31.97 -37.68
C GLY D 49 1.29 -31.95 -37.87
N VAL D 50 1.85 -33.00 -38.45
CA VAL D 50 3.29 -33.08 -38.71
C VAL D 50 3.69 -32.26 -39.94
N LEU D 51 2.88 -32.35 -40.99
CA LEU D 51 3.13 -31.60 -42.22
C LEU D 51 2.15 -30.45 -42.40
N HIS D 52 2.67 -29.35 -42.92
CA HIS D 52 1.86 -28.18 -43.24
C HIS D 52 2.01 -27.97 -44.74
N PRO D 53 0.90 -27.68 -45.46
CA PRO D 53 1.00 -27.48 -46.91
C PRO D 53 1.66 -26.15 -47.24
N LEU D 54 2.23 -26.07 -48.44
CA LEU D 54 2.83 -24.84 -48.96
C LEU D 54 2.18 -24.51 -50.30
N PRO D 55 0.96 -23.93 -50.28
CA PRO D 55 0.16 -23.76 -51.49
C PRO D 55 0.77 -22.85 -52.56
N LYS D 56 1.82 -22.09 -52.22
CA LYS D 56 2.47 -21.27 -53.23
C LYS D 56 3.20 -22.11 -54.27
N TYR D 57 3.60 -23.33 -53.90
CA TYR D 57 4.32 -24.24 -54.81
C TYR D 57 3.49 -25.45 -55.19
N ASP D 58 4.13 -26.39 -55.89
CA ASP D 58 3.48 -27.57 -56.46
C ASP D 58 3.83 -28.80 -55.65
N ASN D 59 2.89 -29.24 -54.80
CA ASN D 59 3.08 -30.43 -53.96
C ASN D 59 4.32 -30.36 -53.06
N CYS D 60 4.49 -29.22 -52.38
CA CYS D 60 5.54 -29.05 -51.37
C CYS D 60 4.94 -28.96 -49.98
N TRP D 61 5.70 -29.40 -48.99
CA TRP D 61 5.20 -29.57 -47.64
C TRP D 61 6.26 -29.17 -46.63
N LEU D 62 5.83 -28.72 -45.45
CA LEU D 62 6.74 -28.31 -44.40
C LEU D 62 6.55 -29.12 -43.13
N ALA D 63 7.65 -29.66 -42.61
CA ALA D 63 7.63 -30.28 -41.29
C ALA D 63 8.40 -29.39 -40.31
N ARG D 64 7.98 -29.41 -39.05
CA ARG D 64 8.70 -28.75 -37.98
C ARG D 64 8.98 -29.82 -36.94
N THR D 65 10.19 -29.80 -36.37
CA THR D 65 10.61 -30.83 -35.44
C THR D 65 10.74 -30.30 -34.04
N ASP D 66 10.79 -31.22 -33.08
CA ASP D 66 11.23 -30.95 -31.72
C ASP D 66 12.65 -30.37 -31.81
N PRO D 67 12.92 -29.23 -31.12
CA PRO D 67 14.25 -28.59 -31.12
C PRO D 67 15.38 -29.52 -30.65
N ARG D 68 15.03 -30.60 -29.94
CA ARG D 68 16.02 -31.58 -29.53
C ARG D 68 16.39 -32.59 -30.62
N ASP D 69 15.67 -32.57 -31.74
CA ASP D 69 15.85 -33.55 -32.81
C ASP D 69 16.00 -32.80 -34.13
N VAL D 70 17.16 -32.17 -34.33
CA VAL D 70 17.39 -31.22 -35.44
C VAL D 70 18.62 -31.53 -36.28
N ALA D 71 19.38 -32.53 -35.85
CA ALA D 71 20.67 -32.85 -36.45
C ALA D 71 21.10 -34.26 -36.05
N ARG D 72 22.20 -34.73 -36.62
CA ARG D 72 22.78 -36.00 -36.20
C ARG D 72 23.29 -35.86 -34.77
N VAL D 73 23.36 -36.98 -34.07
CA VAL D 73 24.01 -37.02 -32.77
C VAL D 73 25.17 -38.01 -32.84
N GLU D 74 26.38 -37.49 -33.02
CA GLU D 74 27.56 -38.32 -33.20
C GLU D 74 27.89 -39.15 -31.95
N SER D 75 27.67 -38.57 -30.77
CA SER D 75 27.95 -39.25 -29.50
C SER D 75 27.02 -40.39 -29.17
N LYS D 76 25.91 -40.50 -29.92
CA LYS D 76 24.96 -41.60 -29.72
C LYS D 76 24.96 -42.51 -30.94
N THR D 77 25.98 -42.35 -31.78
CA THR D 77 26.12 -43.14 -32.98
C THR D 77 27.26 -44.09 -32.76
N VAL D 78 27.01 -45.39 -32.97
CA VAL D 78 27.96 -46.45 -32.55
C VAL D 78 28.22 -47.53 -33.61
N LEU D 79 29.40 -48.12 -33.52
CA LEU D 79 29.79 -49.28 -34.35
C LEU D 79 29.86 -50.49 -33.43
N VAL D 80 29.08 -51.54 -33.77
CA VAL D 80 29.00 -52.75 -32.97
C VAL D 80 29.79 -53.88 -33.65
N THR D 81 30.94 -54.22 -33.04
CA THR D 81 31.82 -55.28 -33.55
C THR D 81 32.34 -56.11 -32.38
N PRO D 82 32.54 -57.43 -32.57
CA PRO D 82 33.13 -58.26 -31.50
C PRO D 82 34.49 -57.77 -30.97
N GLU D 83 35.31 -57.21 -31.86
CA GLU D 83 36.60 -56.64 -31.51
C GLU D 83 36.59 -55.13 -31.62
N GLN D 84 36.99 -54.45 -30.53
CA GLN D 84 37.04 -52.99 -30.54
C GLN D 84 37.96 -52.48 -31.66
N SER D 85 39.03 -53.21 -31.91
CA SER D 85 40.06 -52.81 -32.87
C SER D 85 39.56 -52.88 -34.31
N ASP D 86 38.52 -53.66 -34.56
CA ASP D 86 37.90 -53.69 -35.89
C ASP D 86 37.13 -52.39 -36.20
N ALA D 87 36.63 -51.73 -35.16
CA ALA D 87 35.81 -50.51 -35.31
C ALA D 87 36.60 -49.23 -35.23
N VAL D 88 37.54 -49.16 -34.29
CA VAL D 88 38.23 -47.89 -33.98
C VAL D 88 39.69 -48.14 -33.60
N PRO D 89 40.56 -47.11 -33.76
CA PRO D 89 41.92 -47.21 -33.24
C PRO D 89 41.93 -47.22 -31.69
N PRO D 90 43.11 -47.47 -31.07
CA PRO D 90 43.18 -47.52 -29.62
C PRO D 90 42.59 -46.27 -28.96
N PRO D 91 41.82 -46.45 -27.85
CA PRO D 91 41.25 -45.31 -27.13
C PRO D 91 42.34 -44.30 -26.79
N PRO D 92 42.02 -42.99 -26.85
CA PRO D 92 43.06 -41.98 -26.66
C PRO D 92 43.73 -42.12 -25.27
N PRO D 93 45.07 -42.30 -25.25
CA PRO D 93 45.80 -42.54 -24.00
C PRO D 93 45.59 -41.46 -22.93
N SER D 94 45.31 -40.24 -23.36
CA SER D 94 45.05 -39.14 -22.42
C SER D 94 43.63 -39.20 -21.84
N GLY D 95 42.84 -40.17 -22.30
CA GLY D 95 41.56 -40.47 -21.70
C GLY D 95 40.37 -39.70 -22.23
N GLY D 96 40.64 -38.73 -23.11
CA GLY D 96 39.59 -37.93 -23.76
C GLY D 96 38.67 -38.80 -24.60
N PRO D 97 37.52 -38.23 -25.03
CA PRO D 97 36.50 -38.98 -25.76
C PRO D 97 37.06 -39.43 -27.12
N PRO D 98 36.64 -40.62 -27.59
CA PRO D 98 37.10 -41.08 -28.90
C PRO D 98 36.68 -40.11 -30.00
N GLN D 99 37.52 -39.97 -31.03
CA GLN D 99 37.32 -38.98 -32.07
C GLN D 99 37.11 -39.59 -33.46
N LEU D 100 37.12 -40.90 -33.57
CA LEU D 100 37.03 -41.57 -34.88
C LEU D 100 35.96 -42.66 -34.94
N GLY D 101 34.96 -42.55 -34.06
CA GLY D 101 33.87 -43.54 -33.99
C GLY D 101 33.71 -44.03 -32.56
N ASN D 102 32.52 -44.51 -32.23
CA ASN D 102 32.23 -45.01 -30.90
C ASN D 102 31.95 -46.51 -30.96
N TRP D 103 32.83 -47.32 -30.38
CA TRP D 103 32.63 -48.75 -30.37
C TRP D 103 31.66 -49.12 -29.26
N MET D 104 30.81 -50.10 -29.56
CA MET D 104 29.95 -50.70 -28.58
C MET D 104 30.03 -52.21 -28.78
N SER D 105 30.22 -52.94 -27.69
CA SER D 105 30.29 -54.40 -27.76
C SER D 105 28.93 -54.99 -28.13
N PRO D 106 28.91 -56.16 -28.79
CA PRO D 106 27.65 -56.87 -29.07
C PRO D 106 26.75 -57.04 -27.84
N ASN D 107 27.35 -57.36 -26.70
CA ASN D 107 26.62 -57.55 -25.43
C ASN D 107 25.98 -56.24 -24.94
N ALA D 108 26.75 -55.16 -25.02
CA ALA D 108 26.25 -53.85 -24.66
C ALA D 108 25.12 -53.45 -25.60
N PHE D 109 25.30 -53.73 -26.89
CA PHE D 109 24.27 -53.41 -27.90
C PHE D 109 23.01 -54.21 -27.63
N GLN D 110 23.19 -55.51 -27.36
CA GLN D 110 22.11 -56.44 -27.04
C GLN D 110 21.22 -55.86 -25.92
N ALA D 111 21.85 -55.40 -24.84
CA ALA D 111 21.18 -54.75 -23.71
C ALA D 111 20.51 -53.42 -24.08
N ALA D 112 21.20 -52.61 -24.88
CA ALA D 112 20.68 -51.30 -25.30
C ALA D 112 19.39 -51.43 -26.13
N VAL D 113 19.33 -52.46 -26.98
CA VAL D 113 18.13 -52.75 -27.79
C VAL D 113 16.96 -53.14 -26.89
N GLN D 114 17.23 -54.02 -25.92
CA GLN D 114 16.20 -54.48 -24.99
C GLN D 114 15.62 -53.34 -24.14
N GLU D 115 16.45 -52.34 -23.83
CA GLU D 115 15.97 -51.17 -23.07
C GLU D 115 15.00 -50.30 -23.87
N ARG D 116 15.11 -50.32 -25.20
CA ARG D 116 14.43 -49.36 -26.06
C ARG D 116 13.29 -49.91 -26.93
N PHE D 117 13.57 -50.97 -27.67
CA PHE D 117 12.68 -51.41 -28.74
C PHE D 117 11.40 -52.16 -28.34
N PRO D 118 11.45 -53.03 -27.30
CA PRO D 118 10.23 -53.78 -26.96
C PRO D 118 8.99 -52.91 -26.79
N GLY D 119 8.00 -53.13 -27.65
CA GLY D 119 6.74 -52.40 -27.63
C GLY D 119 6.81 -50.94 -28.04
N CYS D 120 7.93 -50.54 -28.63
CA CYS D 120 8.17 -49.12 -29.00
C CYS D 120 7.23 -48.59 -30.09
N MET D 121 6.64 -49.48 -30.89
CA MET D 121 5.72 -49.05 -31.95
C MET D 121 4.24 -49.20 -31.60
N ALA D 122 3.95 -49.45 -30.32
CA ALA D 122 2.55 -49.59 -29.86
C ALA D 122 1.67 -48.46 -30.40
N GLY D 123 0.54 -48.84 -30.99
CA GLY D 123 -0.42 -47.88 -31.52
C GLY D 123 -0.06 -47.23 -32.84
N ARG D 124 1.10 -47.60 -33.40
CA ARG D 124 1.58 -47.03 -34.66
C ARG D 124 1.71 -48.11 -35.73
N PRO D 125 1.55 -47.75 -37.01
CA PRO D 125 1.85 -48.73 -38.04
C PRO D 125 3.36 -48.91 -38.17
N LEU D 126 3.76 -50.10 -38.60
CA LEU D 126 5.13 -50.36 -39.03
C LEU D 126 5.08 -50.37 -40.55
N TYR D 127 5.93 -49.56 -41.16
CA TYR D 127 6.02 -49.50 -42.61
C TYR D 127 7.24 -50.27 -43.08
N VAL D 128 7.03 -51.13 -44.07
CA VAL D 128 8.11 -51.87 -44.71
C VAL D 128 8.53 -51.18 -46.02
N ILE D 129 9.80 -50.76 -46.07
CA ILE D 129 10.33 -50.06 -47.23
C ILE D 129 11.42 -50.88 -47.91
N PRO D 130 11.08 -51.59 -49.00
CA PRO D 130 12.12 -52.24 -49.79
C PRO D 130 12.77 -51.16 -50.64
N PHE D 131 14.08 -51.04 -50.58
CA PHE D 131 14.74 -49.97 -51.34
C PHE D 131 16.02 -50.41 -52.00
N SER D 132 16.42 -49.65 -53.02
CA SER D 132 17.65 -49.91 -53.73
C SER D 132 18.54 -48.67 -53.75
N MET D 133 19.84 -48.91 -53.58
CA MET D 133 20.85 -47.86 -53.67
C MET D 133 21.59 -48.02 -55.00
N GLY D 134 21.47 -47.01 -55.87
CA GLY D 134 22.09 -47.03 -57.19
C GLY D 134 21.17 -47.40 -58.33
N PRO D 135 21.61 -47.17 -59.59
CA PRO D 135 20.97 -47.40 -60.89
C PRO D 135 19.66 -48.21 -61.09
N PRO D 136 19.51 -49.43 -60.54
CA PRO D 136 20.28 -50.55 -59.95
C PRO D 136 20.68 -51.70 -60.92
N THR D 137 20.71 -51.42 -62.21
CA THR D 137 21.41 -52.29 -63.16
C THR D 137 22.93 -52.30 -62.88
N SER D 138 23.36 -51.41 -61.98
CA SER D 138 24.79 -51.17 -61.70
C SER D 138 25.48 -52.33 -60.98
N PRO D 139 26.70 -52.66 -61.42
CA PRO D 139 27.59 -53.53 -60.66
C PRO D 139 27.76 -53.06 -59.21
N LEU D 140 27.75 -51.75 -59.01
CA LEU D 140 27.96 -51.16 -57.68
C LEU D 140 26.66 -51.00 -56.87
N ALA D 141 25.53 -51.32 -57.48
CA ALA D 141 24.21 -51.22 -56.84
C ALA D 141 24.03 -52.16 -55.64
N LYS D 142 23.25 -51.72 -54.65
CA LYS D 142 22.97 -52.50 -53.44
C LYS D 142 21.57 -52.26 -52.89
N LEU D 143 21.05 -53.22 -52.14
CA LEU D 143 19.64 -53.22 -51.72
C LEU D 143 19.46 -53.21 -50.19
N GLY D 144 18.24 -52.89 -49.72
CA GLY D 144 17.92 -52.91 -48.28
C GLY D 144 16.43 -53.04 -48.01
N VAL D 145 16.08 -53.32 -46.77
CA VAL D 145 14.70 -53.22 -46.30
C VAL D 145 14.75 -52.38 -45.03
N GLN D 146 14.05 -51.26 -45.05
CA GLN D 146 13.90 -50.45 -43.84
C GLN D 146 12.49 -50.59 -43.29
N VAL D 147 12.40 -50.94 -42.00
CA VAL D 147 11.15 -50.81 -41.28
C VAL D 147 11.21 -49.53 -40.44
N THR D 148 10.09 -48.82 -40.38
CA THR D 148 9.98 -47.60 -39.61
C THR D 148 8.54 -47.39 -39.14
N ASP D 149 8.37 -46.59 -38.09
CA ASP D 149 7.03 -46.23 -37.62
C ASP D 149 6.72 -44.77 -37.94
N SER D 150 7.51 -44.19 -38.85
CA SER D 150 7.37 -42.78 -39.22
C SER D 150 7.04 -42.59 -40.70
N PRO D 151 5.83 -42.10 -41.01
CA PRO D 151 5.46 -41.77 -42.39
C PRO D 151 6.37 -40.70 -43.02
N TYR D 152 6.87 -39.78 -42.21
CA TYR D 152 7.83 -38.77 -42.65
C TYR D 152 9.09 -39.45 -43.22
N VAL D 153 9.61 -40.44 -42.48
CA VAL D 153 10.74 -41.23 -42.94
C VAL D 153 10.41 -41.99 -44.25
N VAL D 154 9.23 -42.64 -44.30
CA VAL D 154 8.79 -43.32 -45.53
C VAL D 154 8.86 -42.36 -46.72
N LEU D 155 8.27 -41.16 -46.57
CA LEU D 155 8.18 -40.21 -47.67
C LEU D 155 9.56 -39.75 -48.13
N SER D 156 10.44 -39.50 -47.16
CA SER D 156 11.79 -39.05 -47.41
C SER D 156 12.62 -40.14 -48.09
N MET D 157 12.48 -41.36 -47.62
CA MET D 157 13.14 -42.53 -48.23
C MET D 157 12.72 -42.75 -49.67
N ARG D 158 11.45 -42.48 -49.97
CA ARG D 158 10.92 -42.60 -51.32
C ARG D 158 11.61 -41.61 -52.27
N ILE D 159 11.94 -40.43 -51.72
CA ILE D 159 12.64 -39.38 -52.47
C ILE D 159 14.14 -39.68 -52.62
N MET D 160 14.74 -40.17 -51.54
CA MET D 160 16.19 -40.32 -51.44
C MET D 160 16.74 -41.66 -51.98
N THR D 161 15.85 -42.65 -52.13
CA THR D 161 16.23 -43.98 -52.63
C THR D 161 15.22 -44.45 -53.67
N ARG D 162 15.49 -45.60 -54.28
CA ARG D 162 14.53 -46.23 -55.17
C ARG D 162 13.61 -47.16 -54.37
N VAL D 163 12.32 -46.80 -54.34
CA VAL D 163 11.27 -47.61 -53.71
C VAL D 163 10.21 -47.96 -54.76
N GLY D 164 9.85 -49.23 -54.85
CA GLY D 164 8.91 -49.67 -55.89
C GLY D 164 9.06 -51.14 -56.23
N PRO D 165 8.15 -51.67 -57.07
CA PRO D 165 8.20 -53.11 -57.34
C PRO D 165 9.47 -53.53 -58.10
N ALA D 166 10.09 -52.59 -58.83
CA ALA D 166 11.32 -52.90 -59.59
C ALA D 166 12.47 -53.35 -58.68
N VAL D 167 12.48 -52.84 -57.44
CA VAL D 167 13.43 -53.26 -56.41
C VAL D 167 13.41 -54.79 -56.22
N LEU D 168 12.28 -55.39 -56.53
CA LEU D 168 12.07 -56.81 -56.36
C LEU D 168 12.96 -57.65 -57.28
N GLN D 169 13.40 -57.07 -58.39
CA GLN D 169 14.17 -57.81 -59.42
C GLN D 169 15.42 -58.49 -58.88
N ARG D 170 16.15 -57.79 -58.02
CA ARG D 170 17.45 -58.25 -57.53
C ARG D 170 17.50 -58.43 -56.01
N LEU D 171 16.37 -58.19 -55.34
CA LEU D 171 16.26 -58.39 -53.89
C LEU D 171 16.47 -59.87 -53.51
N ASP D 172 17.64 -60.15 -52.92
CA ASP D 172 18.08 -61.51 -52.61
C ASP D 172 18.06 -61.73 -51.10
N ASP D 173 19.00 -62.57 -50.66
CA ASP D 173 19.38 -62.68 -49.26
C ASP D 173 20.46 -61.65 -48.94
N ASP D 174 21.09 -61.09 -49.98
CA ASP D 174 22.09 -60.06 -49.83
C ASP D 174 21.42 -58.67 -49.73
N PHE D 175 20.81 -58.38 -48.58
CA PHE D 175 20.25 -57.04 -48.35
C PHE D 175 20.59 -56.53 -46.93
N VAL D 176 20.65 -55.21 -46.78
CA VAL D 176 20.88 -54.57 -45.47
C VAL D 176 19.58 -54.45 -44.70
N ARG D 177 19.57 -55.00 -43.48
CA ARG D 177 18.41 -54.96 -42.57
C ARG D 177 18.48 -53.64 -41.79
N CYS D 178 17.48 -52.80 -41.97
CA CYS D 178 17.45 -51.47 -41.36
C CYS D 178 16.23 -51.32 -40.49
N LEU D 179 16.45 -51.21 -39.18
CA LEU D 179 15.36 -51.11 -38.20
C LEU D 179 15.35 -49.71 -37.60
N HIS D 180 14.22 -49.03 -37.75
CA HIS D 180 14.05 -47.68 -37.21
C HIS D 180 12.75 -47.50 -36.42
N SER D 181 12.85 -46.77 -35.32
CA SER D 181 11.68 -46.33 -34.58
C SER D 181 11.94 -44.97 -33.97
N VAL D 182 10.96 -44.07 -34.06
CA VAL D 182 11.04 -42.76 -33.39
C VAL D 182 11.02 -42.89 -31.86
N GLY D 183 10.67 -44.08 -31.36
CA GLY D 183 10.74 -44.40 -29.93
C GLY D 183 9.69 -43.76 -29.04
N ARG D 184 8.49 -43.56 -29.57
CA ARG D 184 7.39 -42.97 -28.80
C ARG D 184 6.12 -43.77 -28.92
N PRO D 185 6.04 -44.93 -28.22
CA PRO D 185 4.82 -45.74 -28.26
C PRO D 185 3.59 -44.97 -27.78
N LEU D 186 2.43 -45.31 -28.31
CA LEU D 186 1.18 -44.71 -27.89
C LEU D 186 0.53 -45.63 -26.85
N PRO D 187 -0.14 -45.07 -25.81
CA PRO D 187 -0.48 -43.66 -25.61
C PRO D 187 0.70 -42.87 -25.08
N LEU D 188 0.75 -41.57 -25.39
CA LEU D 188 1.82 -40.74 -24.85
C LEU D 188 1.58 -40.48 -23.37
N THR D 189 2.68 -40.42 -22.61
CA THR D 189 2.65 -40.01 -21.21
C THR D 189 3.05 -38.54 -21.05
N GLU D 190 3.83 -38.04 -22.01
CA GLU D 190 4.23 -36.62 -22.07
C GLU D 190 3.93 -36.07 -23.47
N PRO D 191 3.61 -34.76 -23.57
CA PRO D 191 3.21 -34.21 -24.86
C PRO D 191 4.37 -34.12 -25.86
N LEU D 192 4.05 -34.02 -27.14
CA LEU D 192 5.05 -33.77 -28.19
C LEU D 192 5.29 -32.29 -28.37
N VAL D 193 6.48 -31.93 -28.85
CA VAL D 193 6.74 -30.58 -29.31
C VAL D 193 6.57 -30.62 -30.83
N SER D 194 5.77 -29.70 -31.37
CA SER D 194 5.54 -29.59 -32.82
C SER D 194 5.02 -30.89 -33.47
N SER D 195 4.24 -31.65 -32.70
CA SER D 195 3.69 -32.94 -33.14
C SER D 195 4.78 -33.92 -33.60
N TRP D 196 6.01 -33.74 -33.09
CA TRP D 196 7.16 -34.48 -33.56
C TRP D 196 7.59 -35.55 -32.56
N PRO D 197 7.33 -36.83 -32.90
CA PRO D 197 7.71 -37.96 -32.05
C PRO D 197 9.21 -38.23 -32.06
N CYS D 198 9.80 -38.30 -30.88
CA CYS D 198 11.22 -38.56 -30.74
C CYS D 198 11.51 -38.86 -29.27
N ASP D 199 12.64 -39.52 -29.01
CA ASP D 199 13.08 -39.77 -27.65
C ASP D 199 14.55 -39.39 -27.53
N PRO D 200 14.84 -38.08 -27.40
CA PRO D 200 16.20 -37.57 -27.48
C PRO D 200 17.17 -38.23 -26.50
N SER D 201 16.73 -38.44 -25.26
CA SER D 201 17.64 -38.95 -24.22
C SER D 201 18.07 -40.40 -24.45
N ARG D 202 17.36 -41.11 -25.32
CA ARG D 202 17.68 -42.52 -25.57
C ARG D 202 18.03 -42.82 -27.03
N VAL D 203 18.35 -41.77 -27.79
CA VAL D 203 18.74 -41.92 -29.19
C VAL D 203 19.94 -42.87 -29.32
N LEU D 204 19.84 -43.79 -30.26
CA LEU D 204 20.92 -44.72 -30.56
C LEU D 204 20.90 -45.07 -32.04
N VAL D 205 22.01 -44.81 -32.72
CA VAL D 205 22.13 -45.13 -34.14
C VAL D 205 23.30 -46.10 -34.26
N ALA D 206 22.96 -47.39 -34.34
CA ALA D 206 23.92 -48.49 -34.26
C ALA D 206 24.12 -49.23 -35.58
N HIS D 207 25.35 -49.68 -35.80
CA HIS D 207 25.74 -50.31 -37.06
C HIS D 207 26.43 -51.63 -36.76
N ILE D 208 25.90 -52.70 -37.36
CA ILE D 208 26.38 -54.06 -37.07
C ILE D 208 26.79 -54.77 -38.38
N PRO D 209 28.01 -54.46 -38.87
CA PRO D 209 28.50 -54.87 -40.20
C PRO D 209 28.45 -56.38 -40.43
N SER D 210 28.85 -57.15 -39.41
CA SER D 210 28.84 -58.61 -39.45
C SER D 210 27.43 -59.22 -39.60
N GLU D 211 26.41 -58.44 -39.26
CA GLU D 211 25.02 -58.89 -39.37
C GLU D 211 24.30 -58.18 -40.52
N ARG D 212 25.06 -57.34 -41.23
CA ARG D 212 24.55 -56.46 -42.31
C ARG D 212 23.32 -55.68 -41.83
N ARG D 213 23.42 -55.10 -40.64
CA ARG D 213 22.27 -54.53 -39.94
C ARG D 213 22.54 -53.12 -39.40
N ILE D 214 21.48 -52.31 -39.44
CA ILE D 214 21.46 -50.98 -38.85
C ILE D 214 20.22 -50.91 -37.96
N VAL D 215 20.39 -50.30 -36.79
CA VAL D 215 19.34 -50.19 -35.80
C VAL D 215 19.36 -48.77 -35.24
N SER D 216 18.28 -48.03 -35.47
CA SER D 216 18.20 -46.61 -35.13
C SER D 216 16.95 -46.32 -34.30
N PHE D 217 17.16 -45.67 -33.15
CA PHE D 217 16.09 -45.42 -32.19
C PHE D 217 16.05 -43.97 -31.73
N GLY D 218 14.85 -43.40 -31.67
CA GLY D 218 14.63 -42.15 -30.94
C GLY D 218 14.64 -40.87 -31.73
N SER D 219 15.01 -40.94 -33.01
CA SER D 219 15.13 -39.73 -33.82
C SER D 219 14.42 -39.88 -35.15
N GLY D 220 13.79 -38.81 -35.61
CA GLY D 220 13.18 -38.81 -36.92
C GLY D 220 13.98 -38.00 -37.92
N TYR D 221 15.04 -37.34 -37.45
CA TYR D 221 15.81 -36.44 -38.32
CA TYR D 221 15.80 -36.44 -38.31
C TYR D 221 16.73 -37.17 -39.28
N GLY D 222 16.68 -36.72 -40.54
CA GLY D 222 17.40 -37.26 -41.68
C GLY D 222 18.58 -38.21 -41.51
N GLY D 223 19.69 -37.69 -41.04
CA GLY D 223 20.91 -38.48 -40.90
C GLY D 223 20.78 -39.64 -39.93
N ASN D 224 19.90 -39.48 -38.94
CA ASN D 224 19.65 -40.56 -38.00
C ASN D 224 18.60 -41.57 -38.50
N SER D 225 17.71 -41.14 -39.39
CA SER D 225 16.51 -41.91 -39.71
C SER D 225 16.44 -42.45 -41.14
N LEU D 226 17.15 -41.78 -42.07
CA LEU D 226 17.21 -42.23 -43.47
C LEU D 226 18.33 -43.23 -43.59
N LEU D 227 18.03 -44.51 -43.34
CA LEU D 227 19.10 -45.46 -43.02
C LEU D 227 19.93 -45.90 -44.22
N GLY D 228 19.39 -45.73 -45.43
CA GLY D 228 20.13 -46.02 -46.66
C GLY D 228 21.31 -45.07 -46.84
N LYS D 229 21.21 -43.90 -46.23
CA LYS D 229 22.07 -42.76 -46.52
C LYS D 229 23.43 -42.85 -45.80
N LYS D 230 23.58 -42.16 -44.66
CA LYS D 230 24.84 -42.23 -43.92
C LYS D 230 25.11 -43.63 -43.36
N CYS D 231 24.07 -44.23 -42.75
CA CYS D 231 24.21 -45.49 -42.03
C CYS D 231 24.62 -46.61 -42.96
N PHE D 232 23.86 -46.81 -44.04
CA PHE D 232 24.20 -47.82 -45.02
C PHE D 232 25.27 -47.39 -46.02
N ALA D 233 25.01 -46.30 -46.76
CA ALA D 233 25.84 -45.97 -47.91
C ALA D 233 27.24 -45.46 -47.58
N LEU D 234 27.45 -45.08 -46.32
CA LEU D 234 28.79 -44.74 -45.81
C LEU D 234 29.33 -45.73 -44.80
N ARG D 235 28.67 -45.88 -43.65
CA ARG D 235 29.23 -46.67 -42.55
C ARG D 235 29.33 -48.16 -42.88
N ILE D 236 28.19 -48.79 -43.19
CA ILE D 236 28.18 -50.21 -43.56
C ILE D 236 28.98 -50.41 -44.86
N ALA D 237 28.74 -49.55 -45.84
CA ALA D 237 29.37 -49.70 -47.15
C ALA D 237 30.88 -49.52 -47.15
N SER D 238 31.40 -48.62 -46.30
CA SER D 238 32.86 -48.42 -46.24
C SER D 238 33.61 -49.66 -45.80
N ARG D 239 33.00 -50.47 -44.94
CA ARG D 239 33.59 -51.73 -44.43
C ARG D 239 33.54 -52.76 -45.56
N MET D 240 32.38 -52.86 -46.20
CA MET D 240 32.21 -53.71 -47.36
C MET D 240 33.25 -53.39 -48.43
N ALA D 241 33.37 -52.09 -48.72
CA ALA D 241 34.32 -51.57 -49.72
C ALA D 241 35.75 -51.98 -49.43
N GLN D 242 36.16 -51.81 -48.18
CA GLN D 242 37.50 -52.17 -47.77
C GLN D 242 37.83 -53.66 -47.97
N GLN D 243 36.87 -54.54 -47.70
CA GLN D 243 37.14 -55.96 -47.87
C GLN D 243 36.92 -56.45 -49.31
N GLN D 244 36.24 -55.66 -50.13
CA GLN D 244 35.94 -56.07 -51.50
C GLN D 244 36.68 -55.27 -52.58
N GLY D 245 37.57 -54.37 -52.17
CA GLY D 245 38.40 -53.61 -53.11
C GLY D 245 37.74 -52.42 -53.80
N TRP D 246 36.83 -51.75 -53.11
CA TRP D 246 36.25 -50.51 -53.64
C TRP D 246 36.21 -49.43 -52.57
N LEU D 247 35.53 -48.33 -52.86
CA LEU D 247 35.49 -47.17 -51.95
C LEU D 247 34.07 -46.65 -51.78
N ALA D 248 33.69 -46.39 -50.52
CA ALA D 248 32.42 -45.73 -50.19
C ALA D 248 32.73 -44.43 -49.46
N GLU D 249 32.45 -43.30 -50.10
CA GLU D 249 32.97 -42.01 -49.62
C GLU D 249 31.94 -40.89 -49.47
N HIS D 250 32.24 -39.95 -48.55
CA HIS D 250 31.40 -38.77 -48.32
C HIS D 250 31.77 -37.72 -49.37
N MET D 251 31.40 -38.00 -50.63
CA MET D 251 31.86 -37.18 -51.76
C MET D 251 30.75 -36.90 -52.74
N LEU D 252 30.66 -35.63 -53.15
CA LEU D 252 29.90 -35.24 -54.33
C LEU D 252 30.61 -35.74 -55.58
N ILE D 253 29.85 -35.87 -56.68
CA ILE D 253 30.40 -36.22 -57.98
C ILE D 253 29.82 -35.20 -58.95
N LEU D 254 30.67 -34.62 -59.79
CA LEU D 254 30.19 -33.68 -60.79
C LEU D 254 30.96 -33.83 -62.09
N GLY D 255 30.37 -33.36 -63.17
CA GLY D 255 31.06 -33.30 -64.46
C GLY D 255 31.35 -31.86 -64.81
N VAL D 256 32.55 -31.61 -65.33
CA VAL D 256 32.98 -30.29 -65.75
C VAL D 256 33.23 -30.36 -67.26
N THR D 257 32.58 -29.49 -68.02
CA THR D 257 32.84 -29.37 -69.44
C THR D 257 33.62 -28.08 -69.71
N SER D 258 34.82 -28.22 -70.27
CA SER D 258 35.62 -27.05 -70.69
C SER D 258 35.02 -26.39 -71.94
N PRO D 259 35.41 -25.12 -72.24
CA PRO D 259 35.10 -24.47 -73.51
C PRO D 259 35.47 -25.30 -74.75
N SER D 260 36.49 -26.13 -74.64
CA SER D 260 36.92 -27.00 -75.75
C SER D 260 35.93 -28.15 -75.98
N GLY D 261 35.00 -28.33 -75.05
CA GLY D 261 33.99 -29.39 -75.14
C GLY D 261 34.37 -30.67 -74.43
N GLU D 262 35.60 -30.72 -73.93
CA GLU D 262 36.09 -31.85 -73.14
C GLU D 262 35.40 -31.92 -71.79
N LYS D 263 35.01 -33.13 -71.39
CA LYS D 263 34.33 -33.33 -70.12
C LYS D 263 35.15 -34.22 -69.17
N ARG D 264 35.30 -33.78 -67.92
CA ARG D 264 35.97 -34.57 -66.89
C ARG D 264 35.10 -34.61 -65.65
N TYR D 265 35.18 -35.71 -64.91
CA TYR D 265 34.43 -35.86 -63.69
C TYR D 265 35.32 -35.75 -62.45
N MET D 266 34.80 -35.11 -61.42
CA MET D 266 35.55 -34.90 -60.19
C MET D 266 34.72 -35.33 -58.97
N ALA D 267 35.40 -35.82 -57.94
CA ALA D 267 34.74 -36.08 -56.67
C ALA D 267 35.29 -35.13 -55.62
N ALA D 268 34.48 -34.74 -54.66
CA ALA D 268 34.92 -33.81 -53.61
C ALA D 268 34.39 -34.16 -52.23
N ALA D 269 35.31 -34.44 -51.31
CA ALA D 269 35.00 -34.72 -49.90
C ALA D 269 35.03 -33.44 -49.06
N PHE D 270 33.85 -32.88 -48.78
CA PHE D 270 33.71 -31.76 -47.85
C PHE D 270 32.87 -32.24 -46.69
N PRO D 271 33.17 -31.77 -45.46
CA PRO D 271 32.30 -32.17 -44.36
C PRO D 271 30.88 -31.64 -44.55
N SER D 272 29.94 -32.17 -43.78
CA SER D 272 28.55 -31.74 -43.85
C SER D 272 28.42 -30.23 -43.74
N ALA D 273 27.57 -29.67 -44.60
CA ALA D 273 27.33 -28.23 -44.63
C ALA D 273 28.59 -27.40 -44.94
N CYS D 274 29.48 -27.96 -45.76
CA CYS D 274 30.68 -27.22 -46.18
C CYS D 274 30.79 -27.05 -47.69
N GLY D 275 29.68 -27.23 -48.39
CA GLY D 275 29.60 -26.76 -49.76
C GLY D 275 29.37 -27.76 -50.86
N LYS D 276 29.15 -29.04 -50.54
CA LYS D 276 29.01 -30.06 -51.59
C LYS D 276 27.86 -29.79 -52.56
N THR D 277 26.68 -29.48 -52.00
CA THR D 277 25.49 -29.30 -52.81
C THR D 277 25.63 -28.10 -53.73
N ASN D 278 26.14 -27.00 -53.18
CA ASN D 278 26.35 -25.79 -53.97
C ASN D 278 27.38 -25.92 -55.08
N LEU D 279 28.37 -26.79 -54.88
CA LEU D 279 29.38 -27.09 -55.90
C LEU D 279 28.85 -28.07 -56.94
N ALA D 280 28.21 -29.15 -56.48
CA ALA D 280 27.65 -30.17 -57.40
C ALA D 280 26.61 -29.59 -58.38
N MET D 281 25.85 -28.60 -57.94
CA MET D 281 24.87 -28.01 -58.86
C MET D 281 25.12 -26.52 -59.12
N MET D 282 26.41 -26.17 -59.11
CA MET D 282 26.86 -24.82 -59.34
C MET D 282 26.49 -24.33 -60.74
N THR D 283 26.13 -23.07 -60.84
CA THR D 283 26.06 -22.39 -62.14
C THR D 283 27.36 -21.63 -62.27
N PRO D 284 28.23 -22.06 -63.20
CA PRO D 284 29.57 -21.47 -63.28
C PRO D 284 29.52 -19.99 -63.61
N SER D 285 30.33 -19.20 -62.90
CA SER D 285 30.48 -17.77 -63.18
C SER D 285 31.47 -17.50 -64.31
N LEU D 286 32.04 -18.56 -64.87
CA LEU D 286 32.93 -18.46 -66.03
C LEU D 286 32.24 -18.85 -67.33
N PRO D 287 32.33 -17.98 -68.36
CA PRO D 287 31.72 -18.32 -69.64
C PRO D 287 32.47 -19.48 -70.33
N GLY D 288 31.73 -20.29 -71.11
CA GLY D 288 32.31 -21.47 -71.74
C GLY D 288 32.24 -22.74 -70.92
N TRP D 289 32.36 -22.63 -69.59
CA TRP D 289 32.39 -23.76 -68.68
C TRP D 289 30.98 -24.22 -68.28
N ARG D 290 30.83 -25.53 -68.13
CA ARG D 290 29.55 -26.13 -67.80
C ARG D 290 29.75 -27.12 -66.67
N ILE D 291 28.78 -27.20 -65.76
CA ILE D 291 28.81 -28.20 -64.70
CA ILE D 291 28.85 -28.26 -64.77
C ILE D 291 27.57 -29.08 -64.80
N HIS D 292 27.74 -30.37 -64.53
CA HIS D 292 26.64 -31.30 -64.43
C HIS D 292 26.72 -32.01 -63.08
N CYS D 293 25.55 -32.14 -62.45
CA CYS D 293 25.45 -32.82 -61.18
C CYS D 293 25.30 -34.33 -61.37
N VAL D 294 26.13 -35.12 -60.69
CA VAL D 294 25.92 -36.57 -60.55
C VAL D 294 25.38 -36.88 -59.14
N GLY D 295 25.95 -36.25 -58.12
CA GLY D 295 25.53 -36.47 -56.73
C GLY D 295 26.12 -35.43 -55.79
N ASP D 296 25.50 -35.25 -54.63
CA ASP D 296 25.94 -34.21 -53.69
C ASP D 296 26.37 -34.71 -52.30
N ASP D 297 26.52 -36.01 -52.10
CA ASP D 297 26.77 -36.49 -50.75
C ASP D 297 27.59 -37.78 -50.67
N ILE D 298 27.20 -38.79 -51.43
CA ILE D 298 27.83 -40.09 -51.31
C ILE D 298 28.28 -40.60 -52.68
N ALA D 299 29.51 -41.13 -52.71
CA ALA D 299 30.08 -41.73 -53.91
C ALA D 299 30.52 -43.17 -53.64
N TRP D 300 30.14 -44.07 -54.53
CA TRP D 300 30.65 -45.43 -54.47
C TRP D 300 31.59 -45.60 -55.66
N MET D 301 32.84 -45.96 -55.39
CA MET D 301 33.87 -45.93 -56.42
C MET D 301 34.63 -47.25 -56.52
N LYS D 302 34.92 -47.66 -57.76
CA LYS D 302 35.67 -48.88 -58.04
C LYS D 302 36.49 -48.73 -59.30
N PHE D 303 37.71 -49.27 -59.31
CA PHE D 303 38.52 -49.28 -60.52
C PHE D 303 37.92 -50.24 -61.52
N ASP D 304 37.83 -49.83 -62.77
CA ASP D 304 37.38 -50.75 -63.81
C ASP D 304 38.54 -51.46 -64.49
N ASP D 305 38.23 -52.11 -65.61
CA ASP D 305 39.14 -53.01 -66.32
C ASP D 305 40.29 -52.30 -67.02
N GLU D 306 40.10 -51.02 -67.31
CA GLU D 306 41.18 -50.18 -67.84
C GLU D 306 41.91 -49.43 -66.73
N GLY D 307 41.44 -49.60 -65.49
CA GLY D 307 42.09 -48.97 -64.33
C GLY D 307 41.66 -47.54 -64.05
N ARG D 308 40.59 -47.08 -64.70
CA ARG D 308 39.96 -45.81 -64.36
C ARG D 308 39.11 -45.98 -63.10
N LEU D 309 39.08 -44.93 -62.28
CA LEU D 309 38.26 -44.94 -61.08
C LEU D 309 36.85 -44.53 -61.43
N ARG D 310 35.91 -45.46 -61.31
CA ARG D 310 34.53 -45.24 -61.73
C ARG D 310 33.65 -44.96 -60.50
N ALA D 311 32.83 -43.92 -60.60
CA ALA D 311 31.98 -43.52 -59.48
C ALA D 311 30.50 -43.59 -59.84
N ILE D 312 29.69 -44.11 -58.93
CA ILE D 312 28.24 -43.92 -58.98
C ILE D 312 27.72 -43.19 -57.75
N ASN D 313 26.59 -42.49 -57.92
CA ASN D 313 25.83 -41.92 -56.81
C ASN D 313 24.74 -42.93 -56.40
N PRO D 314 24.82 -43.49 -55.17
CA PRO D 314 23.83 -44.50 -54.79
C PRO D 314 22.46 -43.91 -54.45
N GLU D 315 22.36 -42.58 -54.35
CA GLU D 315 21.13 -41.94 -53.91
C GLU D 315 20.28 -41.42 -55.05
N ARG D 316 19.02 -41.15 -54.74
CA ARG D 316 18.02 -40.74 -55.74
C ARG D 316 17.52 -39.30 -55.56
N GLY D 317 17.98 -38.63 -54.49
CA GLY D 317 17.50 -37.27 -54.17
C GLY D 317 18.53 -36.41 -53.45
N PHE D 318 18.15 -35.18 -53.13
CA PHE D 318 19.02 -34.25 -52.39
C PHE D 318 18.40 -33.89 -51.07
N PHE D 319 19.20 -34.00 -50.01
CA PHE D 319 18.77 -33.65 -48.66
C PHE D 319 19.65 -32.48 -48.24
N GLY D 320 19.31 -31.30 -48.77
CA GLY D 320 20.24 -30.18 -48.73
C GLY D 320 19.96 -29.12 -47.68
N VAL D 321 21.02 -28.54 -47.13
CA VAL D 321 20.92 -27.38 -46.23
C VAL D 321 20.21 -26.23 -46.94
N ALA D 322 19.14 -25.72 -46.32
CA ALA D 322 18.35 -24.66 -46.96
C ALA D 322 18.92 -23.24 -46.79
N PRO D 323 19.21 -22.81 -45.54
CA PRO D 323 19.72 -21.44 -45.34
C PRO D 323 20.88 -21.11 -46.27
N GLY D 324 20.82 -19.90 -46.85
CA GLY D 324 21.83 -19.46 -47.81
C GLY D 324 21.40 -19.68 -49.25
N THR D 325 20.48 -20.63 -49.48
CA THR D 325 19.99 -20.92 -50.84
C THR D 325 19.22 -19.72 -51.40
N SER D 326 19.64 -19.25 -52.58
CA SER D 326 18.98 -18.18 -53.31
C SER D 326 19.25 -18.31 -54.82
N SER D 327 18.67 -17.41 -55.62
CA SER D 327 18.92 -17.39 -57.06
C SER D 327 20.33 -16.88 -57.35
N ARG D 328 20.98 -16.33 -56.33
CA ARG D 328 22.37 -15.89 -56.43
C ARG D 328 23.35 -17.04 -56.14
N THR D 329 23.06 -17.83 -55.11
CA THR D 329 24.00 -18.83 -54.64
C THR D 329 23.80 -20.16 -55.33
N ASN D 330 22.55 -20.55 -55.55
CA ASN D 330 22.25 -21.84 -56.11
C ASN D 330 20.93 -21.84 -56.87
N PRO D 331 20.89 -21.18 -58.04
CA PRO D 331 19.66 -21.16 -58.82
C PRO D 331 19.19 -22.56 -59.23
N ASN D 332 20.13 -23.49 -59.41
CA ASN D 332 19.76 -24.88 -59.73
C ASN D 332 19.02 -25.59 -58.61
N ALA D 333 19.37 -25.30 -57.36
CA ALA D 333 18.62 -25.82 -56.21
C ALA D 333 17.25 -25.17 -56.15
N MET D 334 17.19 -23.88 -56.48
CA MET D 334 15.91 -23.18 -56.54
C MET D 334 14.92 -23.82 -57.51
N ALA D 335 15.42 -24.23 -58.66
CA ALA D 335 14.59 -24.88 -59.66
C ALA D 335 14.17 -26.29 -59.19
N THR D 336 15.04 -26.94 -58.42
CA THR D 336 14.85 -28.32 -57.99
C THR D 336 13.73 -28.42 -56.94
N ILE D 337 13.67 -27.42 -56.05
CA ILE D 337 12.82 -27.49 -54.85
C ILE D 337 11.47 -26.79 -55.02
N ALA D 338 11.17 -26.40 -56.25
CA ALA D 338 9.93 -25.73 -56.59
C ALA D 338 8.71 -26.67 -56.56
N ARG D 339 8.95 -27.98 -56.57
CA ARG D 339 7.87 -28.97 -56.60
C ARG D 339 8.26 -30.29 -55.94
N ASN D 340 7.27 -31.02 -55.45
CA ASN D 340 7.46 -32.35 -54.86
C ASN D 340 8.59 -32.44 -53.83
N THR D 341 8.71 -31.41 -53.00
CA THR D 341 9.80 -31.25 -52.06
C THR D 341 9.26 -31.11 -50.64
N ILE D 342 9.90 -31.83 -49.71
CA ILE D 342 9.57 -31.73 -48.29
C ILE D 342 10.62 -30.86 -47.63
N PHE D 343 10.17 -29.77 -47.01
CA PHE D 343 11.05 -28.89 -46.24
C PHE D 343 10.93 -29.21 -44.76
N THR D 344 12.06 -29.17 -44.07
CA THR D 344 12.07 -29.42 -42.64
C THR D 344 12.74 -28.26 -41.93
N ASN D 345 11.99 -27.66 -41.00
CA ASN D 345 12.45 -26.58 -40.10
C ASN D 345 12.78 -25.23 -40.74
N VAL D 346 12.19 -24.96 -41.90
CA VAL D 346 12.30 -23.63 -42.51
C VAL D 346 11.09 -22.79 -42.09
N GLY D 347 11.15 -21.50 -42.42
CA GLY D 347 10.07 -20.57 -42.10
C GLY D 347 8.90 -20.75 -43.03
N LEU D 348 7.72 -20.40 -42.54
CA LEU D 348 6.49 -20.43 -43.34
C LEU D 348 6.03 -18.99 -43.51
N ARG D 349 5.71 -18.59 -44.73
CA ARG D 349 5.27 -17.22 -44.95
C ARG D 349 3.77 -17.19 -45.10
N SER D 350 3.19 -16.01 -45.00
CA SER D 350 1.75 -15.84 -45.09
C SER D 350 1.21 -16.03 -46.50
N ASP D 351 2.08 -15.96 -47.51
CA ASP D 351 1.69 -16.18 -48.89
C ASP D 351 1.75 -17.67 -49.26
N GLY D 352 2.06 -18.51 -48.28
CA GLY D 352 2.08 -19.96 -48.48
C GLY D 352 3.39 -20.53 -49.00
N GLY D 353 4.42 -19.69 -49.01
CA GLY D 353 5.77 -20.11 -49.39
C GLY D 353 6.66 -20.28 -48.17
N VAL D 354 7.96 -20.50 -48.42
CA VAL D 354 8.93 -20.78 -47.37
C VAL D 354 9.91 -19.62 -47.18
N TYR D 355 10.62 -19.61 -46.06
CA TYR D 355 11.65 -18.60 -45.86
C TYR D 355 12.85 -19.10 -45.03
N TRP D 356 14.04 -18.64 -45.43
CA TRP D 356 15.26 -18.81 -44.66
C TRP D 356 16.17 -17.66 -45.01
N ASP D 357 17.12 -17.39 -44.11
CA ASP D 357 18.13 -16.35 -44.34
C ASP D 357 18.77 -16.58 -45.72
N GLY D 358 18.72 -15.55 -46.55
CA GLY D 358 19.29 -15.63 -47.89
C GLY D 358 18.30 -15.80 -49.04
N LEU D 359 17.12 -16.36 -48.75
CA LEU D 359 16.13 -16.55 -49.81
C LEU D 359 15.66 -15.24 -50.43
N ASP D 360 15.66 -15.18 -51.76
CA ASP D 360 15.31 -13.98 -52.52
C ASP D 360 14.12 -14.20 -53.46
N GLU D 361 13.23 -15.10 -53.07
CA GLU D 361 12.01 -15.35 -53.85
C GLU D 361 11.12 -14.10 -53.75
N PRO D 362 10.72 -13.51 -54.92
CA PRO D 362 9.90 -12.30 -54.84
C PRO D 362 8.68 -12.51 -53.93
N THR D 363 8.50 -11.58 -53.00
CA THR D 363 7.40 -11.63 -52.04
C THR D 363 6.68 -10.28 -51.98
N GLU D 364 5.37 -10.31 -51.78
CA GLU D 364 4.58 -9.08 -51.73
C GLU D 364 4.83 -8.31 -50.42
N PRO D 365 4.60 -6.98 -50.41
CA PRO D 365 4.72 -6.21 -49.17
C PRO D 365 3.70 -6.65 -48.13
N GLY D 366 4.12 -6.65 -46.86
CA GLY D 366 3.24 -7.01 -45.75
C GLY D 366 3.13 -8.51 -45.49
N VAL D 367 3.90 -9.31 -46.23
CA VAL D 367 4.00 -10.74 -46.00
C VAL D 367 4.64 -10.98 -44.63
N THR D 368 4.03 -11.87 -43.84
CA THR D 368 4.49 -12.18 -42.49
C THR D 368 5.07 -13.59 -42.41
N TYR D 369 5.76 -13.87 -41.30
CA TYR D 369 6.51 -15.12 -41.16
C TYR D 369 6.21 -15.84 -39.87
N THR D 370 6.18 -17.17 -39.94
CA THR D 370 6.23 -18.00 -38.76
C THR D 370 7.49 -18.88 -38.77
N SER D 371 8.21 -18.86 -37.65
CA SER D 371 9.50 -19.55 -37.55
C SER D 371 9.35 -21.08 -37.46
N TRP D 372 10.48 -21.77 -37.53
CA TRP D 372 10.50 -23.23 -37.40
C TRP D 372 10.01 -23.69 -36.02
N LEU D 373 10.00 -22.79 -35.04
CA LEU D 373 9.48 -23.08 -33.70
C LEU D 373 7.97 -22.80 -33.62
N GLY D 374 7.36 -22.45 -34.75
CA GLY D 374 5.93 -22.16 -34.83
C GLY D 374 5.51 -20.85 -34.19
N LYS D 375 6.45 -19.90 -34.10
CA LYS D 375 6.20 -18.62 -33.45
C LYS D 375 6.37 -17.47 -34.44
N PRO D 376 5.53 -16.41 -34.33
CA PRO D 376 5.73 -15.21 -35.15
C PRO D 376 7.18 -14.73 -35.16
N TRP D 377 7.71 -14.47 -36.35
CA TRP D 377 9.09 -14.03 -36.52
C TRP D 377 9.11 -12.84 -37.47
N LYS D 378 9.88 -11.82 -37.12
CA LYS D 378 10.14 -10.72 -38.06
C LYS D 378 11.64 -10.45 -38.23
N HIS D 379 12.00 -9.85 -39.37
CA HIS D 379 13.41 -9.58 -39.70
C HIS D 379 14.32 -8.99 -38.62
N GLY D 380 13.77 -8.18 -37.72
CA GLY D 380 14.57 -7.65 -36.60
C GLY D 380 15.13 -8.67 -35.61
N ASP D 381 14.48 -9.83 -35.52
CA ASP D 381 14.60 -10.74 -34.38
C ASP D 381 15.95 -11.49 -34.22
N PRO D 382 16.41 -11.67 -32.95
CA PRO D 382 17.68 -12.35 -32.64
C PRO D 382 17.75 -13.82 -33.08
N GLU D 383 16.59 -14.47 -33.11
CA GLU D 383 16.51 -15.86 -33.51
C GLU D 383 16.30 -15.93 -35.03
N PRO D 384 16.93 -16.91 -35.70
CA PRO D 384 16.69 -17.16 -37.12
C PRO D 384 15.30 -17.73 -37.35
N CYS D 385 14.74 -17.45 -38.52
CA CYS D 385 13.42 -17.93 -38.91
C CYS D 385 13.45 -19.42 -39.21
N ALA D 386 14.49 -19.84 -39.93
CA ALA D 386 14.76 -21.25 -40.19
C ALA D 386 15.90 -21.76 -39.28
N HIS D 387 15.80 -23.00 -38.83
CA HIS D 387 16.89 -23.59 -38.07
C HIS D 387 18.13 -23.70 -38.97
N PRO D 388 19.34 -23.46 -38.41
CA PRO D 388 20.55 -23.52 -39.23
C PRO D 388 20.83 -24.86 -39.92
N ASN D 389 20.21 -25.95 -39.47
CA ASN D 389 20.35 -27.26 -40.12
C ASN D 389 19.08 -27.67 -40.89
N SER D 390 18.18 -26.72 -41.11
CA SER D 390 16.96 -26.94 -41.86
C SER D 390 17.26 -27.40 -43.30
N ARG D 391 16.35 -28.18 -43.87
CA ARG D 391 16.62 -28.95 -45.09
C ARG D 391 15.50 -28.83 -46.10
N PHE D 392 15.86 -29.08 -47.36
CA PHE D 392 14.89 -29.47 -48.39
C PHE D 392 15.18 -30.92 -48.77
N CYS D 393 14.14 -31.65 -49.13
CA CYS D 393 14.30 -33.03 -49.59
C CYS D 393 13.54 -33.12 -50.91
N ALA D 394 14.28 -33.30 -52.00
CA ALA D 394 13.74 -33.16 -53.34
C ALA D 394 14.35 -34.22 -54.26
N PRO D 395 13.55 -34.76 -55.21
CA PRO D 395 14.11 -35.80 -56.08
C PRO D 395 15.15 -35.19 -57.02
N ALA D 396 16.25 -35.93 -57.22
CA ALA D 396 17.32 -35.55 -58.13
C ALA D 396 16.87 -35.20 -59.55
N ASP D 397 15.95 -35.97 -60.12
CA ASP D 397 15.53 -35.70 -61.51
C ASP D 397 15.00 -34.27 -61.78
N GLN D 398 14.70 -33.54 -60.70
CA GLN D 398 14.19 -32.17 -60.81
C GLN D 398 15.29 -31.12 -60.88
N CYS D 399 16.53 -31.56 -60.61
CA CYS D 399 17.71 -30.70 -60.83
C CYS D 399 17.88 -30.52 -62.34
N PRO D 400 17.89 -29.27 -62.81
CA PRO D 400 17.95 -29.08 -64.26
C PRO D 400 19.32 -29.42 -64.90
N ILE D 401 20.39 -29.56 -64.11
CA ILE D 401 21.70 -29.93 -64.70
CA ILE D 401 21.72 -29.89 -64.64
C ILE D 401 22.24 -31.28 -64.26
N MET D 402 21.33 -32.25 -64.06
CA MET D 402 21.73 -33.63 -63.81
C MET D 402 22.53 -34.12 -64.99
N ASP D 403 23.66 -34.77 -64.71
CA ASP D 403 24.53 -35.29 -65.77
C ASP D 403 23.78 -36.36 -66.57
N PRO D 404 23.95 -36.40 -67.90
CA PRO D 404 23.26 -37.48 -68.63
C PRO D 404 23.68 -38.88 -68.19
N ARG D 405 24.80 -39.01 -67.48
CA ARG D 405 25.23 -40.30 -66.94
C ARG D 405 25.01 -40.50 -65.43
N TRP D 406 24.18 -39.66 -64.81
CA TRP D 406 24.02 -39.66 -63.33
C TRP D 406 23.49 -40.97 -62.74
N ASP D 407 22.71 -41.71 -63.51
CA ASP D 407 22.22 -43.02 -63.09
C ASP D 407 22.68 -44.14 -64.02
N ASP D 408 23.80 -43.90 -64.69
CA ASP D 408 24.46 -44.87 -65.55
C ASP D 408 25.15 -45.97 -64.71
N PRO D 409 24.93 -47.27 -65.05
CA PRO D 409 25.44 -48.40 -64.27
C PRO D 409 26.98 -48.54 -64.24
N GLU D 410 27.65 -48.12 -65.31
CA GLU D 410 29.11 -48.21 -65.37
C GLU D 410 29.76 -47.20 -64.44
N GLY D 411 29.03 -46.13 -64.14
CA GLY D 411 29.62 -45.05 -63.38
C GLY D 411 30.36 -44.08 -64.29
N VAL D 412 30.89 -43.03 -63.68
CA VAL D 412 31.63 -42.00 -64.42
C VAL D 412 33.11 -42.04 -63.99
N PRO D 413 34.04 -41.79 -64.95
CA PRO D 413 35.45 -41.86 -64.60
C PRO D 413 35.93 -40.62 -63.84
N ILE D 414 36.57 -40.84 -62.69
CA ILE D 414 37.00 -39.75 -61.81
C ILE D 414 38.48 -39.41 -62.03
N ASP D 415 38.72 -38.16 -62.43
CA ASP D 415 40.07 -37.69 -62.74
C ASP D 415 40.67 -36.78 -61.65
N ALA D 416 39.83 -36.37 -60.69
CA ALA D 416 40.28 -35.52 -59.60
C ALA D 416 39.47 -35.79 -58.35
N ILE D 417 40.16 -35.90 -57.22
CA ILE D 417 39.49 -35.97 -55.92
C ILE D 417 39.91 -34.74 -55.10
N ILE D 418 38.93 -34.07 -54.52
CA ILE D 418 39.14 -32.75 -53.93
C ILE D 418 38.70 -32.82 -52.47
N PHE D 419 39.61 -32.52 -51.57
CA PHE D 419 39.31 -32.40 -50.16
C PHE D 419 39.11 -30.93 -49.80
N GLY D 420 38.26 -30.65 -48.83
CA GLY D 420 38.09 -29.26 -48.40
C GLY D 420 37.21 -29.14 -47.19
N GLY D 421 37.40 -28.10 -46.39
CA GLY D 421 36.54 -27.81 -45.24
C GLY D 421 36.55 -26.31 -44.99
N ARG D 422 35.99 -25.88 -43.85
CA ARG D 422 36.01 -24.48 -43.45
C ARG D 422 37.25 -24.16 -42.64
N ARG D 423 38.18 -23.43 -43.24
CA ARG D 423 39.39 -22.93 -42.56
C ARG D 423 39.47 -21.43 -42.73
N PRO D 424 39.25 -20.66 -41.64
CA PRO D 424 39.24 -19.18 -41.74
C PRO D 424 40.62 -18.56 -41.99
N ARG D 425 41.67 -19.36 -41.75
CA ARG D 425 43.04 -18.86 -41.77
C ARG D 425 44.07 -19.86 -42.35
N GLY D 426 45.06 -19.33 -43.05
CA GLY D 426 46.28 -20.09 -43.36
C GLY D 426 46.27 -21.07 -44.50
N VAL D 427 45.11 -21.66 -44.80
CA VAL D 427 44.97 -22.71 -45.83
C VAL D 427 44.54 -22.08 -47.16
N PRO D 428 45.35 -22.22 -48.23
CA PRO D 428 45.05 -21.49 -49.46
C PRO D 428 43.80 -21.99 -50.17
N LEU D 429 43.31 -21.18 -51.09
CA LEU D 429 42.14 -21.48 -51.89
C LEU D 429 42.21 -22.86 -52.56
N VAL D 430 43.36 -23.17 -53.14
CA VAL D 430 43.51 -24.47 -53.81
C VAL D 430 44.97 -24.91 -53.85
N VAL D 431 45.18 -26.19 -53.51
CA VAL D 431 46.50 -26.80 -53.52
C VAL D 431 46.37 -28.17 -54.22
N GLU D 432 47.33 -28.50 -55.08
CA GLU D 432 47.46 -29.88 -55.58
C GLU D 432 48.55 -30.68 -54.83
N ALA D 433 48.22 -31.90 -54.44
CA ALA D 433 49.21 -32.82 -53.86
C ALA D 433 50.35 -33.15 -54.84
N PHE D 434 51.53 -33.43 -54.29
CA PHE D 434 52.69 -33.81 -55.09
C PHE D 434 52.60 -35.23 -55.68
N GLY D 435 51.70 -36.04 -55.11
CA GLY D 435 51.51 -37.42 -55.52
C GLY D 435 50.49 -38.08 -54.61
N TRP D 436 50.25 -39.37 -54.83
CA TRP D 436 49.20 -40.12 -54.14
C TRP D 436 49.32 -40.16 -52.60
N ARG D 437 50.47 -40.59 -52.07
CA ARG D 437 50.67 -40.69 -50.60
C ARG D 437 50.52 -39.30 -49.97
N HIS D 438 51.06 -38.28 -50.64
CA HIS D 438 50.92 -36.91 -50.17
C HIS D 438 49.43 -36.50 -50.10
N GLY D 439 48.67 -36.80 -51.16
CA GLY D 439 47.22 -36.51 -51.18
C GLY D 439 46.43 -37.26 -50.12
N VAL D 440 46.79 -38.53 -49.89
CA VAL D 440 46.17 -39.29 -48.80
C VAL D 440 46.48 -38.59 -47.46
N PHE D 441 47.70 -38.10 -47.30
CA PHE D 441 48.07 -37.30 -46.11
C PHE D 441 47.20 -36.05 -45.96
N MET D 442 47.04 -35.29 -47.04
CA MET D 442 46.22 -34.07 -47.01
C MET D 442 44.75 -34.37 -46.65
N GLY D 443 44.21 -35.45 -47.22
CA GLY D 443 42.90 -36.00 -46.80
C GLY D 443 42.84 -36.29 -45.30
N SER D 444 43.85 -36.97 -44.76
CA SER D 444 43.90 -37.34 -43.32
C SER D 444 44.03 -36.13 -42.39
N ALA D 445 44.58 -35.05 -42.95
CA ALA D 445 44.96 -33.86 -42.21
C ALA D 445 43.85 -32.81 -42.21
N MET D 446 42.74 -33.11 -42.90
CA MET D 446 41.61 -32.19 -43.00
C MET D 446 41.10 -31.76 -41.64
N ARG D 447 40.90 -30.46 -41.49
CA ARG D 447 40.27 -29.88 -40.32
C ARG D 447 39.23 -28.91 -40.82
N SER D 448 38.14 -28.77 -40.08
CA SER D 448 37.03 -27.93 -40.51
C SER D 448 36.27 -27.37 -39.32
N GLU D 449 35.78 -26.14 -39.46
CA GLU D 449 34.86 -25.55 -38.50
C GLU D 449 33.62 -26.43 -38.36
N ALA D 450 33.23 -26.71 -37.11
CA ALA D 450 31.99 -27.45 -36.84
C ALA D 450 30.81 -26.65 -37.38
N THR D 451 29.84 -27.37 -37.91
CA THR D 451 28.63 -26.77 -38.46
C THR D 451 27.42 -27.21 -37.63
N ALA D 452 26.21 -26.88 -38.11
CA ALA D 452 24.97 -27.24 -37.42
C ALA D 452 24.45 -28.64 -37.79
N ALA D 453 25.22 -29.39 -38.58
CA ALA D 453 24.79 -30.70 -39.07
C ALA D 453 24.84 -31.80 -38.02
N ALA D 454 25.58 -31.57 -36.93
CA ALA D 454 25.60 -32.45 -35.75
C ALA D 454 25.52 -31.61 -34.46
N GLU D 455 25.95 -32.17 -33.34
CA GLU D 455 25.80 -31.52 -32.04
C GLU D 455 26.94 -30.57 -31.60
N HIS D 456 27.99 -30.46 -32.43
CA HIS D 456 29.17 -29.65 -32.06
C HIS D 456 28.92 -28.14 -32.19
N LYS D 457 29.35 -27.40 -31.17
CA LYS D 457 29.08 -25.96 -31.04
C LYS D 457 30.09 -25.12 -31.82
N GLY D 458 29.59 -24.18 -32.62
CA GLY D 458 30.40 -23.54 -33.66
C GLY D 458 31.23 -22.32 -33.28
N GLY D 459 32.13 -21.92 -34.17
CA GLY D 459 32.49 -22.73 -35.36
C GLY D 459 33.78 -23.48 -35.05
N ARG D 460 33.69 -24.35 -34.05
CA ARG D 460 34.86 -25.04 -33.47
C ARG D 460 35.60 -25.83 -34.53
N LEU D 461 36.92 -25.62 -34.61
CA LEU D 461 37.77 -26.32 -35.58
C LEU D 461 38.00 -27.76 -35.15
N MET D 462 37.62 -28.69 -36.03
CA MET D 462 37.66 -30.10 -35.70
C MET D 462 38.36 -30.88 -36.80
N HIS D 463 39.08 -31.92 -36.41
CA HIS D 463 39.66 -32.84 -37.38
C HIS D 463 38.53 -33.62 -38.05
N ASP D 464 38.64 -33.80 -39.35
CA ASP D 464 37.63 -34.52 -40.10
C ASP D 464 38.34 -35.17 -41.27
N PRO D 465 39.15 -36.22 -41.00
CA PRO D 465 39.89 -36.88 -42.08
C PRO D 465 38.98 -37.38 -43.20
N PHE D 466 39.26 -36.98 -44.45
CA PHE D 466 38.45 -37.39 -45.64
C PHE D 466 36.96 -37.01 -45.55
N ALA D 467 36.64 -36.05 -44.67
CA ALA D 467 35.24 -35.70 -44.33
C ALA D 467 34.44 -36.91 -43.83
N MET D 468 35.17 -37.91 -43.33
CA MET D 468 34.58 -39.17 -42.91
C MET D 468 34.53 -39.37 -41.39
N ARG D 469 34.96 -38.37 -40.60
CA ARG D 469 35.02 -38.52 -39.13
C ARG D 469 33.73 -39.10 -38.52
N PRO D 470 32.55 -38.54 -38.88
CA PRO D 470 31.31 -39.09 -38.33
C PRO D 470 30.83 -40.41 -38.97
N PHE D 471 31.53 -40.86 -40.02
CA PHE D 471 30.99 -41.88 -40.92
C PHE D 471 31.82 -43.15 -41.15
N PHE D 472 32.98 -43.26 -40.48
CA PHE D 472 33.78 -44.49 -40.53
C PHE D 472 32.96 -45.72 -40.09
N GLY D 473 32.99 -46.78 -40.89
CA GLY D 473 32.36 -48.05 -40.50
C GLY D 473 33.37 -49.06 -39.95
N TYR D 474 34.65 -48.68 -39.94
CA TYR D 474 35.70 -49.55 -39.39
C TYR D 474 36.92 -48.72 -39.00
N ASN D 475 37.91 -49.39 -38.40
CA ASN D 475 39.13 -48.75 -37.92
C ASN D 475 39.65 -47.69 -38.92
N ALA D 476 39.72 -46.43 -38.48
CA ALA D 476 40.10 -45.31 -39.36
C ALA D 476 41.55 -45.42 -39.86
N GLY D 477 42.45 -45.93 -39.03
CA GLY D 477 43.83 -46.22 -39.46
C GLY D 477 43.86 -47.21 -40.64
N ARG D 478 42.99 -48.22 -40.59
CA ARG D 478 42.89 -49.21 -41.66
C ARG D 478 42.26 -48.61 -42.93
N TYR D 479 41.37 -47.65 -42.74
CA TYR D 479 40.78 -46.92 -43.85
C TYR D 479 41.85 -46.13 -44.61
N LEU D 480 42.76 -45.50 -43.87
CA LEU D 480 43.89 -44.79 -44.48
C LEU D 480 44.82 -45.76 -45.19
N GLU D 481 45.06 -46.93 -44.58
CA GLU D 481 45.81 -48.00 -45.22
C GLU D 481 45.15 -48.44 -46.54
N HIS D 482 43.82 -48.54 -46.53
CA HIS D 482 43.06 -48.94 -47.72
C HIS D 482 43.24 -47.90 -48.82
N TRP D 483 43.26 -46.61 -48.45
CA TRP D 483 43.50 -45.53 -49.42
C TRP D 483 44.92 -45.59 -50.00
N LEU D 484 45.90 -45.81 -49.14
CA LEU D 484 47.29 -46.02 -49.55
C LEU D 484 47.42 -47.17 -50.57
N SER D 485 46.85 -48.33 -50.23
CA SER D 485 46.89 -49.51 -51.08
C SER D 485 46.18 -49.31 -52.41
N THR D 486 45.11 -48.52 -52.39
CA THR D 486 44.33 -48.22 -53.58
C THR D 486 45.24 -47.59 -54.64
N GLY D 487 46.15 -46.72 -54.19
CA GLY D 487 47.12 -46.04 -55.06
C GLY D 487 48.22 -46.93 -55.63
N LEU D 488 48.30 -48.17 -55.13
CA LEU D 488 49.28 -49.15 -55.59
C LEU D 488 48.68 -50.21 -56.54
N ARG D 489 47.38 -50.11 -56.83
CA ARG D 489 46.67 -50.96 -57.82
C ARG D 489 47.38 -50.97 -59.18
N SER D 490 47.68 -52.16 -59.71
CA SER D 490 48.44 -52.28 -60.97
C SER D 490 47.77 -51.59 -62.16
N ASN D 491 48.55 -50.78 -62.85
CA ASN D 491 48.11 -50.01 -64.04
C ASN D 491 46.97 -48.98 -63.82
N ALA D 492 46.60 -48.73 -62.56
CA ALA D 492 45.55 -47.77 -62.23
C ALA D 492 45.84 -46.37 -62.80
N ARG D 493 44.81 -45.76 -63.40
CA ARG D 493 44.82 -44.34 -63.73
C ARG D 493 44.32 -43.57 -62.51
N LEU D 494 45.26 -43.16 -61.66
CA LEU D 494 44.90 -42.51 -60.40
C LEU D 494 44.47 -41.06 -60.65
N PRO D 495 43.36 -40.65 -60.00
CA PRO D 495 42.97 -39.23 -60.10
C PRO D 495 44.02 -38.39 -59.37
N ARG D 496 44.17 -37.12 -59.76
CA ARG D 496 44.99 -36.21 -59.00
C ARG D 496 44.24 -35.79 -57.74
N LEU D 497 44.97 -35.54 -56.66
CA LEU D 497 44.36 -35.15 -55.39
C LEU D 497 44.59 -33.67 -55.06
N PHE D 498 43.52 -33.01 -54.63
CA PHE D 498 43.56 -31.58 -54.40
C PHE D 498 42.96 -31.27 -53.06
N HIS D 499 43.33 -30.11 -52.50
CA HIS D 499 42.71 -29.59 -51.32
C HIS D 499 42.26 -28.15 -51.58
N VAL D 500 40.98 -27.85 -51.32
CA VAL D 500 40.46 -26.48 -51.48
C VAL D 500 40.02 -25.85 -50.16
N ASN D 501 39.90 -24.52 -50.17
CA ASN D 501 39.33 -23.77 -49.06
C ASN D 501 38.58 -22.55 -49.59
N TRP D 502 37.24 -22.63 -49.58
CA TRP D 502 36.40 -21.51 -49.97
C TRP D 502 36.27 -20.45 -48.87
N PHE D 503 36.76 -20.77 -47.66
CA PHE D 503 36.30 -20.06 -46.47
C PHE D 503 37.32 -19.24 -45.72
N LEU D 504 38.45 -18.95 -46.38
CA LEU D 504 39.40 -17.99 -45.85
C LEU D 504 38.73 -16.68 -45.55
N ARG D 505 39.11 -16.08 -44.41
CA ARG D 505 38.61 -14.78 -44.03
C ARG D 505 39.78 -13.82 -43.95
N ASP D 506 39.58 -12.52 -44.14
CA ASP D 506 40.69 -11.59 -43.84
C ASP D 506 40.67 -11.28 -42.34
N ASN D 507 41.52 -10.37 -41.88
N ASN D 507 41.52 -10.34 -41.90
CA ASN D 507 41.57 -10.07 -40.45
CA ASN D 507 41.63 -9.90 -40.51
C ASN D 507 40.40 -9.24 -39.91
C ASN D 507 40.36 -9.33 -39.91
N GLU D 508 39.43 -8.93 -40.77
CA GLU D 508 38.16 -8.37 -40.34
C GLU D 508 36.98 -9.32 -40.58
N GLY D 509 37.25 -10.59 -40.85
CA GLY D 509 36.20 -11.61 -40.94
C GLY D 509 35.49 -11.79 -42.27
N ARG D 510 35.86 -10.99 -43.29
CA ARG D 510 35.27 -11.09 -44.62
C ARG D 510 35.76 -12.35 -45.30
N PHE D 511 34.85 -13.04 -46.00
CA PHE D 511 35.29 -14.09 -46.91
C PHE D 511 36.10 -13.43 -48.04
N VAL D 512 37.33 -13.89 -48.20
CA VAL D 512 38.24 -13.38 -49.21
C VAL D 512 37.81 -13.86 -50.61
N TRP D 513 37.21 -15.06 -50.67
CA TRP D 513 36.76 -15.64 -51.92
C TRP D 513 35.23 -15.62 -52.00
N PRO D 514 34.65 -15.12 -53.11
CA PRO D 514 33.19 -15.04 -53.22
C PRO D 514 32.47 -16.38 -53.29
N GLY D 515 33.17 -17.42 -53.76
CA GLY D 515 32.63 -18.77 -53.74
C GLY D 515 31.46 -18.97 -54.70
N PHE D 516 30.64 -19.96 -54.39
CA PHE D 516 29.48 -20.32 -55.22
C PHE D 516 29.88 -20.47 -56.68
N GLY D 517 29.21 -19.80 -57.62
CA GLY D 517 29.53 -19.91 -59.05
C GLY D 517 30.97 -19.57 -59.43
N HIS D 518 31.61 -18.70 -58.65
CA HIS D 518 33.03 -18.38 -58.84
C HIS D 518 33.97 -19.55 -58.55
N ASN D 519 33.47 -20.57 -57.83
CA ASN D 519 34.25 -21.80 -57.63
C ASN D 519 34.60 -22.53 -58.92
N ALA D 520 33.87 -22.21 -59.98
CA ALA D 520 34.17 -22.73 -61.31
C ALA D 520 35.58 -22.30 -61.77
N ARG D 521 36.07 -21.17 -61.25
CA ARG D 521 37.41 -20.66 -61.59
C ARG D 521 38.48 -21.62 -61.04
N VAL D 522 38.22 -22.17 -59.86
CA VAL D 522 39.12 -23.16 -59.26
C VAL D 522 39.03 -24.52 -60.00
N LEU D 523 37.81 -24.97 -60.29
CA LEU D 523 37.60 -26.19 -61.07
C LEU D 523 38.22 -26.13 -62.48
N ALA D 524 38.14 -24.97 -63.13
CA ALA D 524 38.86 -24.70 -64.38
C ALA D 524 40.38 -24.96 -64.29
N TRP D 525 41.03 -24.45 -63.24
CA TRP D 525 42.46 -24.67 -63.05
C TRP D 525 42.75 -26.17 -62.79
N ILE D 526 41.92 -26.80 -61.96
CA ILE D 526 42.04 -28.23 -61.66
C ILE D 526 41.92 -29.09 -62.94
N PHE D 527 40.92 -28.78 -63.76
CA PHE D 527 40.76 -29.36 -65.10
C PHE D 527 42.05 -29.32 -65.95
N GLY D 528 42.64 -28.15 -66.06
CA GLY D 528 43.95 -27.98 -66.75
C GLY D 528 45.07 -28.87 -66.21
N ARG D 529 45.14 -28.99 -64.88
CA ARG D 529 46.10 -29.88 -64.22
C ARG D 529 45.87 -31.36 -64.58
N ILE D 530 44.61 -31.78 -64.57
CA ILE D 530 44.20 -33.11 -65.05
C ILE D 530 44.70 -33.34 -66.47
N GLN D 531 44.58 -32.29 -67.29
CA GLN D 531 45.03 -32.28 -68.68
C GLN D 531 46.56 -32.32 -68.85
N GLY D 532 47.29 -32.06 -67.76
CA GLY D 532 48.74 -32.14 -67.75
C GLY D 532 49.48 -30.82 -67.97
N ARG D 533 48.75 -29.71 -67.90
CA ARG D 533 49.28 -28.39 -68.21
C ARG D 533 50.22 -27.84 -67.14
N ASP D 534 51.15 -26.99 -67.60
CA ASP D 534 52.21 -26.42 -66.77
C ASP D 534 51.74 -25.09 -66.16
N THR D 535 50.79 -25.18 -65.23
CA THR D 535 50.07 -24.02 -64.72
C THR D 535 50.19 -23.90 -63.18
N ALA D 536 51.19 -24.57 -62.62
CA ALA D 536 51.38 -24.63 -61.17
C ALA D 536 52.80 -24.27 -60.77
N ARG D 537 52.93 -23.70 -59.58
CA ARG D 537 54.24 -23.48 -58.96
C ARG D 537 54.30 -24.22 -57.63
N PRO D 538 55.50 -24.66 -57.23
CA PRO D 538 55.57 -25.46 -55.99
C PRO D 538 55.61 -24.59 -54.75
N THR D 539 55.04 -25.11 -53.67
CA THR D 539 55.14 -24.47 -52.35
C THR D 539 55.42 -25.59 -51.34
N PRO D 540 55.74 -25.24 -50.08
CA PRO D 540 55.95 -26.26 -49.05
C PRO D 540 54.75 -27.21 -48.84
N ILE D 541 53.56 -26.80 -49.24
CA ILE D 541 52.36 -27.61 -48.97
C ILE D 541 51.78 -28.35 -50.20
N GLY D 542 52.35 -28.10 -51.36
CA GLY D 542 51.88 -28.71 -52.60
C GLY D 542 51.97 -27.71 -53.74
N TRP D 543 51.42 -28.07 -54.89
CA TRP D 543 51.32 -27.16 -56.03
C TRP D 543 50.20 -26.16 -55.82
N VAL D 544 50.43 -24.91 -56.21
CA VAL D 544 49.36 -23.91 -56.29
C VAL D 544 49.33 -23.36 -57.72
N PRO D 545 48.19 -22.79 -58.16
CA PRO D 545 48.19 -22.11 -59.47
C PRO D 545 49.13 -20.92 -59.52
N LYS D 546 49.82 -20.78 -60.65
CA LYS D 546 50.54 -19.54 -60.94
C LYS D 546 49.50 -18.47 -61.17
N GLU D 547 49.81 -17.24 -60.78
CA GLU D 547 48.87 -16.14 -60.92
C GLU D 547 48.31 -15.98 -62.32
N GLY D 548 49.15 -16.09 -63.34
CA GLY D 548 48.65 -15.97 -64.72
C GLY D 548 47.74 -17.10 -65.18
N ASP D 549 47.40 -18.02 -64.26
CA ASP D 549 46.72 -19.25 -64.67
C ASP D 549 45.46 -19.53 -63.85
N LEU D 550 45.23 -18.74 -62.81
CA LEU D 550 43.96 -18.73 -62.10
C LEU D 550 43.20 -17.52 -62.61
N ASP D 551 42.03 -17.76 -63.17
CA ASP D 551 41.23 -16.68 -63.77
C ASP D 551 40.49 -15.87 -62.72
N LEU D 552 40.95 -14.63 -62.53
CA LEU D 552 40.33 -13.70 -61.57
C LEU D 552 39.71 -12.54 -62.34
N GLY D 553 39.55 -12.72 -63.64
CA GLY D 553 38.93 -11.68 -64.47
C GLY D 553 37.50 -11.44 -64.02
N GLY D 554 37.11 -10.17 -63.90
CA GLY D 554 35.81 -9.80 -63.35
C GLY D 554 35.74 -9.81 -61.82
N LEU D 555 36.87 -10.08 -61.18
CA LEU D 555 36.96 -10.04 -59.73
C LEU D 555 38.02 -8.99 -59.36
N PRO D 556 37.67 -7.69 -59.52
CA PRO D 556 38.66 -6.65 -59.27
C PRO D 556 39.01 -6.46 -57.79
N GLY D 557 38.09 -6.78 -56.88
CA GLY D 557 38.33 -6.66 -55.44
C GLY D 557 39.13 -7.78 -54.85
N VAL D 558 39.31 -8.84 -55.63
CA VAL D 558 39.98 -10.05 -55.14
C VAL D 558 41.45 -10.02 -55.53
N ASP D 559 42.34 -10.13 -54.55
CA ASP D 559 43.76 -10.19 -54.87
C ASP D 559 44.29 -11.62 -54.67
N TYR D 560 45.15 -12.03 -55.62
CA TYR D 560 45.74 -13.38 -55.65
C TYR D 560 46.48 -13.75 -54.38
N SER D 561 47.33 -12.85 -53.88
CA SER D 561 48.16 -13.20 -52.74
C SER D 561 47.34 -13.36 -51.45
N GLN D 562 46.16 -12.74 -51.42
CA GLN D 562 45.17 -13.00 -50.37
C GLN D 562 44.78 -14.48 -50.34
N LEU D 563 44.64 -15.06 -51.52
CA LEU D 563 44.08 -16.38 -51.66
C LEU D 563 45.12 -17.45 -51.41
N PHE D 564 46.39 -17.07 -51.42
CA PHE D 564 47.48 -18.04 -51.28
C PHE D 564 48.48 -17.64 -50.18
N PRO D 565 48.00 -17.54 -48.91
CA PRO D 565 48.92 -17.24 -47.80
C PRO D 565 49.91 -18.41 -47.70
N MET D 566 51.12 -18.14 -47.25
CA MET D 566 52.14 -19.16 -47.12
C MET D 566 52.99 -18.77 -45.94
N GLU D 567 52.39 -18.91 -44.75
CA GLU D 567 52.98 -18.44 -43.48
C GLU D 567 53.65 -19.56 -42.68
N LYS D 568 54.95 -19.40 -42.41
CA LYS D 568 55.75 -20.43 -41.73
C LYS D 568 55.19 -20.76 -40.35
N GLY D 569 54.89 -19.72 -39.57
CA GLY D 569 54.35 -19.85 -38.21
C GLY D 569 53.07 -20.64 -38.20
N PHE D 570 52.17 -20.35 -39.14
CA PHE D 570 50.91 -21.07 -39.26
C PHE D 570 51.14 -22.57 -39.44
N TRP D 571 52.04 -22.92 -40.35
CA TRP D 571 52.28 -24.33 -40.70
C TRP D 571 53.11 -25.09 -39.69
N GLU D 572 54.00 -24.39 -38.99
CA GLU D 572 54.68 -24.97 -37.83
C GLU D 572 53.68 -25.40 -36.78
N GLU D 573 52.73 -24.52 -36.48
CA GLU D 573 51.67 -24.80 -35.53
C GLU D 573 50.77 -25.94 -36.03
N GLU D 574 50.45 -25.92 -37.33
CA GLU D 574 49.64 -26.98 -37.94
C GLU D 574 50.28 -28.36 -37.78
N CYS D 575 51.58 -28.44 -38.05
CA CYS D 575 52.33 -29.69 -37.91
C CYS D 575 52.30 -30.20 -36.47
N ARG D 576 52.50 -29.30 -35.51
CA ARG D 576 52.44 -29.64 -34.09
C ARG D 576 51.08 -30.26 -33.74
N GLN D 577 50.02 -29.60 -34.21
CA GLN D 577 48.65 -30.06 -33.97
C GLN D 577 48.36 -31.41 -34.62
N LEU D 578 48.84 -31.59 -35.85
CA LEU D 578 48.66 -32.86 -36.55
C LEU D 578 49.41 -33.99 -35.89
N ARG D 579 50.64 -33.73 -35.47
CA ARG D 579 51.47 -34.68 -34.74
C ARG D 579 50.79 -35.14 -33.45
N GLU D 580 50.24 -34.21 -32.67
CA GLU D 580 49.48 -34.54 -31.46
C GLU D 580 48.20 -35.34 -31.80
N TYR D 581 47.47 -34.88 -32.80
CA TYR D 581 46.23 -35.53 -33.23
C TYR D 581 46.44 -37.00 -33.62
N TYR D 582 47.39 -37.25 -34.52
CA TYR D 582 47.67 -38.61 -34.99
C TYR D 582 48.09 -39.50 -33.82
N GLY D 583 48.95 -38.96 -32.96
CA GLY D 583 49.46 -39.68 -31.80
C GLY D 583 48.37 -40.10 -30.82
N GLU D 584 47.49 -39.16 -30.48
CA GLU D 584 46.41 -39.42 -29.54
C GLU D 584 45.35 -40.34 -30.09
N ASN D 585 44.96 -40.11 -31.35
CA ASN D 585 43.75 -40.73 -31.88
C ASN D 585 43.96 -41.92 -32.80
N PHE D 586 45.08 -41.95 -33.53
CA PHE D 586 45.43 -43.09 -34.36
C PHE D 586 46.41 -44.05 -33.69
N GLY D 587 47.33 -43.50 -32.91
CA GLY D 587 48.38 -44.27 -32.26
C GLY D 587 49.11 -45.19 -33.23
N ALA D 588 49.23 -46.46 -32.86
CA ALA D 588 49.91 -47.47 -33.66
C ALA D 588 49.19 -47.82 -34.98
N ASP D 589 47.91 -47.45 -35.08
CA ASP D 589 47.12 -47.72 -36.29
C ASP D 589 47.35 -46.71 -37.41
N LEU D 590 48.08 -45.64 -37.14
CA LEU D 590 48.46 -44.68 -38.19
C LEU D 590 49.47 -45.30 -39.15
N PRO D 591 49.13 -45.37 -40.45
CA PRO D 591 50.07 -45.86 -41.47
C PRO D 591 51.37 -45.08 -41.50
N ARG D 592 52.49 -45.81 -41.60
CA ARG D 592 53.82 -45.19 -41.66
C ARG D 592 53.91 -44.08 -42.74
N ASP D 593 53.35 -44.35 -43.93
CA ASP D 593 53.35 -43.40 -45.03
C ASP D 593 52.70 -42.06 -44.71
N VAL D 594 51.71 -42.06 -43.83
CA VAL D 594 51.07 -40.81 -43.39
C VAL D 594 52.03 -39.99 -42.53
N MET D 595 52.63 -40.64 -41.52
CA MET D 595 53.69 -40.04 -40.72
C MET D 595 54.88 -39.56 -41.57
N ALA D 596 55.27 -40.34 -42.58
CA ALA D 596 56.37 -39.95 -43.46
C ALA D 596 56.04 -38.63 -44.16
N GLU D 597 54.77 -38.44 -44.55
CA GLU D 597 54.33 -37.23 -45.22
C GLU D 597 54.29 -36.05 -44.26
N LEU D 598 53.85 -36.30 -43.02
CA LEU D 598 53.97 -35.25 -42.00
C LEU D 598 55.42 -34.80 -41.80
N GLU D 599 56.35 -35.76 -41.68
CA GLU D 599 57.79 -35.47 -41.61
C GLU D 599 58.30 -34.67 -42.82
N GLY D 600 57.85 -35.03 -44.02
CA GLY D 600 58.16 -34.29 -45.24
C GLY D 600 57.71 -32.84 -45.14
N LEU D 601 56.46 -32.63 -44.71
CA LEU D 601 55.91 -31.28 -44.55
C LEU D 601 56.70 -30.48 -43.52
N GLU D 602 57.03 -31.08 -42.38
CA GLU D 602 57.83 -30.44 -41.36
C GLU D 602 59.18 -29.98 -41.90
N GLU D 603 59.84 -30.86 -42.64
CA GLU D 603 61.14 -30.54 -43.19
C GLU D 603 61.05 -29.42 -44.22
N ARG D 604 59.98 -29.41 -45.02
CA ARG D 604 59.75 -28.36 -46.02
C ARG D 604 59.41 -27.04 -45.35
N VAL D 605 58.51 -27.07 -44.37
CA VAL D 605 58.14 -25.89 -43.58
C VAL D 605 59.32 -25.26 -42.85
N ARG D 606 60.17 -26.11 -42.26
CA ARG D 606 61.36 -25.65 -41.53
C ARG D 606 62.27 -24.75 -42.38
N LYS D 607 62.17 -24.90 -43.70
CA LYS D 607 63.06 -24.21 -44.64
C LYS D 607 62.35 -23.10 -45.42
N MET D 608 61.05 -22.92 -45.18
CA MET D 608 60.26 -21.91 -45.88
C MET D 608 60.37 -20.52 -45.24
C13 TQY E . 57.64 -5.16 -26.27
C7 TQY E . 56.50 -4.44 -26.97
C8 TQY E . 56.47 -2.95 -26.62
C9 TQY E . 57.82 -2.30 -26.94
C10 TQY E . 58.38 -1.68 -25.72
C11 TQY E . 58.85 -1.10 -24.80
C12 TQY E . 59.50 -0.35 -24.01
C1 TQY E . 58.07 -4.44 -20.90
C2 TQY E . 56.77 -5.14 -20.50
C3 TQY E . 56.71 -6.58 -21.03
C4 TQY E . 57.05 -6.59 -22.52
C5 TQY E . 58.39 -5.88 -22.75
O2 TQY E . 56.62 -5.10 -19.08
O3 TQY E . 55.41 -7.15 -20.83
O4 TQY E . 57.14 -7.91 -23.03
O5 TQY E . 58.29 -4.54 -22.32
C6 TQY E . 58.75 -5.88 -24.21
O6 TQY E . 57.78 -5.06 -24.85
C31 TQY E . 59.62 -0.60 -22.52
O7 TQY E . 58.47 -5.84 -26.86
C1 FRU E . 60.55 -3.05 -20.47
C2 FRU E . 60.48 -4.56 -20.25
C3 FRU E . 61.27 -5.07 -19.02
C4 FRU E . 61.81 -6.41 -19.46
C5 FRU E . 61.97 -6.24 -20.96
C6 FRU E . 61.59 -7.50 -21.74
O1 FRU E . 59.95 -2.25 -19.44
O2 FRU E . 59.14 -5.07 -20.19
O3 FRU E . 60.45 -5.25 -17.89
O4 FRU E . 63.07 -6.69 -18.84
O5 FRU E . 61.14 -5.15 -21.35
O6 FRU E . 62.41 -8.59 -21.33
C13 TQY F . 58.95 -29.97 -53.49
C7 TQY F . 59.70 -29.12 -54.48
C8 TQY F . 59.49 -29.64 -55.91
C9 TQY F . 58.01 -29.62 -56.30
C10 TQY F . 57.65 -30.86 -57.01
C11 TQY F . 57.24 -31.88 -57.51
C12 TQY F . 56.60 -32.81 -58.11
C1 TQY F . 59.31 -35.39 -54.18
C2 TQY F . 60.76 -35.51 -53.70
C3 TQY F . 60.96 -35.01 -52.26
C4 TQY F . 60.39 -33.60 -52.15
C5 TQY F . 58.94 -33.59 -52.63
O2 TQY F . 61.17 -36.89 -53.78
O3 TQY F . 62.35 -34.92 -51.89
O4 TQY F . 60.52 -33.17 -50.79
O5 TQY F . 58.87 -34.05 -53.99
C6 TQY F . 58.34 -32.20 -52.60
O6 TQY F . 58.97 -31.41 -53.61
C31 TQY F . 56.89 -34.27 -57.85
O7 TQY F . 58.30 -29.47 -52.57
C1 FRU F . 56.67 -36.27 -55.10
C2 FRU F . 57.06 -36.44 -53.64
C3 FRU F . 56.62 -37.80 -53.07
C4 FRU F . 56.31 -37.47 -51.63
C5 FRU F . 55.77 -36.05 -51.70
C6 FRU F . 56.17 -35.15 -50.54
O1 FRU F . 57.38 -37.23 -55.88
O2 FRU F . 58.48 -36.30 -53.41
O3 FRU F . 57.68 -38.75 -53.12
O4 FRU F . 55.39 -38.41 -51.09
O5 FRU F . 56.34 -35.48 -52.87
O6 FRU F . 56.27 -35.93 -49.35
PB GDP G . -29.38 4.53 6.21
O1B GDP G . -28.35 3.51 6.61
O2B GDP G . -28.89 5.91 6.56
O3B GDP G . -30.73 4.23 6.87
O3A GDP G . -29.67 4.42 4.61
PA GDP G . -29.10 5.43 3.48
O1A GDP G . -29.76 6.78 3.45
O2A GDP G . -27.60 5.51 3.65
O5' GDP G . -29.48 4.60 2.14
C5' GDP G . -29.42 3.17 2.03
C4' GDP G . -29.68 2.79 0.55
O4' GDP G . -31.03 3.12 0.20
C3' GDP G . -28.79 3.63 -0.35
O3' GDP G . -28.30 2.83 -1.43
C2' GDP G . -29.68 4.76 -0.86
O2' GDP G . -29.37 5.23 -2.19
C1' GDP G . -31.05 4.13 -0.82
N9 GDP G . -32.09 5.15 -0.56
C8 GDP G . -32.12 6.11 0.39
N7 GDP G . -33.26 6.84 0.31
C5 GDP G . -33.96 6.34 -0.71
C6 GDP G . -35.24 6.63 -1.37
O6 GDP G . -35.94 7.56 -0.95
N1 GDP G . -35.62 5.86 -2.40
C2 GDP G . -34.88 4.84 -2.89
N2 GDP G . -35.35 4.11 -3.96
N3 GDP G . -33.69 4.52 -2.33
C4 GDP G . -33.20 5.22 -1.28
C1 MLA H . -25.54 0.25 10.39
O1A MLA H . -25.99 -0.86 10.74
O1B MLA H . -26.20 1.31 10.36
C2 MLA H . -24.09 0.33 9.99
C3 MLA H . -23.24 -0.17 11.13
O3A MLA H . -23.22 0.51 12.18
O3B MLA H . -22.62 -1.24 11.00
MN MN I . -27.90 2.71 11.69
MN MN J . -26.02 5.05 5.72
PB GDP K . -27.45 36.99 40.39
O1B GDP K . -26.38 35.97 40.70
O2B GDP K . -27.09 38.38 40.90
O3B GDP K . -28.79 36.61 40.96
O3A GDP K . -27.70 37.01 38.79
PA GDP K . -27.14 38.06 37.70
O1A GDP K . -27.92 39.35 37.66
O2A GDP K . -25.70 38.39 37.89
O5' GDP K . -27.46 37.18 36.41
C5' GDP K . -26.88 35.90 36.14
C4' GDP K . -27.10 35.54 34.67
O4' GDP K . -28.47 35.73 34.33
C3' GDP K . -26.30 36.46 33.74
O3' GDP K . -25.91 35.64 32.62
C2' GDP K . -27.30 37.53 33.34
O2' GDP K . -27.09 38.10 32.04
C1' GDP K . -28.60 36.74 33.33
N9 GDP K . -29.79 37.62 33.50
C8 GDP K . -29.98 38.56 34.45
N7 GDP K . -31.17 39.16 34.30
C5 GDP K . -31.76 38.60 33.22
C6 GDP K . -33.03 38.79 32.49
O6 GDP K . -33.85 39.63 32.89
N1 GDP K . -33.27 38.02 31.42
C2 GDP K . -32.38 37.11 30.98
N2 GDP K . -32.70 36.36 29.89
N3 GDP K . -31.20 36.89 31.60
C4 GDP K . -30.85 37.60 32.70
C1 MLA L . -21.21 32.82 45.64
O1A MLA L . -20.24 32.05 45.47
O1B MLA L . -21.53 33.28 46.76
C2 MLA L . -22.03 33.24 44.42
C3 MLA L . -23.46 32.82 44.60
O3A MLA L . -24.34 33.71 44.61
O3B MLA L . -23.72 31.61 44.72
MN MN M . -26.07 35.07 45.99
MN MN N . -24.12 37.88 39.76
C1 MLA O . -66.12 29.07 45.18
O1A MLA O . -66.80 28.19 44.58
O1B MLA O . -66.35 30.30 45.09
C2 MLA O . -64.95 28.56 46.01
C3 MLA O . -64.87 29.29 47.34
O3A MLA O . -64.11 30.28 47.42
O3B MLA O . -65.55 28.89 48.30
PB GDP P . 28.56 3.12 -14.70
O1B GDP P . 27.84 2.76 -13.40
O2B GDP P . 27.65 2.67 -15.84
O3B GDP P . 29.95 2.55 -14.76
O3A GDP P . 28.78 4.72 -14.76
PA GDP P . 27.78 5.79 -15.44
O1A GDP P . 28.08 5.92 -16.92
O2A GDP P . 26.33 5.57 -15.19
O5' GDP P . 28.23 7.14 -14.69
C5' GDP P . 28.22 7.30 -13.27
C4' GDP P . 28.44 8.77 -12.89
O4' GDP P . 29.68 9.28 -13.42
C3' GDP P . 27.34 9.68 -13.42
O3' GDP P . 27.14 10.76 -12.49
C2' GDP P . 27.95 10.23 -14.71
O2' GDP P . 27.39 11.47 -15.17
C1' GDP P . 29.42 10.32 -14.37
N9 GDP P . 30.24 10.17 -15.60
C8 GDP P . 30.11 9.22 -16.57
N7 GDP P . 31.04 9.39 -17.55
C5 GDP P . 31.77 10.49 -17.19
C6 GDP P . 32.90 11.26 -17.76
O6 GDP P . 33.42 10.94 -18.84
N1 GDP P . 33.39 12.31 -17.08
C2 GDP P . 32.85 12.72 -15.92
N2 GDP P . 33.41 13.80 -15.32
N3 GDP P . 31.80 12.07 -15.34
C4 GDP P . 31.25 10.98 -15.91
MN MN Q . 27.92 -2.81 -12.84
MN MN R . 25.41 3.26 -14.42
C1 MLA S . 25.69 -1.52 -11.88
O1A MLA S . 25.95 -2.44 -12.67
O1B MLA S . 25.70 -0.32 -12.25
C2 MLA S . 25.39 -1.85 -10.44
C3 MLA S . 26.74 -1.96 -9.76
O3A MLA S . 27.77 -2.18 -10.44
O3B MLA S . 26.80 -1.81 -8.52
PB GDP T . 26.79 -29.61 -47.94
O1B GDP T . 26.32 -30.08 -49.30
O2B GDP T . 25.90 -30.08 -46.82
O3B GDP T . 28.19 -30.13 -47.73
O3A GDP T . 26.88 -27.99 -47.96
PA GDP T . 25.94 -27.05 -48.88
O1A GDP T . 24.52 -27.53 -48.75
O2A GDP T . 26.40 -26.99 -50.33
O5' GDP T . 26.17 -25.59 -48.21
C5' GDP T . 25.99 -25.38 -46.79
C4' GDP T . 26.05 -23.90 -46.43
O4' GDP T . 27.32 -23.33 -46.85
C3' GDP T . 24.96 -23.09 -47.14
O3' GDP T . 24.46 -22.07 -46.26
C2' GDP T . 25.65 -22.43 -48.33
O2' GDP T . 25.08 -21.17 -48.70
C1' GDP T . 27.09 -22.31 -47.84
N9 GDP T . 28.03 -22.43 -48.98
C8 GDP T . 28.07 -23.39 -49.92
N7 GDP T . 29.08 -23.15 -50.82
C5 GDP T . 29.69 -22.01 -50.45
C6 GDP T . 30.82 -21.18 -50.94
O6 GDP T . 31.46 -21.51 -51.96
N1 GDP T . 31.12 -20.07 -50.25
C2 GDP T . 30.46 -19.67 -49.13
N2 GDP T . 30.85 -18.53 -48.49
N3 GDP T . 29.41 -20.39 -48.62
C4 GDP T . 29.00 -21.54 -49.23
C1 MLA U . 22.56 -35.70 -42.40
O1A MLA U . 21.89 -35.54 -41.35
O1B MLA U . 22.87 -36.83 -42.84
C2 MLA U . 23.02 -34.46 -43.14
C3 MLA U . 24.53 -34.37 -43.05
O3A MLA U . 25.18 -34.45 -44.11
O3B MLA U . 25.05 -34.23 -41.92
MN MN V . 26.89 -35.38 -45.77
MN MN W . 23.40 -29.80 -48.15
#